data_7BP1
#
_entry.id   7BP1
#
_cell.length_a   77.020
_cell.length_b   131.374
_cell.length_c   141.007
_cell.angle_alpha   90.000
_cell.angle_beta   90.000
_cell.angle_gamma   90.000
#
_symmetry.space_group_name_H-M   'P 21 21 21'
#
loop_
_entity.id
_entity.type
_entity.pdbx_description
1 polymer '2,3-dihydroxybenzoate decarboxylase'
2 non-polymer CATECHOL
3 non-polymer 'ZINC ION'
4 water water
#
_entity_poly.entity_id   1
_entity_poly.type   'polypeptide(L)'
_entity_poly.pdbx_seq_one_letter_code
;HMLGKVALEEAFALPRHKERTRWWAGLFAIDPDKHAAEINDITEQRIKYMNEHGVGYTILSYTAPGVQDVWDPKEAQALA
VEVNDYIADAIKAHPDRLGAFATLSMHDPKEAAEELRRVVTKYGFKGALVNDTQRAGADGDDMIFYDGPEWDVFWSTVTD
LDVPFYLHPRNPTGSIHEKLWAKRSWLIGPPLSFAQGVSLHALGMVTNGVFDRHPKLQIVLGHLGEHIPFDMWRINHWFE
DIKKPLGLSCKLTIREYFARNLWITTSGHFSTSTLQFCLGEVGADRILFSIDYPFENFSDACTWYDGLAINDVDKRKIGK
DNAKKLFKLPQFYQSEDHHHHHH
;
_entity_poly.pdbx_strand_id   A,B,C,D
#
# COMPACT_ATOMS: atom_id res chain seq x y z
N MET A 2 11.12 -16.21 11.41
CA MET A 2 11.36 -15.56 12.69
C MET A 2 11.06 -16.50 13.86
N LEU A 3 11.97 -16.57 14.82
CA LEU A 3 11.78 -17.44 15.97
C LEU A 3 11.17 -16.67 17.14
N GLY A 4 10.59 -17.41 18.07
CA GLY A 4 10.04 -16.81 19.27
C GLY A 4 8.74 -16.05 19.07
N LYS A 5 8.01 -16.32 17.99
CA LYS A 5 6.74 -15.64 17.76
C LYS A 5 5.75 -15.98 18.86
N VAL A 6 4.84 -15.04 19.12
CA VAL A 6 3.78 -15.21 20.09
C VAL A 6 2.44 -15.18 19.34
N ALA A 7 1.60 -16.16 19.60
CA ALA A 7 0.26 -16.22 19.03
C ALA A 7 -0.77 -16.31 20.14
N LEU A 8 -1.95 -15.69 19.93
CA LEU A 8 -2.87 -15.57 21.04
C LEU A 8 -4.36 -15.64 20.69
N GLU A 9 -4.74 -16.20 19.55
CA GLU A 9 -6.13 -16.58 19.34
C GLU A 9 -6.18 -18.07 19.06
N GLU A 10 -5.75 -18.87 20.03
CA GLU A 10 -5.47 -20.29 19.84
C GLU A 10 -6.38 -21.10 20.75
N ALA A 11 -7.22 -21.94 20.15
CA ALA A 11 -8.36 -22.53 20.83
C ALA A 11 -8.07 -23.94 21.36
N PHE A 12 -8.81 -24.30 22.40
CA PHE A 12 -8.87 -25.66 22.91
C PHE A 12 -10.31 -25.97 23.28
N ALA A 13 -10.63 -27.25 23.36
CA ALA A 13 -11.95 -27.71 23.77
C ALA A 13 -11.82 -28.68 24.94
N LEU A 14 -12.94 -28.87 25.65
CA LEU A 14 -12.95 -29.88 26.70
C LEU A 14 -13.07 -31.27 26.07
N PRO A 15 -12.16 -32.19 26.39
CA PRO A 15 -12.23 -33.53 25.76
C PRO A 15 -13.58 -34.22 25.94
N ARG A 16 -14.30 -33.95 27.03
CA ARG A 16 -15.58 -34.62 27.27
C ARG A 16 -16.69 -34.15 26.33
N HIS A 17 -16.48 -33.08 25.59
CA HIS A 17 -17.50 -32.51 24.70
C HIS A 17 -17.41 -33.09 23.29
N LYS A 18 -17.36 -34.43 23.21
CA LYS A 18 -17.14 -35.09 21.93
C LYS A 18 -18.12 -34.61 20.85
N GLU A 19 -19.41 -34.52 21.19
CA GLU A 19 -20.41 -34.21 20.18
C GLU A 19 -20.34 -32.75 19.78
N ARG A 20 -20.27 -31.85 20.76
CA ARG A 20 -20.19 -30.43 20.46
C ARG A 20 -18.98 -30.11 19.59
N THR A 21 -17.82 -30.67 19.93
CA THR A 21 -16.62 -30.45 19.14
C THR A 21 -16.79 -30.95 17.71
N ARG A 22 -17.33 -32.16 17.55
CA ARG A 22 -17.56 -32.70 16.22
C ARG A 22 -18.55 -31.85 15.45
N TRP A 23 -19.56 -31.31 16.12
CA TRP A 23 -20.53 -30.46 15.45
C TRP A 23 -19.87 -29.20 14.90
N TRP A 24 -19.14 -28.48 15.76
CA TRP A 24 -18.43 -27.28 15.34
C TRP A 24 -17.39 -27.60 14.27
N ALA A 25 -16.65 -28.70 14.45
CA ALA A 25 -15.68 -29.10 13.43
C ALA A 25 -16.33 -29.37 12.09
N GLY A 26 -17.54 -29.95 12.09
CA GLY A 26 -18.22 -30.21 10.85
C GLY A 26 -18.62 -28.98 10.08
N LEU A 27 -18.72 -27.83 10.76
CA LEU A 27 -19.05 -26.59 10.09
C LEU A 27 -17.84 -25.87 9.54
N PHE A 28 -16.65 -26.04 10.14
CA PHE A 28 -15.51 -25.18 9.84
C PHE A 28 -14.22 -25.92 9.53
N ALA A 29 -14.26 -27.25 9.33
CA ALA A 29 -13.06 -28.01 9.03
C ALA A 29 -13.37 -29.09 8.03
N ILE A 30 -12.46 -29.32 7.08
CA ILE A 30 -12.70 -30.36 6.09
C ILE A 30 -12.30 -31.72 6.61
N ASP A 31 -11.48 -31.76 7.68
CA ASP A 31 -11.04 -33.01 8.31
C ASP A 31 -11.48 -32.94 9.77
N PRO A 32 -12.75 -33.25 10.06
CA PRO A 32 -13.25 -33.09 11.44
C PRO A 32 -12.50 -33.91 12.47
N ASP A 33 -12.10 -35.14 12.12
CA ASP A 33 -11.38 -35.98 13.09
C ASP A 33 -10.05 -35.33 13.46
N LYS A 34 -9.27 -34.91 12.46
CA LYS A 34 -8.02 -34.19 12.75
C LYS A 34 -8.29 -32.95 13.57
N HIS A 35 -9.32 -32.19 13.18
CA HIS A 35 -9.67 -30.99 13.95
C HIS A 35 -9.91 -31.33 15.42
N ALA A 36 -10.75 -32.32 15.68
CA ALA A 36 -11.08 -32.65 17.07
C ALA A 36 -9.84 -33.04 17.85
N ALA A 37 -8.98 -33.86 17.27
CA ALA A 37 -7.77 -34.27 17.96
C ALA A 37 -6.90 -33.07 18.29
N GLU A 38 -6.81 -32.11 17.37
CA GLU A 38 -5.90 -30.99 17.59
C GLU A 38 -6.50 -29.98 18.57
N ILE A 39 -7.81 -29.72 18.50
CA ILE A 39 -8.39 -28.78 19.46
C ILE A 39 -8.45 -29.36 20.87
N ASN A 40 -8.38 -30.69 21.02
CA ASN A 40 -8.35 -31.28 22.36
C ASN A 40 -6.93 -31.31 22.93
N ASP A 41 -5.93 -31.43 22.07
CA ASP A 41 -4.56 -31.56 22.53
C ASP A 41 -4.01 -30.22 23.03
N ILE A 42 -3.32 -30.27 24.15
CA ILE A 42 -2.71 -29.09 24.76
C ILE A 42 -1.19 -29.10 24.63
N THR A 43 -0.54 -30.25 24.87
CA THR A 43 0.90 -30.29 25.04
C THR A 43 1.66 -31.14 24.03
N GLU A 44 0.99 -31.89 23.16
CA GLU A 44 1.73 -32.78 22.28
C GLU A 44 1.88 -32.17 20.89
N GLN A 45 0.88 -32.42 20.02
CA GLN A 45 0.93 -31.90 18.66
C GLN A 45 1.05 -30.38 18.65
N ARG A 46 0.37 -29.71 19.58
CA ARG A 46 0.37 -28.26 19.62
C ARG A 46 1.79 -27.71 19.75
N ILE A 47 2.54 -28.22 20.74
CA ILE A 47 3.91 -27.77 20.94
C ILE A 47 4.81 -28.23 19.79
N LYS A 48 4.55 -29.42 19.26
CA LYS A 48 5.30 -29.87 18.09
C LYS A 48 5.15 -28.90 16.93
N TYR A 49 3.93 -28.44 16.67
CA TYR A 49 3.74 -27.41 15.64
C TYR A 49 4.51 -26.15 15.98
N MET A 50 4.43 -25.72 17.25
CA MET A 50 5.15 -24.55 17.69
C MET A 50 6.63 -24.69 17.42
N ASN A 51 7.19 -25.86 17.71
CA ASN A 51 8.63 -26.07 17.50
C ASN A 51 8.98 -26.06 16.02
N GLU A 52 8.09 -26.57 15.17
CA GLU A 52 8.40 -26.64 13.75
C GLU A 52 8.28 -25.30 13.06
N HIS A 53 7.54 -24.34 13.64
CA HIS A 53 7.18 -23.11 12.93
C HIS A 53 7.59 -21.86 13.68
N GLY A 54 8.59 -21.94 14.56
CA GLY A 54 9.14 -20.75 15.16
C GLY A 54 8.17 -20.00 16.03
N VAL A 55 7.26 -20.69 16.72
CA VAL A 55 6.35 -20.06 17.66
C VAL A 55 6.85 -20.37 19.05
N GLY A 56 7.26 -19.34 19.79
CA GLY A 56 7.81 -19.57 21.11
C GLY A 56 6.76 -19.72 22.18
N TYR A 57 5.63 -19.05 22.02
CA TYR A 57 4.64 -18.95 23.10
C TYR A 57 3.26 -18.76 22.49
N THR A 58 2.26 -19.45 23.03
CA THR A 58 0.88 -19.21 22.64
C THR A 58 0.01 -19.08 23.88
N ILE A 59 -0.92 -18.14 23.85
CA ILE A 59 -1.91 -17.97 24.89
C ILE A 59 -3.19 -18.68 24.44
N LEU A 60 -3.61 -19.68 25.21
CA LEU A 60 -4.74 -20.52 24.85
C LEU A 60 -6.04 -19.94 25.37
N SER A 61 -7.12 -20.24 24.65
CA SER A 61 -8.46 -19.75 24.98
C SER A 61 -9.49 -20.81 24.62
N TYR A 62 -10.65 -20.70 25.25
CA TYR A 62 -11.72 -21.68 25.07
C TYR A 62 -12.45 -21.46 23.75
N THR A 63 -12.74 -22.56 23.07
CA THR A 63 -13.37 -22.56 21.76
C THR A 63 -14.69 -21.79 21.75
N ALA A 64 -15.00 -21.20 20.59
CA ALA A 64 -16.32 -20.64 20.36
C ALA A 64 -17.30 -21.74 19.97
N PRO A 65 -18.61 -21.54 20.20
CA PRO A 65 -19.18 -20.41 20.92
C PRO A 65 -18.89 -20.45 22.42
N GLY A 66 -18.48 -21.63 22.92
CA GLY A 66 -18.05 -21.72 24.31
C GLY A 66 -19.13 -21.30 25.29
N VAL A 67 -18.71 -20.58 26.33
CA VAL A 67 -19.62 -20.24 27.42
C VAL A 67 -20.68 -19.24 26.99
N GLN A 68 -20.40 -18.42 25.98
CA GLN A 68 -21.39 -17.44 25.53
C GLN A 68 -22.59 -18.08 24.85
N ASP A 69 -22.52 -19.38 24.54
CA ASP A 69 -23.67 -20.10 24.00
C ASP A 69 -24.61 -20.60 25.09
N VAL A 70 -24.22 -20.54 26.35
CA VAL A 70 -24.97 -21.16 27.44
C VAL A 70 -25.83 -20.08 28.09
N TRP A 71 -27.14 -20.16 27.89
CA TRP A 71 -28.05 -19.12 28.40
C TRP A 71 -28.60 -19.42 29.79
N ASP A 72 -28.30 -20.59 30.36
CA ASP A 72 -28.61 -20.84 31.76
C ASP A 72 -27.48 -20.30 32.61
N PRO A 73 -27.71 -19.28 33.43
CA PRO A 73 -26.59 -18.67 34.19
C PRO A 73 -25.78 -19.65 35.02
N LYS A 74 -26.42 -20.56 35.75
CA LYS A 74 -25.64 -21.44 36.62
C LYS A 74 -24.85 -22.47 35.83
N GLU A 75 -25.41 -22.95 34.73
CA GLU A 75 -24.65 -23.84 33.85
C GLU A 75 -23.47 -23.09 33.24
N ALA A 76 -23.68 -21.84 32.82
CA ALA A 76 -22.61 -21.06 32.20
C ALA A 76 -21.47 -20.82 33.18
N GLN A 77 -21.79 -20.38 34.39
CA GLN A 77 -20.74 -20.15 35.39
C GLN A 77 -19.98 -21.43 35.69
N ALA A 78 -20.71 -22.54 35.85
CA ALA A 78 -20.06 -23.81 36.13
C ALA A 78 -19.10 -24.20 35.01
N LEU A 79 -19.53 -24.03 33.76
CA LEU A 79 -18.65 -24.37 32.65
C LEU A 79 -17.40 -23.50 32.65
N ALA A 80 -17.57 -22.19 32.88
CA ALA A 80 -16.42 -21.29 32.92
C ALA A 80 -15.41 -21.75 33.97
N VAL A 81 -15.88 -22.03 35.19
CA VAL A 81 -14.96 -22.46 36.24
C VAL A 81 -14.27 -23.76 35.84
N GLU A 82 -15.03 -24.71 35.29
CA GLU A 82 -14.44 -25.98 34.88
C GLU A 82 -13.35 -25.78 33.85
N VAL A 83 -13.61 -24.94 32.84
CA VAL A 83 -12.64 -24.73 31.77
C VAL A 83 -11.38 -24.09 32.33
N ASN A 84 -11.54 -23.06 33.17
CA ASN A 84 -10.39 -22.38 33.72
C ASN A 84 -9.54 -23.32 34.56
N ASP A 85 -10.16 -24.06 35.48
CA ASP A 85 -9.41 -25.03 36.28
C ASP A 85 -8.75 -26.06 35.38
N TYR A 86 -9.47 -26.52 34.34
CA TYR A 86 -8.92 -27.55 33.47
C TYR A 86 -7.68 -27.05 32.73
N ILE A 87 -7.77 -25.87 32.12
CA ILE A 87 -6.64 -25.40 31.30
C ILE A 87 -5.48 -25.01 32.18
N ALA A 88 -5.74 -24.38 33.33
CA ALA A 88 -4.66 -24.04 34.25
C ALA A 88 -3.82 -25.27 34.57
N ASP A 89 -4.48 -26.39 34.82
CA ASP A 89 -3.74 -27.60 35.15
C ASP A 89 -3.06 -28.18 33.91
N ALA A 90 -3.69 -28.06 32.75
CA ALA A 90 -3.16 -28.72 31.56
C ALA A 90 -1.89 -28.06 31.04
N ILE A 91 -1.71 -26.76 31.29
CA ILE A 91 -0.55 -26.04 30.77
C ILE A 91 0.57 -25.95 31.79
N LYS A 92 0.35 -26.47 33.00
CA LYS A 92 1.25 -26.20 34.12
C LYS A 92 2.67 -26.66 33.83
N ALA A 93 2.85 -27.67 32.98
CA ALA A 93 4.18 -28.21 32.74
C ALA A 93 4.99 -27.39 31.74
N HIS A 94 4.39 -26.41 31.08
CA HIS A 94 5.06 -25.66 30.01
C HIS A 94 4.89 -24.16 30.19
N PRO A 95 5.31 -23.62 31.34
CA PRO A 95 5.16 -22.18 31.56
C PRO A 95 5.97 -21.34 30.59
N ASP A 96 6.96 -21.91 29.93
CA ASP A 96 7.78 -21.20 28.95
C ASP A 96 7.22 -21.27 27.55
N ARG A 97 6.14 -22.04 27.33
CA ARG A 97 5.54 -22.20 26.02
C ARG A 97 4.07 -21.82 25.96
N LEU A 98 3.33 -21.95 27.07
CA LEU A 98 1.89 -21.83 27.06
C LEU A 98 1.40 -20.89 28.16
N GLY A 99 0.47 -20.02 27.79
CA GLY A 99 -0.34 -19.28 28.75
C GLY A 99 -1.80 -19.50 28.43
N ALA A 100 -2.66 -18.82 29.19
CA ALA A 100 -4.10 -18.96 28.99
C ALA A 100 -4.83 -17.65 29.25
N PHE A 101 -5.92 -17.46 28.51
CA PHE A 101 -6.89 -16.41 28.79
C PHE A 101 -8.02 -16.97 29.66
N ALA A 102 -8.63 -16.10 30.45
CA ALA A 102 -9.77 -16.52 31.25
C ALA A 102 -10.99 -16.79 30.37
N THR A 103 -11.70 -17.86 30.71
CA THR A 103 -13.02 -18.13 30.16
C THR A 103 -14.06 -17.68 31.18
N LEU A 104 -15.08 -16.96 30.72
CA LEU A 104 -16.03 -16.31 31.61
C LEU A 104 -17.47 -16.54 31.17
N SER A 105 -18.35 -16.69 32.15
CA SER A 105 -19.77 -16.45 31.92
C SER A 105 -20.02 -14.96 32.05
N MET A 106 -20.63 -14.36 31.04
CA MET A 106 -20.89 -12.92 31.04
C MET A 106 -22.36 -12.62 31.29
N HIS A 107 -23.01 -13.46 32.09
CA HIS A 107 -24.40 -13.18 32.47
C HIS A 107 -24.48 -12.04 33.49
N ASP A 108 -23.49 -11.93 34.38
CA ASP A 108 -23.54 -10.93 35.45
C ASP A 108 -22.20 -10.24 35.65
N PRO A 109 -22.14 -8.91 35.55
CA PRO A 109 -20.84 -8.22 35.67
C PRO A 109 -20.03 -8.58 36.91
N LYS A 110 -20.64 -8.56 38.10
CA LYS A 110 -19.86 -8.85 39.30
C LYS A 110 -19.34 -10.28 39.30
N GLU A 111 -20.18 -11.23 38.89
CA GLU A 111 -19.75 -12.62 38.83
C GLU A 111 -18.58 -12.79 37.87
N ALA A 112 -18.67 -12.17 36.68
CA ALA A 112 -17.56 -12.24 35.73
C ALA A 112 -16.30 -11.61 36.32
N ALA A 113 -16.44 -10.46 36.97
CA ALA A 113 -15.30 -9.81 37.60
C ALA A 113 -14.63 -10.74 38.61
N GLU A 114 -15.44 -11.45 39.40
CA GLU A 114 -14.88 -12.32 40.43
C GLU A 114 -14.11 -13.47 39.83
N GLU A 115 -14.67 -14.13 38.79
CA GLU A 115 -13.96 -15.25 38.18
C GLU A 115 -12.68 -14.78 37.51
N LEU A 116 -12.71 -13.63 36.85
CA LEU A 116 -11.50 -13.10 36.22
C LEU A 116 -10.42 -12.87 37.27
N ARG A 117 -10.77 -12.18 38.37
CA ARG A 117 -9.80 -11.95 39.43
C ARG A 117 -9.25 -13.26 39.98
N ARG A 118 -10.12 -14.25 40.18
CA ARG A 118 -9.67 -15.53 40.72
C ARG A 118 -8.59 -16.16 39.84
N VAL A 119 -8.83 -16.23 38.53
CA VAL A 119 -7.93 -16.99 37.68
C VAL A 119 -6.70 -16.18 37.27
N VAL A 120 -6.81 -14.87 37.25
CA VAL A 120 -5.60 -14.06 36.97
C VAL A 120 -4.66 -14.19 38.17
N THR A 121 -5.21 -14.05 39.36
CA THR A 121 -4.42 -14.06 40.61
C THR A 121 -3.87 -15.45 40.92
N LYS A 122 -4.71 -16.45 40.91
CA LYS A 122 -4.33 -17.83 41.27
C LYS A 122 -3.51 -18.50 40.18
N TYR A 123 -3.90 -18.37 38.91
CA TYR A 123 -3.24 -19.13 37.83
C TYR A 123 -2.33 -18.30 36.92
N GLY A 124 -2.34 -16.98 37.07
CA GLY A 124 -1.47 -16.17 36.20
C GLY A 124 -1.98 -16.11 34.78
N PHE A 125 -3.30 -16.15 34.60
CA PHE A 125 -3.93 -16.00 33.27
C PHE A 125 -3.56 -14.61 32.73
N LYS A 126 -3.45 -14.52 31.42
CA LYS A 126 -2.93 -13.32 30.77
C LYS A 126 -3.99 -12.30 30.41
N GLY A 127 -5.25 -12.59 30.66
CA GLY A 127 -6.34 -11.73 30.27
C GLY A 127 -7.60 -12.56 30.15
N ALA A 128 -8.58 -12.03 29.41
CA ALA A 128 -9.82 -12.74 29.17
C ALA A 128 -10.10 -12.80 27.68
N LEU A 129 -10.70 -13.92 27.25
CA LEU A 129 -11.21 -14.05 25.89
C LEU A 129 -12.66 -14.48 25.96
N VAL A 130 -13.54 -13.68 25.37
CA VAL A 130 -14.98 -13.86 25.42
C VAL A 130 -15.51 -13.89 24.00
N ASN A 131 -16.42 -14.81 23.71
CA ASN A 131 -16.94 -14.98 22.35
C ASN A 131 -18.19 -14.13 22.14
N ASP A 132 -17.96 -12.83 22.02
CA ASP A 132 -18.98 -11.82 21.65
C ASP A 132 -20.08 -11.82 22.72
N THR A 133 -21.35 -11.66 22.33
CA THR A 133 -22.42 -11.48 23.32
C THR A 133 -22.75 -12.78 24.05
N GLN A 134 -23.25 -12.64 25.27
CA GLN A 134 -23.66 -13.77 26.09
C GLN A 134 -25.12 -14.09 25.76
N ARG A 135 -25.38 -15.32 25.32
CA ARG A 135 -26.75 -15.75 25.11
C ARG A 135 -27.48 -15.77 26.44
N ALA A 136 -28.72 -15.29 26.44
CA ALA A 136 -29.52 -15.21 27.67
C ALA A 136 -31.01 -15.26 27.38
N GLY A 137 -31.80 -15.31 28.44
CA GLY A 137 -33.26 -15.36 28.32
C GLY A 137 -33.76 -16.78 28.30
N ALA A 138 -35.06 -16.93 28.45
CA ALA A 138 -35.74 -18.24 28.52
C ALA A 138 -35.22 -19.25 27.50
N ASP A 139 -35.11 -18.87 26.22
CA ASP A 139 -34.68 -19.83 25.18
C ASP A 139 -33.34 -19.41 24.56
N GLY A 140 -32.62 -18.52 25.22
CA GLY A 140 -31.33 -18.06 24.68
C GLY A 140 -31.48 -17.15 23.48
N ASP A 141 -32.61 -16.50 23.31
CA ASP A 141 -32.76 -15.59 22.14
C ASP A 141 -32.28 -14.18 22.46
N ASP A 142 -31.99 -13.88 23.71
CA ASP A 142 -31.46 -12.56 24.05
C ASP A 142 -29.95 -12.54 23.94
N MET A 143 -29.40 -11.33 23.88
CA MET A 143 -27.96 -11.11 23.79
C MET A 143 -27.56 -10.09 24.83
N ILE A 144 -26.51 -10.40 25.59
CA ILE A 144 -25.95 -9.45 26.55
C ILE A 144 -24.72 -8.81 25.91
N PHE A 145 -24.83 -7.51 25.64
CA PHE A 145 -23.68 -6.69 25.25
C PHE A 145 -23.02 -6.10 26.49
N TYR A 146 -21.73 -5.79 26.38
CA TYR A 146 -20.96 -5.35 27.53
C TYR A 146 -20.61 -3.86 27.48
N ASP A 147 -21.36 -3.06 26.72
CA ASP A 147 -21.01 -1.65 26.57
C ASP A 147 -21.85 -0.72 27.43
N GLY A 148 -22.78 -1.24 28.22
CA GLY A 148 -23.56 -0.39 29.11
C GLY A 148 -22.82 -0.12 30.41
N PRO A 149 -23.22 0.95 31.11
CA PRO A 149 -22.55 1.28 32.38
C PRO A 149 -22.62 0.19 33.42
N GLU A 150 -23.65 -0.67 33.38
CA GLU A 150 -23.76 -1.71 34.38
C GLU A 150 -22.57 -2.66 34.35
N TRP A 151 -21.75 -2.60 33.31
CA TRP A 151 -20.54 -3.43 33.21
C TRP A 151 -19.31 -2.74 33.77
N ASP A 152 -19.46 -1.53 34.32
CA ASP A 152 -18.32 -0.80 34.87
C ASP A 152 -17.58 -1.62 35.93
N VAL A 153 -18.32 -2.34 36.77
CA VAL A 153 -17.64 -3.10 37.82
C VAL A 153 -16.71 -4.14 37.20
N PHE A 154 -17.09 -4.69 36.05
CA PHE A 154 -16.23 -5.65 35.37
C PHE A 154 -15.03 -4.96 34.72
N TRP A 155 -15.27 -3.92 33.94
CA TRP A 155 -14.17 -3.26 33.25
C TRP A 155 -13.19 -2.64 34.23
N SER A 156 -13.67 -2.13 35.37
CA SER A 156 -12.76 -1.63 36.40
C SER A 156 -11.90 -2.74 36.97
N THR A 157 -12.44 -3.96 37.03
CA THR A 157 -11.62 -5.10 37.46
C THR A 157 -10.57 -5.44 36.40
N VAL A 158 -10.95 -5.40 35.12
CA VAL A 158 -9.98 -5.69 34.06
C VAL A 158 -8.80 -4.72 34.13
N THR A 159 -9.08 -3.41 34.29
CA THR A 159 -7.99 -2.45 34.30
C THR A 159 -7.23 -2.48 35.61
N ASP A 160 -7.91 -2.79 36.72
CA ASP A 160 -7.21 -3.00 37.98
C ASP A 160 -6.18 -4.12 37.86
N LEU A 161 -6.59 -5.26 37.29
CA LEU A 161 -5.64 -6.33 37.03
C LEU A 161 -4.66 -5.95 35.92
N ASP A 162 -5.02 -4.98 35.10
CA ASP A 162 -4.20 -4.52 33.97
C ASP A 162 -3.88 -5.65 33.00
N VAL A 163 -4.94 -6.34 32.54
CA VAL A 163 -4.81 -7.38 31.52
C VAL A 163 -5.78 -7.08 30.39
N PRO A 164 -5.47 -7.49 29.16
CA PRO A 164 -6.38 -7.24 28.03
C PRO A 164 -7.57 -8.19 28.00
N PHE A 165 -8.56 -7.78 27.20
CA PHE A 165 -9.79 -8.52 26.96
C PHE A 165 -9.90 -8.74 25.45
N TYR A 166 -9.92 -10.01 25.02
CA TYR A 166 -9.98 -10.37 23.62
C TYR A 166 -11.44 -10.62 23.23
N LEU A 167 -11.96 -9.80 22.32
CA LEU A 167 -13.36 -9.91 21.88
C LEU A 167 -13.41 -10.78 20.61
N HIS A 168 -13.69 -12.05 20.79
CA HIS A 168 -13.75 -13.12 19.80
C HIS A 168 -15.17 -13.22 19.24
N PRO A 169 -15.34 -13.65 17.99
CA PRO A 169 -16.70 -13.78 17.45
C PRO A 169 -17.39 -15.03 17.98
N ARG A 170 -18.69 -15.11 17.70
CA ARG A 170 -19.46 -16.33 17.86
C ARG A 170 -20.51 -16.38 16.75
N ASN A 171 -21.06 -17.58 16.53
CA ASN A 171 -22.04 -17.78 15.48
C ASN A 171 -23.36 -17.06 15.78
N PRO A 172 -24.10 -16.69 14.73
CA PRO A 172 -25.41 -16.08 14.95
C PRO A 172 -26.44 -17.15 15.32
N THR A 173 -27.35 -16.79 16.22
CA THR A 173 -28.30 -17.76 16.75
C THR A 173 -29.71 -17.17 16.78
N GLY A 174 -30.69 -18.06 16.97
CA GLY A 174 -32.05 -17.64 17.24
C GLY A 174 -32.67 -16.84 16.11
N SER A 175 -33.43 -15.80 16.49
CA SER A 175 -34.18 -15.03 15.52
C SER A 175 -33.28 -14.28 14.56
N ILE A 176 -32.12 -13.79 15.04
CA ILE A 176 -31.17 -13.13 14.15
C ILE A 176 -30.71 -14.10 13.07
N HIS A 177 -30.36 -15.32 13.47
CA HIS A 177 -29.97 -16.33 12.50
C HIS A 177 -31.05 -16.55 11.46
N GLU A 178 -32.30 -16.70 11.92
CA GLU A 178 -33.39 -17.01 11.01
C GLU A 178 -33.61 -15.89 9.98
N LYS A 179 -33.60 -14.65 10.44
CA LYS A 179 -33.97 -13.54 9.57
C LYS A 179 -32.87 -13.14 8.59
N LEU A 180 -31.60 -13.33 8.95
CA LEU A 180 -30.51 -12.80 8.16
C LEU A 180 -29.61 -13.86 7.54
N TRP A 181 -29.38 -14.98 8.22
CA TRP A 181 -28.31 -15.89 7.84
C TRP A 181 -28.78 -17.23 7.33
N ALA A 182 -29.97 -17.70 7.74
CA ALA A 182 -30.39 -19.05 7.38
C ALA A 182 -30.42 -19.26 5.87
N LYS A 183 -30.86 -18.25 5.12
CA LYS A 183 -30.97 -18.37 3.66
C LYS A 183 -29.68 -18.02 2.94
N ARG A 184 -28.63 -17.66 3.66
CA ARG A 184 -27.31 -17.46 3.07
C ARG A 184 -26.25 -17.96 4.05
N SER A 185 -26.40 -19.22 4.46
CA SER A 185 -25.69 -19.80 5.60
C SER A 185 -24.20 -20.02 5.33
N TRP A 186 -23.76 -20.07 4.08
CA TRP A 186 -22.32 -20.24 3.86
C TRP A 186 -21.52 -19.01 4.26
N LEU A 187 -22.18 -17.90 4.58
CA LEU A 187 -21.52 -16.70 5.08
C LEU A 187 -21.30 -16.73 6.59
N ILE A 188 -21.85 -17.73 7.27
CA ILE A 188 -21.70 -17.81 8.72
C ILE A 188 -20.26 -18.17 9.06
N GLY A 189 -19.69 -17.45 10.02
CA GLY A 189 -18.33 -17.70 10.43
C GLY A 189 -17.35 -16.72 9.79
N PRO A 190 -16.15 -17.19 9.49
CA PRO A 190 -15.08 -16.32 8.96
C PRO A 190 -15.53 -15.50 7.75
N PRO A 191 -16.34 -16.06 6.84
CA PRO A 191 -16.70 -15.28 5.64
C PRO A 191 -17.36 -13.93 5.93
N LEU A 192 -18.23 -13.83 6.93
CA LEU A 192 -18.90 -12.55 7.13
C LEU A 192 -19.48 -12.38 8.54
N SER A 193 -20.25 -13.36 9.00
CA SER A 193 -21.03 -13.16 10.22
C SER A 193 -20.14 -12.86 11.43
N PHE A 194 -19.01 -13.55 11.55
CA PHE A 194 -18.12 -13.35 12.69
C PHE A 194 -17.73 -11.88 12.83
N ALA A 195 -17.21 -11.29 11.76
CA ALA A 195 -16.71 -9.91 11.82
C ALA A 195 -17.84 -8.94 12.12
N GLN A 196 -19.02 -9.17 11.55
CA GLN A 196 -20.14 -8.26 11.78
C GLN A 196 -20.52 -8.22 13.26
N GLY A 197 -20.47 -9.36 13.93
CA GLY A 197 -20.77 -9.37 15.35
C GLY A 197 -19.75 -8.60 16.17
N VAL A 198 -18.47 -8.91 15.95
CA VAL A 198 -17.41 -8.29 16.75
C VAL A 198 -17.36 -6.79 16.50
N SER A 199 -17.44 -6.37 15.23
CA SER A 199 -17.34 -4.95 14.93
C SER A 199 -18.50 -4.17 15.55
N LEU A 200 -19.70 -4.72 15.49
CA LEU A 200 -20.84 -4.09 16.14
C LEU A 200 -20.58 -3.92 17.64
N HIS A 201 -20.10 -4.98 18.29
CA HIS A 201 -19.84 -4.93 19.73
C HIS A 201 -18.71 -3.97 20.05
N ALA A 202 -17.60 -4.07 19.31
CA ALA A 202 -16.45 -3.22 19.58
C ALA A 202 -16.79 -1.74 19.42
N LEU A 203 -17.45 -1.38 18.31
CA LEU A 203 -17.83 0.01 18.10
C LEU A 203 -18.94 0.45 19.04
N GLY A 204 -19.73 -0.49 19.55
CA GLY A 204 -20.64 -0.16 20.64
C GLY A 204 -19.87 0.25 21.88
N MET A 205 -18.80 -0.48 22.19
CA MET A 205 -17.92 -0.11 23.29
C MET A 205 -17.37 1.30 23.10
N VAL A 206 -17.01 1.65 21.86
CA VAL A 206 -16.51 2.99 21.59
C VAL A 206 -17.60 4.03 21.84
N THR A 207 -18.71 3.93 21.11
CA THR A 207 -19.70 4.99 21.11
C THR A 207 -20.51 5.04 22.40
N ASN A 208 -20.60 3.93 23.13
CA ASN A 208 -21.28 3.92 24.43
C ASN A 208 -20.34 4.19 25.60
N GLY A 209 -19.10 4.61 25.31
CA GLY A 209 -18.23 5.19 26.32
C GLY A 209 -17.45 4.26 27.22
N VAL A 210 -17.32 2.97 26.85
CA VAL A 210 -16.55 2.06 27.69
C VAL A 210 -15.11 2.54 27.83
N PHE A 211 -14.51 3.01 26.72
CA PHE A 211 -13.13 3.48 26.80
C PHE A 211 -12.99 4.86 27.41
N ASP A 212 -14.09 5.63 27.50
CA ASP A 212 -14.02 6.88 28.24
C ASP A 212 -14.08 6.62 29.75
N ARG A 213 -14.94 5.70 30.17
CA ARG A 213 -15.04 5.35 31.58
C ARG A 213 -13.85 4.52 32.03
N HIS A 214 -13.19 3.82 31.12
CA HIS A 214 -12.08 2.93 31.45
C HIS A 214 -10.93 3.18 30.49
N PRO A 215 -10.29 4.35 30.61
CA PRO A 215 -9.28 4.75 29.61
C PRO A 215 -8.09 3.81 29.52
N LYS A 216 -7.82 2.99 30.54
CA LYS A 216 -6.70 2.07 30.50
C LYS A 216 -7.04 0.73 29.85
N LEU A 217 -8.31 0.52 29.49
CA LEU A 217 -8.76 -0.78 28.99
C LEU A 217 -8.17 -1.09 27.63
N GLN A 218 -7.62 -2.30 27.49
CA GLN A 218 -7.05 -2.80 26.25
C GLN A 218 -7.95 -3.90 25.72
N ILE A 219 -8.55 -3.67 24.55
CA ILE A 219 -9.41 -4.65 23.87
C ILE A 219 -8.70 -5.13 22.62
N VAL A 220 -8.64 -6.44 22.44
CA VAL A 220 -7.96 -7.05 21.29
C VAL A 220 -9.01 -7.62 20.36
N LEU A 221 -8.85 -7.35 19.06
CA LEU A 221 -9.74 -7.86 18.03
C LEU A 221 -8.94 -8.73 17.07
N GLY A 222 -9.51 -9.87 16.69
CA GLY A 222 -8.85 -10.74 15.74
C GLY A 222 -9.09 -10.33 14.30
N HIS A 223 -8.49 -11.10 13.39
CA HIS A 223 -8.80 -11.01 11.97
C HIS A 223 -8.59 -9.61 11.42
N LEU A 224 -7.46 -9.00 11.83
CA LEU A 224 -7.05 -7.66 11.38
C LEU A 224 -8.11 -6.60 11.66
N GLY A 225 -8.93 -6.80 12.68
CA GLY A 225 -9.82 -5.76 13.14
C GLY A 225 -11.25 -5.86 12.68
N GLU A 226 -11.67 -7.00 12.14
CA GLU A 226 -13.08 -7.28 11.85
C GLU A 226 -13.71 -6.16 11.02
N HIS A 227 -13.09 -5.88 9.86
CA HIS A 227 -13.56 -4.88 8.90
C HIS A 227 -13.23 -3.43 9.25
N ILE A 228 -13.12 -3.12 10.53
CA ILE A 228 -13.12 -1.71 10.95
C ILE A 228 -12.04 -0.90 10.26
N PRO A 229 -10.78 -1.35 10.16
CA PRO A 229 -9.76 -0.51 9.54
C PRO A 229 -10.07 -0.11 8.10
N PHE A 230 -10.78 -0.95 7.35
CA PHE A 230 -11.18 -0.60 6.00
C PHE A 230 -11.98 0.70 5.97
N ASP A 231 -12.81 0.92 6.99
CA ASP A 231 -13.67 2.09 7.06
C ASP A 231 -13.15 3.15 8.02
N MET A 232 -11.88 3.06 8.43
CA MET A 232 -11.37 4.01 9.41
C MET A 232 -11.59 5.44 8.97
N TRP A 233 -11.28 5.74 7.70
CA TRP A 233 -11.50 7.09 7.21
C TRP A 233 -12.98 7.45 7.28
N ARG A 234 -13.83 6.52 6.85
CA ARG A 234 -15.27 6.76 6.77
C ARG A 234 -15.88 6.95 8.16
N ILE A 235 -15.57 6.04 9.09
CA ILE A 235 -16.08 6.16 10.45
C ILE A 235 -15.62 7.46 11.08
N ASN A 236 -14.34 7.79 10.94
CA ASN A 236 -13.83 9.02 11.53
C ASN A 236 -14.56 10.22 10.96
N HIS A 237 -14.70 10.27 9.64
CA HIS A 237 -15.41 11.37 8.99
C HIS A 237 -16.82 11.51 9.55
N TRP A 238 -17.56 10.40 9.61
CA TRP A 238 -18.95 10.50 10.03
C TRP A 238 -19.09 10.75 11.53
N PHE A 239 -18.18 10.22 12.35
CA PHE A 239 -18.21 10.53 13.78
C PHE A 239 -17.89 12.02 14.02
N GLU A 240 -16.80 12.50 13.43
CA GLU A 240 -16.29 13.84 13.77
C GLU A 240 -17.14 14.93 13.13
N ASP A 241 -17.56 14.74 11.89
CA ASP A 241 -18.20 15.81 11.13
C ASP A 241 -19.72 15.78 11.19
N ILE A 242 -20.32 14.66 11.60
CA ILE A 242 -21.77 14.54 11.55
C ILE A 242 -22.35 14.02 12.86
N LYS A 243 -21.97 12.82 13.29
CA LYS A 243 -22.62 12.21 14.44
C LYS A 243 -22.35 13.00 15.72
N LYS A 244 -21.11 13.42 15.93
CA LYS A 244 -20.80 14.17 17.14
C LYS A 244 -21.55 15.49 17.17
N PRO A 245 -21.59 16.29 16.10
CA PRO A 245 -22.46 17.47 16.10
C PRO A 245 -23.91 17.14 16.44
N LEU A 246 -24.35 15.93 16.13
CA LEU A 246 -25.74 15.53 16.37
C LEU A 246 -25.98 14.97 17.75
N GLY A 247 -24.93 14.67 18.52
CA GLY A 247 -25.11 14.22 19.88
C GLY A 247 -24.13 13.18 20.38
N LEU A 248 -23.47 12.46 19.47
CA LEU A 248 -22.48 11.48 19.90
C LEU A 248 -21.45 12.13 20.80
N SER A 249 -21.21 11.52 21.97
CA SER A 249 -20.44 12.17 23.01
C SER A 249 -19.20 11.39 23.46
N CYS A 250 -18.82 10.31 22.78
CA CYS A 250 -17.50 9.74 23.02
C CYS A 250 -16.43 10.84 22.97
N LYS A 251 -15.49 10.76 23.93
CA LYS A 251 -14.51 11.83 24.13
C LYS A 251 -13.49 11.92 23.00
N LEU A 252 -13.06 10.78 22.45
CA LEU A 252 -11.94 10.74 21.51
C LEU A 252 -12.41 10.43 20.10
N THR A 253 -11.49 10.55 19.14
CA THR A 253 -11.77 10.11 17.78
C THR A 253 -11.54 8.61 17.68
N ILE A 254 -12.09 8.02 16.61
CA ILE A 254 -11.90 6.58 16.42
C ILE A 254 -10.42 6.26 16.30
N ARG A 255 -9.64 7.15 15.70
CA ARG A 255 -8.21 6.89 15.56
C ARG A 255 -7.52 6.93 16.92
N GLU A 256 -7.98 7.81 17.82
CA GLU A 256 -7.39 7.86 19.14
C GLU A 256 -7.70 6.60 19.94
N TYR A 257 -8.92 6.06 19.81
CA TYR A 257 -9.23 4.81 20.48
C TYR A 257 -8.38 3.66 19.94
N PHE A 258 -8.11 3.67 18.63
CA PHE A 258 -7.26 2.63 18.06
C PHE A 258 -5.80 2.81 18.42
N ALA A 259 -5.39 4.00 18.89
CA ALA A 259 -4.04 4.19 19.36
C ALA A 259 -3.88 3.91 20.84
N ARG A 260 -4.96 4.00 21.62
CA ARG A 260 -4.88 3.92 23.07
C ARG A 260 -5.52 2.68 23.68
N ASN A 261 -6.57 2.13 23.06
CA ASN A 261 -7.35 1.09 23.71
C ASN A 261 -7.47 -0.20 22.91
N LEU A 262 -7.38 -0.12 21.58
CA LEU A 262 -7.67 -1.26 20.73
C LEU A 262 -6.40 -1.85 20.13
N TRP A 263 -6.44 -3.15 19.89
CA TRP A 263 -5.41 -3.91 19.21
C TRP A 263 -6.07 -4.76 18.14
N ILE A 264 -5.29 -5.10 17.10
CA ILE A 264 -5.74 -6.09 16.11
C ILE A 264 -4.67 -7.17 15.99
N THR A 265 -5.10 -8.38 15.65
CA THR A 265 -4.20 -9.50 15.41
C THR A 265 -4.36 -10.00 13.98
N THR A 266 -3.40 -10.79 13.52
CA THR A 266 -3.43 -11.35 12.18
C THR A 266 -4.15 -12.69 12.11
N SER A 267 -4.89 -13.07 13.16
CA SER A 267 -5.56 -14.36 13.18
C SER A 267 -6.41 -14.56 11.92
N GLY A 268 -6.22 -15.71 11.28
CA GLY A 268 -7.03 -16.09 10.13
C GLY A 268 -7.09 -15.06 9.01
N HIS A 269 -6.05 -14.23 8.91
CA HIS A 269 -6.05 -13.18 7.90
C HIS A 269 -4.61 -13.00 7.43
N PHE A 270 -4.12 -14.00 6.73
CA PHE A 270 -2.71 -14.04 6.32
C PHE A 270 -2.53 -13.33 4.97
N SER A 271 -2.91 -12.06 4.98
CA SER A 271 -2.97 -11.22 3.79
C SER A 271 -1.89 -10.16 3.87
N THR A 272 -0.87 -10.30 3.03
CA THR A 272 0.16 -9.27 2.93
C THR A 272 -0.45 -7.94 2.53
N SER A 273 -1.37 -7.98 1.57
CA SER A 273 -2.13 -6.80 1.14
C SER A 273 -2.81 -6.10 2.33
N THR A 274 -3.62 -6.83 3.09
CA THR A 274 -4.39 -6.20 4.14
C THR A 274 -3.50 -5.74 5.29
N LEU A 275 -2.45 -6.50 5.60
CA LEU A 275 -1.51 -6.10 6.65
C LEU A 275 -0.84 -4.78 6.30
N GLN A 276 -0.33 -4.67 5.07
CA GLN A 276 0.30 -3.43 4.64
C GLN A 276 -0.67 -2.26 4.77
N PHE A 277 -1.92 -2.47 4.38
CA PHE A 277 -2.95 -1.44 4.57
C PHE A 277 -3.11 -1.06 6.04
N CYS A 278 -3.13 -2.05 6.95
CA CYS A 278 -3.31 -1.72 8.37
C CYS A 278 -2.07 -1.11 9.00
N LEU A 279 -0.90 -1.26 8.37
CA LEU A 279 0.26 -0.52 8.84
C LEU A 279 -0.01 0.98 8.79
N GLY A 280 -0.82 1.42 7.82
CA GLY A 280 -1.20 2.81 7.73
C GLY A 280 -2.37 3.16 8.62
N GLU A 281 -3.46 2.38 8.55
CA GLU A 281 -4.67 2.77 9.26
C GLU A 281 -4.59 2.51 10.76
N VAL A 282 -3.80 1.52 11.18
CA VAL A 282 -3.73 1.11 12.58
C VAL A 282 -2.33 1.29 13.15
N GLY A 283 -1.31 0.87 12.41
CA GLY A 283 0.05 1.05 12.88
C GLY A 283 0.65 -0.19 13.51
N ALA A 284 1.92 -0.45 13.23
CA ALA A 284 2.57 -1.68 13.68
C ALA A 284 2.64 -1.79 15.21
N ASP A 285 2.58 -0.67 15.92
CA ASP A 285 2.64 -0.73 17.38
C ASP A 285 1.41 -1.41 17.98
N ARG A 286 0.32 -1.52 17.23
CA ARG A 286 -0.96 -2.01 17.74
C ARG A 286 -1.42 -3.26 17.00
N ILE A 287 -0.51 -3.98 16.35
CA ILE A 287 -0.82 -5.18 15.60
C ILE A 287 -0.06 -6.35 16.22
N LEU A 288 -0.75 -7.47 16.39
CA LEU A 288 -0.17 -8.66 16.99
C LEU A 288 -0.32 -9.85 16.04
N PHE A 289 0.74 -10.64 15.94
CA PHE A 289 0.63 -11.90 15.24
C PHE A 289 -0.30 -12.84 15.99
N SER A 290 -1.05 -13.64 15.24
CA SER A 290 -1.86 -14.73 15.80
C SER A 290 -2.26 -15.64 14.65
N ILE A 291 -2.78 -16.81 14.99
CA ILE A 291 -2.98 -17.89 14.04
C ILE A 291 -4.47 -18.23 13.87
N ASP A 292 -5.19 -18.42 14.99
CA ASP A 292 -6.53 -18.99 14.99
C ASP A 292 -6.47 -20.51 14.83
N TYR A 293 -5.49 -21.13 15.47
CA TYR A 293 -5.37 -22.57 15.48
C TYR A 293 -6.46 -23.19 16.36
N PRO A 294 -6.99 -24.38 15.99
CA PRO A 294 -6.70 -25.18 14.80
C PRO A 294 -7.60 -24.91 13.59
N PHE A 295 -8.47 -23.91 13.68
CA PHE A 295 -9.28 -23.56 12.52
C PHE A 295 -8.41 -23.18 11.33
N GLU A 296 -7.30 -22.50 11.59
CA GLU A 296 -6.19 -22.35 10.67
C GLU A 296 -5.03 -23.22 11.14
N ASN A 297 -4.16 -23.59 10.22
CA ASN A 297 -3.00 -24.39 10.59
C ASN A 297 -1.74 -23.53 10.72
N PHE A 298 -0.80 -24.03 11.52
CA PHE A 298 0.45 -23.31 11.76
C PHE A 298 1.17 -22.99 10.46
N SER A 299 1.22 -23.95 9.53
CA SER A 299 2.04 -23.76 8.33
C SER A 299 1.56 -22.57 7.52
N ASP A 300 0.24 -22.45 7.30
CA ASP A 300 -0.29 -21.30 6.58
C ASP A 300 0.11 -20.00 7.26
N ALA A 301 -0.15 -19.90 8.56
CA ALA A 301 0.10 -18.65 9.28
C ALA A 301 1.58 -18.32 9.34
N CYS A 302 2.42 -19.31 9.63
CA CYS A 302 3.82 -19.01 9.93
C CYS A 302 4.70 -18.94 8.70
N THR A 303 4.44 -19.77 7.68
CA THR A 303 5.12 -19.58 6.41
C THR A 303 4.82 -18.19 5.86
N TRP A 304 3.57 -17.75 5.99
CA TRP A 304 3.24 -16.39 5.56
C TRP A 304 3.99 -15.36 6.38
N TYR A 305 3.89 -15.44 7.71
CA TYR A 305 4.52 -14.40 8.52
C TYR A 305 6.03 -14.41 8.35
N ASP A 306 6.63 -15.60 8.43
CA ASP A 306 8.09 -15.66 8.31
C ASP A 306 8.57 -15.10 6.97
N GLY A 307 7.77 -15.25 5.92
CA GLY A 307 8.13 -14.74 4.62
C GLY A 307 7.83 -13.28 4.35
N LEU A 308 7.21 -12.57 5.29
CA LEU A 308 6.85 -11.18 5.06
C LEU A 308 8.11 -10.35 4.78
N ALA A 309 8.09 -9.63 3.67
CA ALA A 309 9.19 -8.76 3.28
C ALA A 309 8.89 -7.34 3.74
N ILE A 310 9.01 -7.15 5.03
CA ILE A 310 8.74 -5.84 5.67
C ILE A 310 9.91 -5.47 6.58
N ASN A 311 9.92 -4.23 7.04
CA ASN A 311 10.97 -3.69 7.92
C ASN A 311 11.12 -4.58 9.16
N ASP A 312 12.35 -4.75 9.59
CA ASP A 312 12.76 -5.62 10.71
C ASP A 312 12.16 -5.15 12.04
N VAL A 313 11.94 -3.86 12.21
CA VAL A 313 11.41 -3.33 13.49
C VAL A 313 9.95 -3.77 13.65
N ASP A 314 9.14 -3.53 12.64
CA ASP A 314 7.70 -3.90 12.68
C ASP A 314 7.57 -5.42 12.71
N LYS A 315 8.42 -6.12 11.97
CA LYS A 315 8.33 -7.59 11.95
C LYS A 315 8.54 -8.15 13.36
N ARG A 316 9.52 -7.61 14.08
CA ARG A 316 9.79 -8.06 15.44
C ARG A 316 8.68 -7.61 16.39
N LYS A 317 8.22 -6.37 16.25
CA LYS A 317 7.14 -5.89 17.11
C LYS A 317 5.88 -6.74 16.94
N ILE A 318 5.41 -6.90 15.71
CA ILE A 318 4.18 -7.66 15.48
C ILE A 318 4.39 -9.13 15.82
N GLY A 319 5.56 -9.67 15.51
CA GLY A 319 5.79 -11.09 15.73
C GLY A 319 5.85 -11.49 17.19
N LYS A 320 6.39 -10.63 18.05
CA LYS A 320 6.53 -11.02 19.46
C LYS A 320 6.66 -9.88 20.45
N ASP A 321 7.32 -8.78 20.08
CA ASP A 321 7.66 -7.77 21.07
C ASP A 321 6.43 -7.00 21.56
N ASN A 322 5.46 -6.74 20.68
CA ASN A 322 4.23 -6.10 21.14
C ASN A 322 3.57 -6.94 22.22
N ALA A 323 3.43 -8.25 21.96
CA ALA A 323 2.78 -9.13 22.91
C ALA A 323 3.59 -9.25 24.21
N LYS A 324 4.91 -9.27 24.09
CA LYS A 324 5.76 -9.41 25.29
C LYS A 324 5.47 -8.29 26.28
N LYS A 325 5.27 -7.08 25.78
CA LYS A 325 4.96 -5.92 26.63
C LYS A 325 3.48 -5.93 27.04
N LEU A 326 2.58 -6.13 26.10
CA LEU A 326 1.12 -6.07 26.42
C LEU A 326 0.75 -7.13 27.45
N PHE A 327 1.28 -8.33 27.30
CA PHE A 327 0.92 -9.44 28.21
C PHE A 327 1.97 -9.60 29.32
N LYS A 328 2.89 -8.65 29.43
CA LYS A 328 4.00 -8.68 30.44
C LYS A 328 4.58 -10.08 30.51
N LEU A 329 4.85 -10.65 29.36
CA LEU A 329 5.34 -12.02 29.40
C LEU A 329 6.76 -12.01 29.95
N PRO A 330 7.16 -13.07 30.65
CA PRO A 330 8.54 -13.17 31.07
C PRO A 330 9.32 -13.86 29.94
N GLN A 331 10.58 -14.17 30.20
CA GLN A 331 11.37 -14.89 29.19
C GLN A 331 10.68 -16.22 28.87
N PHE A 332 10.37 -16.42 27.61
CA PHE A 332 9.77 -17.69 27.15
C PHE A 332 10.73 -18.28 26.10
N TYR A 333 10.40 -19.46 25.61
CA TYR A 333 11.25 -20.17 24.63
C TYR A 333 11.59 -19.28 23.43
N GLN A 334 12.87 -18.99 23.26
CA GLN A 334 13.44 -18.20 22.15
C GLN A 334 12.88 -16.77 22.08
N SER A 335 12.49 -16.18 23.20
CA SER A 335 11.96 -14.83 23.21
C SER A 335 13.03 -13.76 22.96
N GLU A 336 14.30 -14.10 23.14
CA GLU A 336 15.37 -13.12 23.04
C GLU A 336 16.14 -13.29 21.73
N ASP A 337 16.70 -12.20 21.24
CA ASP A 337 17.57 -12.24 20.08
C ASP A 337 18.24 -10.89 19.83
N MET B 2 -0.77 -19.26 -12.44
CA MET B 2 -1.40 -18.86 -13.71
C MET B 2 -0.57 -19.44 -14.86
N LEU B 3 -1.25 -20.05 -15.85
CA LEU B 3 -0.57 -20.65 -16.98
C LEU B 3 -0.43 -19.64 -18.11
N GLY B 4 0.50 -19.94 -19.03
CA GLY B 4 0.65 -19.12 -20.22
C GLY B 4 1.28 -17.76 -19.98
N LYS B 5 2.04 -17.61 -18.89
CA LYS B 5 2.71 -16.34 -18.62
C LYS B 5 3.71 -16.02 -19.73
N VAL B 6 3.95 -14.72 -19.94
CA VAL B 6 4.92 -14.23 -20.90
C VAL B 6 6.01 -13.50 -20.13
N ALA B 7 7.26 -13.85 -20.41
CA ALA B 7 8.43 -13.20 -19.81
C ALA B 7 9.35 -12.69 -20.91
N LEU B 8 10.01 -11.54 -20.66
CA LEU B 8 10.74 -10.92 -21.76
C LEU B 8 12.02 -10.20 -21.34
N GLU B 9 12.62 -10.55 -20.20
CA GLU B 9 13.98 -10.12 -19.93
C GLU B 9 14.80 -11.38 -19.70
N GLU B 10 14.88 -12.23 -20.71
CA GLU B 10 15.40 -13.59 -20.59
C GLU B 10 16.60 -13.72 -21.51
N ALA B 11 17.78 -13.99 -20.92
CA ALA B 11 19.05 -13.80 -21.60
C ALA B 11 19.61 -15.10 -22.19
N PHE B 12 20.42 -14.95 -23.23
CA PHE B 12 21.22 -16.04 -23.79
C PHE B 12 22.59 -15.52 -24.16
N ALA B 13 23.55 -16.44 -24.27
CA ALA B 13 24.91 -16.13 -24.70
C ALA B 13 25.29 -17.01 -25.89
N LEU B 14 26.33 -16.59 -26.62
CA LEU B 14 26.85 -17.38 -27.74
C LEU B 14 27.66 -18.57 -27.23
N PRO B 15 27.37 -19.79 -27.71
CA PRO B 15 28.13 -20.97 -27.26
C PRO B 15 29.64 -20.86 -27.43
N ARG B 16 30.13 -20.10 -28.41
CA ARG B 16 31.57 -20.00 -28.61
C ARG B 16 32.26 -19.18 -27.53
N HIS B 17 31.50 -18.44 -26.72
CA HIS B 17 32.01 -17.67 -25.59
C HIS B 17 31.90 -18.43 -24.28
N LYS B 18 31.70 -19.74 -24.39
CA LYS B 18 31.33 -20.58 -23.26
C LYS B 18 32.31 -20.43 -22.09
N GLU B 19 33.61 -20.42 -22.40
CA GLU B 19 34.62 -20.35 -21.34
C GLU B 19 34.61 -18.97 -20.69
N ARG B 20 34.55 -17.93 -21.51
CA ARG B 20 34.45 -16.57 -20.97
C ARG B 20 33.21 -16.43 -20.11
N THR B 21 32.08 -16.96 -20.60
CA THR B 21 30.83 -16.91 -19.86
C THR B 21 30.93 -17.61 -18.52
N ARG B 22 31.53 -18.79 -18.50
CA ARG B 22 31.69 -19.53 -17.26
C ARG B 22 32.60 -18.78 -16.29
N TRP B 23 33.64 -18.12 -16.79
CA TRP B 23 34.53 -17.39 -15.89
C TRP B 23 33.80 -16.25 -15.20
N TRP B 24 33.11 -15.42 -15.98
CA TRP B 24 32.38 -14.29 -15.41
C TRP B 24 31.29 -14.77 -14.46
N ALA B 25 30.58 -15.85 -14.82
CA ALA B 25 29.53 -16.36 -13.95
C ALA B 25 30.07 -16.68 -12.57
N GLY B 26 31.31 -17.17 -12.47
CA GLY B 26 31.89 -17.45 -11.17
C GLY B 26 32.10 -16.21 -10.32
N LEU B 27 32.15 -15.03 -10.95
CA LEU B 27 32.32 -13.79 -10.22
C LEU B 27 30.99 -13.20 -9.75
N PHE B 28 29.88 -13.49 -10.42
CA PHE B 28 28.62 -12.81 -10.11
C PHE B 28 27.43 -13.75 -9.93
N ALA B 29 27.66 -15.07 -9.87
CA ALA B 29 26.60 -16.07 -9.72
C ALA B 29 27.12 -17.18 -8.81
N ILE B 30 26.23 -17.74 -7.98
CA ILE B 30 26.69 -18.70 -6.98
C ILE B 30 26.84 -20.13 -7.49
N ASP B 31 26.21 -20.50 -8.61
CA ASP B 31 26.41 -21.82 -9.22
C ASP B 31 26.85 -21.55 -10.65
N PRO B 32 28.13 -21.20 -10.85
CA PRO B 32 28.57 -20.74 -12.17
C PRO B 32 28.38 -21.77 -13.27
N ASP B 33 28.62 -23.05 -12.98
CA ASP B 33 28.47 -24.08 -14.00
C ASP B 33 27.02 -24.13 -14.49
N LYS B 34 26.07 -24.18 -13.55
CA LYS B 34 24.66 -24.17 -13.91
C LYS B 34 24.29 -22.89 -14.66
N HIS B 35 24.75 -21.74 -14.17
CA HIS B 35 24.47 -20.48 -14.85
C HIS B 35 24.92 -20.53 -16.30
N ALA B 36 26.17 -20.93 -16.52
CA ALA B 36 26.71 -20.96 -17.89
C ALA B 36 25.92 -21.91 -18.77
N ALA B 37 25.63 -23.12 -18.26
CA ALA B 37 24.87 -24.07 -19.05
C ALA B 37 23.51 -23.52 -19.42
N GLU B 38 22.87 -22.80 -18.49
CA GLU B 38 21.51 -22.32 -18.74
C GLU B 38 21.49 -21.10 -19.64
N ILE B 39 22.46 -20.19 -19.51
CA ILE B 39 22.46 -19.03 -20.39
C ILE B 39 22.82 -19.42 -21.81
N ASN B 40 23.50 -20.55 -22.01
CA ASN B 40 23.83 -21.04 -23.33
C ASN B 40 22.70 -21.86 -23.96
N ASP B 41 21.90 -22.52 -23.15
CA ASP B 41 20.84 -23.38 -23.64
C ASP B 41 19.65 -22.57 -24.14
N ILE B 42 19.11 -22.97 -25.29
CA ILE B 42 17.96 -22.30 -25.88
C ILE B 42 16.70 -23.14 -25.78
N THR B 43 16.78 -24.45 -26.09
CA THR B 43 15.57 -25.23 -26.29
C THR B 43 15.36 -26.38 -25.32
N GLU B 44 16.33 -26.69 -24.46
CA GLU B 44 16.15 -27.85 -23.59
C GLU B 44 15.72 -27.42 -22.19
N GLN B 45 16.69 -27.14 -21.31
CA GLN B 45 16.36 -26.76 -19.95
C GLN B 45 15.45 -25.53 -19.92
N ARG B 46 15.67 -24.57 -20.82
CA ARG B 46 14.85 -23.37 -20.83
C ARG B 46 13.37 -23.71 -21.03
N ILE B 47 13.07 -24.55 -22.02
CA ILE B 47 11.69 -24.95 -22.27
C ILE B 47 11.18 -25.82 -21.12
N LYS B 48 12.03 -26.68 -20.55
CA LYS B 48 11.64 -27.44 -19.36
C LYS B 48 11.20 -26.54 -18.23
N TYR B 49 12.00 -25.51 -17.93
CA TYR B 49 11.61 -24.59 -16.88
C TYR B 49 10.27 -23.95 -17.20
N MET B 50 10.08 -23.51 -18.44
CA MET B 50 8.83 -22.88 -18.83
C MET B 50 7.64 -23.81 -18.59
N ASN B 51 7.77 -25.08 -18.95
CA ASN B 51 6.65 -26.00 -18.78
C ASN B 51 6.34 -26.25 -17.32
N GLU B 52 7.38 -26.30 -16.48
CA GLU B 52 7.17 -26.60 -15.07
C GLU B 52 6.61 -25.42 -14.29
N HIS B 53 6.70 -24.21 -14.82
CA HIS B 53 6.36 -23.02 -14.05
C HIS B 53 5.32 -22.15 -14.74
N GLY B 54 4.54 -22.73 -15.65
CA GLY B 54 3.43 -22.01 -16.24
C GLY B 54 3.81 -20.82 -17.09
N VAL B 55 4.93 -20.89 -17.80
CA VAL B 55 5.36 -19.85 -18.72
C VAL B 55 5.13 -20.34 -20.14
N GLY B 56 4.24 -19.68 -20.88
CA GLY B 56 3.93 -20.10 -22.23
C GLY B 56 4.89 -19.56 -23.27
N TYR B 57 5.47 -18.39 -23.04
CA TYR B 57 6.24 -17.69 -24.06
C TYR B 57 7.30 -16.82 -23.39
N THR B 58 8.51 -16.85 -23.94
CA THR B 58 9.56 -15.92 -23.52
C THR B 58 10.23 -15.33 -24.75
N ILE B 59 10.52 -14.04 -24.68
CA ILE B 59 11.26 -13.32 -25.71
C ILE B 59 12.70 -13.24 -25.26
N LEU B 60 13.62 -13.79 -26.06
CA LEU B 60 15.02 -13.89 -25.68
C LEU B 60 15.81 -12.67 -26.12
N SER B 61 16.88 -12.38 -25.38
CA SER B 61 17.74 -11.24 -25.64
C SER B 61 19.18 -11.61 -25.33
N TYR B 62 20.11 -10.89 -25.95
CA TYR B 62 21.53 -11.17 -25.77
C TYR B 62 21.99 -10.64 -24.42
N THR B 63 22.71 -11.47 -23.67
CA THR B 63 23.12 -11.09 -22.31
C THR B 63 23.96 -9.82 -22.32
N ALA B 64 23.84 -9.06 -21.25
CA ALA B 64 24.66 -7.87 -21.06
C ALA B 64 26.06 -8.25 -20.59
N PRO B 65 27.05 -7.39 -20.84
CA PRO B 65 26.92 -6.13 -21.60
C PRO B 65 26.67 -6.32 -23.11
N GLY B 66 26.91 -7.52 -23.64
CA GLY B 66 26.62 -7.79 -25.03
C GLY B 66 27.35 -6.84 -25.97
N VAL B 67 26.64 -6.41 -27.03
CA VAL B 67 27.28 -5.61 -28.07
C VAL B 67 27.64 -4.22 -27.58
N GLN B 68 26.97 -3.73 -26.53
CA GLN B 68 27.30 -2.41 -26.02
C GLN B 68 28.66 -2.37 -25.34
N ASP B 69 29.28 -3.53 -25.10
CA ASP B 69 30.63 -3.58 -24.56
C ASP B 69 31.71 -3.44 -25.64
N VAL B 70 31.35 -3.51 -26.91
CA VAL B 70 32.31 -3.56 -28.00
C VAL B 70 32.46 -2.16 -28.58
N TRP B 71 33.62 -1.52 -28.36
CA TRP B 71 33.77 -0.13 -28.79
C TRP B 71 34.35 0.02 -30.20
N ASP B 72 34.73 -1.07 -30.86
CA ASP B 72 35.10 -1.01 -32.27
C ASP B 72 33.84 -1.15 -33.13
N PRO B 73 33.47 -0.13 -33.93
CA PRO B 73 32.21 -0.22 -34.69
C PRO B 73 32.09 -1.45 -35.57
N LYS B 74 33.13 -1.83 -36.31
CA LYS B 74 32.98 -2.94 -37.24
C LYS B 74 32.83 -4.26 -36.48
N GLU B 75 33.60 -4.43 -35.41
CA GLU B 75 33.44 -5.62 -34.59
C GLU B 75 32.06 -5.66 -33.94
N ALA B 76 31.58 -4.52 -33.43
CA ALA B 76 30.28 -4.46 -32.78
C ALA B 76 29.16 -4.83 -33.75
N GLN B 77 29.17 -4.24 -34.94
CA GLN B 77 28.15 -4.56 -35.93
C GLN B 77 28.20 -6.03 -36.32
N ALA B 78 29.40 -6.57 -36.54
CA ALA B 78 29.51 -7.98 -36.90
C ALA B 78 28.95 -8.87 -35.80
N LEU B 79 29.24 -8.55 -34.54
CA LEU B 79 28.71 -9.36 -33.45
C LEU B 79 27.19 -9.30 -33.41
N ALA B 80 26.62 -8.10 -33.58
CA ALA B 80 25.17 -7.96 -33.61
C ALA B 80 24.57 -8.81 -34.72
N VAL B 81 25.14 -8.72 -35.93
CA VAL B 81 24.65 -9.53 -37.04
C VAL B 81 24.76 -11.01 -36.69
N GLU B 82 25.90 -11.42 -36.15
CA GLU B 82 26.10 -12.82 -35.79
C GLU B 82 25.07 -13.29 -34.77
N VAL B 83 24.84 -12.47 -33.72
CA VAL B 83 23.92 -12.86 -32.66
C VAL B 83 22.50 -13.00 -33.20
N ASN B 84 22.06 -12.03 -34.00
CA ASN B 84 20.70 -12.06 -34.53
C ASN B 84 20.48 -13.30 -35.39
N ASP B 85 21.39 -13.54 -36.35
CA ASP B 85 21.25 -14.73 -37.18
C ASP B 85 21.30 -15.99 -36.33
N TYR B 86 22.15 -16.00 -35.30
CA TYR B 86 22.28 -17.19 -34.46
C TYR B 86 20.97 -17.50 -33.73
N ILE B 87 20.39 -16.49 -33.08
CA ILE B 87 19.22 -16.76 -32.23
C ILE B 87 18.00 -17.07 -33.09
N ALA B 88 17.83 -16.37 -34.22
CA ALA B 88 16.73 -16.68 -35.12
C ALA B 88 16.73 -18.15 -35.50
N ASP B 89 17.91 -18.69 -35.80
CA ASP B 89 18.00 -20.10 -36.19
C ASP B 89 17.80 -21.02 -35.00
N ALA B 90 18.22 -20.60 -33.81
CA ALA B 90 18.15 -21.48 -32.65
C ALA B 90 16.72 -21.69 -32.17
N ILE B 91 15.83 -20.71 -32.39
CA ILE B 91 14.47 -20.79 -31.87
C ILE B 91 13.45 -21.24 -32.93
N LYS B 92 13.87 -21.43 -34.18
CA LYS B 92 12.92 -21.56 -35.27
C LYS B 92 11.95 -22.72 -35.09
N ALA B 93 12.35 -23.74 -34.34
CA ALA B 93 11.52 -24.92 -34.14
C ALA B 93 10.44 -24.74 -33.08
N HIS B 94 10.41 -23.60 -32.38
CA HIS B 94 9.48 -23.37 -31.28
C HIS B 94 8.78 -22.02 -31.42
N PRO B 95 8.09 -21.78 -32.54
CA PRO B 95 7.45 -20.47 -32.73
C PRO B 95 6.34 -20.17 -31.73
N ASP B 96 5.80 -21.18 -31.04
CA ASP B 96 4.78 -20.97 -30.02
C ASP B 96 5.34 -20.77 -28.63
N ARG B 97 6.65 -20.91 -28.43
CA ARG B 97 7.26 -20.78 -27.11
C ARG B 97 8.34 -19.73 -27.02
N LEU B 98 9.04 -19.43 -28.12
CA LEU B 98 10.20 -18.56 -28.06
C LEU B 98 10.12 -17.49 -29.13
N GLY B 99 10.38 -16.24 -28.72
CA GLY B 99 10.66 -15.16 -29.64
C GLY B 99 11.98 -14.53 -29.24
N ALA B 100 12.35 -13.48 -29.98
CA ALA B 100 13.61 -12.81 -29.70
C ALA B 100 13.51 -11.32 -29.94
N PHE B 101 14.31 -10.56 -29.19
CA PHE B 101 14.56 -9.15 -29.45
C PHE B 101 15.79 -9.00 -30.33
N ALA B 102 15.84 -7.92 -31.09
CA ALA B 102 17.01 -7.62 -31.88
C ALA B 102 18.17 -7.23 -30.99
N THR B 103 19.36 -7.70 -31.34
CA THR B 103 20.62 -7.20 -30.77
C THR B 103 21.23 -6.23 -31.76
N LEU B 104 21.66 -5.07 -31.26
CA LEU B 104 22.11 -3.99 -32.13
C LEU B 104 23.45 -3.42 -31.65
N SER B 105 24.30 -3.05 -32.61
CA SER B 105 25.36 -2.12 -32.33
C SER B 105 24.80 -0.71 -32.45
N MET B 106 24.99 0.09 -31.41
CA MET B 106 24.44 1.44 -31.37
C MET B 106 25.50 2.52 -31.59
N HIS B 107 26.51 2.21 -32.40
CA HIS B 107 27.51 3.23 -32.73
C HIS B 107 26.97 4.25 -33.72
N ASP B 108 26.09 3.83 -34.62
CA ASP B 108 25.59 4.73 -35.66
C ASP B 108 24.09 4.57 -35.83
N PRO B 109 23.33 5.65 -35.68
CA PRO B 109 21.85 5.52 -35.75
C PRO B 109 21.34 4.83 -37.01
N LYS B 110 21.81 5.24 -38.19
CA LYS B 110 21.29 4.64 -39.42
C LYS B 110 21.66 3.16 -39.49
N GLU B 111 22.89 2.81 -39.14
CA GLU B 111 23.28 1.40 -39.16
C GLU B 111 22.41 0.58 -38.21
N ALA B 112 22.18 1.09 -37.00
CA ALA B 112 21.30 0.37 -36.08
C ALA B 112 19.90 0.24 -36.64
N ALA B 113 19.37 1.33 -37.22
CA ALA B 113 18.04 1.25 -37.81
C ALA B 113 17.96 0.15 -38.88
N GLU B 114 18.98 0.07 -39.74
CA GLU B 114 18.94 -0.91 -40.81
C GLU B 114 18.95 -2.33 -40.27
N GLU B 115 19.82 -2.60 -39.28
CA GLU B 115 19.86 -3.96 -38.73
C GLU B 115 18.56 -4.31 -38.03
N LEU B 116 17.97 -3.35 -37.30
CA LEU B 116 16.68 -3.60 -36.67
C LEU B 116 15.62 -3.94 -37.72
N ARG B 117 15.53 -3.15 -38.77
CA ARG B 117 14.59 -3.46 -39.84
C ARG B 117 14.86 -4.84 -40.43
N ARG B 118 16.14 -5.16 -40.65
CA ARG B 118 16.49 -6.44 -41.28
C ARG B 118 15.91 -7.61 -40.49
N VAL B 119 16.13 -7.63 -39.18
CA VAL B 119 15.77 -8.82 -38.40
C VAL B 119 14.29 -8.81 -38.00
N VAL B 120 13.68 -7.64 -37.85
CA VAL B 120 12.25 -7.60 -37.58
C VAL B 120 11.48 -8.14 -38.78
N THR B 121 11.82 -7.69 -39.99
CA THR B 121 11.11 -8.16 -41.18
C THR B 121 11.47 -9.60 -41.50
N LYS B 122 12.76 -9.94 -41.47
CA LYS B 122 13.18 -11.27 -41.89
C LYS B 122 12.81 -12.35 -40.88
N TYR B 123 13.01 -12.08 -39.59
CA TYR B 123 12.85 -13.12 -38.58
C TYR B 123 11.63 -12.94 -37.68
N GLY B 124 10.90 -11.84 -37.81
CA GLY B 124 9.79 -11.62 -36.90
C GLY B 124 10.21 -11.34 -35.49
N PHE B 125 11.36 -10.69 -35.29
CA PHE B 125 11.77 -10.27 -33.96
C PHE B 125 10.76 -9.28 -33.39
N LYS B 126 10.59 -9.34 -32.07
CA LYS B 126 9.51 -8.62 -31.39
C LYS B 126 9.89 -7.21 -30.98
N GLY B 127 11.13 -6.79 -31.21
CA GLY B 127 11.60 -5.49 -30.77
C GLY B 127 13.10 -5.50 -30.67
N ALA B 128 13.62 -4.54 -29.90
CA ALA B 128 15.05 -4.43 -29.66
C ALA B 128 15.32 -4.42 -28.17
N LEU B 129 16.42 -5.05 -27.76
CA LEU B 129 16.91 -4.96 -26.39
C LEU B 129 18.36 -4.51 -26.45
N VAL B 130 18.65 -3.39 -25.81
CA VAL B 130 19.96 -2.75 -25.83
C VAL B 130 20.40 -2.52 -24.40
N ASN B 131 21.66 -2.82 -24.10
CA ASN B 131 22.17 -2.73 -22.73
C ASN B 131 22.75 -1.33 -22.49
N ASP B 132 21.85 -0.37 -22.33
CA ASP B 132 22.18 1.02 -21.91
C ASP B 132 23.12 1.62 -22.96
N THR B 133 24.13 2.40 -22.55
CA THR B 133 24.93 3.14 -23.51
C THR B 133 25.90 2.24 -24.25
N GLN B 134 26.25 2.66 -25.46
CA GLN B 134 27.22 1.96 -26.30
C GLN B 134 28.61 2.49 -25.98
N ARG B 135 29.51 1.59 -25.56
CA ARG B 135 30.89 1.98 -25.36
C ARG B 135 31.51 2.43 -26.67
N ALA B 136 32.29 3.51 -26.62
CA ALA B 136 32.91 4.06 -27.81
C ALA B 136 34.21 4.76 -27.41
N GLY B 137 34.91 5.27 -28.42
CA GLY B 137 36.19 5.91 -28.20
C GLY B 137 37.34 4.92 -28.33
N ALA B 138 38.55 5.47 -28.44
CA ALA B 138 39.71 4.64 -28.70
C ALA B 138 39.83 3.52 -27.67
N ASP B 139 39.54 3.83 -26.40
CA ASP B 139 39.67 2.88 -25.30
C ASP B 139 38.32 2.44 -24.74
N GLY B 140 37.22 2.75 -25.43
CA GLY B 140 35.90 2.39 -24.96
C GLY B 140 35.44 3.15 -23.73
N ASP B 141 36.02 4.29 -23.42
CA ASP B 141 35.60 5.06 -22.25
C ASP B 141 34.51 6.08 -22.56
N ASP B 142 34.13 6.27 -23.82
CA ASP B 142 33.02 7.15 -24.12
C ASP B 142 31.72 6.35 -24.03
N MET B 143 30.60 7.08 -23.91
CA MET B 143 29.28 6.47 -23.84
C MET B 143 28.39 7.16 -24.86
N ILE B 144 27.68 6.36 -25.66
CA ILE B 144 26.70 6.89 -26.59
C ILE B 144 25.33 6.73 -25.95
N PHE B 145 24.70 7.86 -25.63
CA PHE B 145 23.30 7.91 -25.25
C PHE B 145 22.44 8.12 -26.50
N TYR B 146 21.18 7.72 -26.41
CA TYR B 146 20.30 7.74 -27.57
C TYR B 146 19.24 8.82 -27.51
N ASP B 147 19.45 9.87 -26.71
CA ASP B 147 18.44 10.91 -26.57
C ASP B 147 18.76 12.17 -27.37
N GLY B 148 19.85 12.17 -28.13
CA GLY B 148 20.20 13.30 -28.96
C GLY B 148 19.48 13.33 -30.30
N PRO B 149 19.47 14.49 -30.97
CA PRO B 149 18.77 14.59 -32.26
C PRO B 149 19.27 13.61 -33.32
N GLU B 150 20.55 13.23 -33.28
CA GLU B 150 21.06 12.32 -34.30
C GLU B 150 20.41 10.94 -34.21
N TRP B 151 19.68 10.65 -33.14
CA TRP B 151 19.04 9.35 -33.01
C TRP B 151 17.61 9.36 -33.52
N ASP B 152 17.11 10.52 -33.99
CA ASP B 152 15.76 10.59 -34.51
C ASP B 152 15.56 9.62 -35.67
N VAL B 153 16.58 9.48 -36.53
CA VAL B 153 16.42 8.57 -37.66
C VAL B 153 16.21 7.15 -37.17
N PHE B 154 16.82 6.79 -36.04
CA PHE B 154 16.62 5.45 -35.49
C PHE B 154 15.22 5.29 -34.89
N TRP B 155 14.81 6.25 -34.07
CA TRP B 155 13.51 6.15 -33.41
C TRP B 155 12.38 6.13 -34.43
N SER B 156 12.52 6.84 -35.55
CA SER B 156 11.48 6.80 -36.59
C SER B 156 11.37 5.42 -37.20
N THR B 157 12.47 4.67 -37.30
CA THR B 157 12.38 3.29 -37.76
C THR B 157 11.70 2.39 -36.74
N VAL B 158 12.01 2.61 -35.45
CA VAL B 158 11.35 1.83 -34.41
C VAL B 158 9.83 2.00 -34.49
N THR B 159 9.37 3.24 -34.64
CA THR B 159 7.92 3.45 -34.71
C THR B 159 7.36 3.02 -36.06
N ASP B 160 8.15 3.11 -37.13
CA ASP B 160 7.72 2.55 -38.41
C ASP B 160 7.42 1.06 -38.28
N LEU B 161 8.36 0.32 -37.69
CA LEU B 161 8.14 -1.09 -37.41
C LEU B 161 7.14 -1.29 -36.30
N ASP B 162 6.94 -0.27 -35.46
CA ASP B 162 6.02 -0.34 -34.33
C ASP B 162 6.33 -1.53 -33.42
N VAL B 163 7.58 -1.58 -32.96
CA VAL B 163 8.00 -2.60 -32.00
C VAL B 163 8.63 -1.90 -30.80
N PRO B 164 8.56 -2.47 -29.60
CA PRO B 164 9.14 -1.81 -28.43
C PRO B 164 10.67 -1.92 -28.37
N PHE B 165 11.23 -1.06 -27.52
CA PHE B 165 12.67 -0.99 -27.26
C PHE B 165 12.86 -1.18 -25.76
N TYR B 166 13.57 -2.24 -25.38
CA TYR B 166 13.83 -2.58 -23.98
C TYR B 166 15.19 -2.01 -23.59
N LEU B 167 15.19 -1.06 -22.67
CA LEU B 167 16.41 -0.39 -22.23
C LEU B 167 16.93 -1.13 -20.99
N HIS B 168 17.87 -2.07 -21.20
CA HIS B 168 18.48 -2.97 -20.24
C HIS B 168 19.75 -2.33 -19.66
N PRO B 169 20.10 -2.63 -18.41
CA PRO B 169 21.32 -2.06 -17.81
C PRO B 169 22.57 -2.74 -18.33
N ARG B 170 23.71 -2.12 -18.03
CA ARG B 170 25.01 -2.77 -18.18
C ARG B 170 25.92 -2.29 -17.05
N ASN B 171 26.98 -3.04 -16.81
CA ASN B 171 27.89 -2.71 -15.72
C ASN B 171 28.60 -1.39 -16.01
N PRO B 172 29.01 -0.66 -14.97
CA PRO B 172 29.80 0.54 -15.20
C PRO B 172 31.22 0.16 -15.60
N THR B 173 31.82 0.95 -16.48
CA THR B 173 33.14 0.63 -17.00
C THR B 173 34.03 1.86 -16.97
N GLY B 174 35.33 1.62 -17.18
CA GLY B 174 36.29 2.69 -17.42
C GLY B 174 36.39 3.67 -16.27
N SER B 175 36.52 4.95 -16.62
CA SER B 175 36.78 5.98 -15.62
C SER B 175 35.62 6.14 -14.65
N ILE B 176 34.38 5.98 -15.14
CA ILE B 176 33.23 6.03 -14.26
C ILE B 176 33.32 4.93 -13.21
N HIS B 177 33.65 3.72 -13.65
CA HIS B 177 33.84 2.62 -12.71
C HIS B 177 34.91 2.95 -11.66
N GLU B 178 36.08 3.47 -12.08
CA GLU B 178 37.11 3.80 -11.10
C GLU B 178 36.61 4.79 -10.09
N LYS B 179 35.96 5.84 -10.56
CA LYS B 179 35.73 6.99 -9.71
C LYS B 179 34.62 6.75 -8.72
N LEU B 180 33.62 5.94 -9.07
CA LEU B 180 32.44 5.78 -8.24
C LEU B 180 32.24 4.39 -7.69
N TRP B 181 32.62 3.34 -8.42
CA TRP B 181 32.19 1.99 -8.08
C TRP B 181 33.31 1.07 -7.60
N ALA B 182 34.56 1.30 -8.02
CA ALA B 182 35.63 0.36 -7.74
C ALA B 182 35.80 0.13 -6.24
N LYS B 183 35.65 1.17 -5.42
CA LYS B 183 35.85 1.04 -3.98
C LYS B 183 34.57 0.64 -3.24
N ARG B 184 33.45 0.45 -3.94
CA ARG B 184 32.23 -0.07 -3.34
C ARG B 184 31.60 -1.02 -4.36
N SER B 185 32.41 -2.00 -4.80
CA SER B 185 32.10 -2.81 -5.97
C SER B 185 30.94 -3.79 -5.75
N TRP B 186 30.59 -4.10 -4.50
CA TRP B 186 29.45 -4.97 -4.28
C TRP B 186 28.14 -4.31 -4.65
N LEU B 187 28.15 -3.01 -4.93
CA LEU B 187 26.98 -2.28 -5.40
C LEU B 187 26.81 -2.37 -6.91
N ILE B 188 27.78 -2.94 -7.62
CA ILE B 188 27.68 -3.06 -9.07
C ILE B 188 26.61 -4.09 -9.41
N GLY B 189 25.73 -3.75 -10.36
CA GLY B 189 24.71 -4.67 -10.77
C GLY B 189 23.37 -4.41 -10.12
N PRO B 190 22.64 -5.48 -9.85
CA PRO B 190 21.27 -5.37 -9.32
C PRO B 190 21.17 -4.48 -8.10
N PRO B 191 22.14 -4.52 -7.18
CA PRO B 191 22.00 -3.69 -5.96
C PRO B 191 21.81 -2.20 -6.22
N LEU B 192 22.51 -1.62 -7.21
CA LEU B 192 22.40 -0.17 -7.39
C LEU B 192 22.79 0.32 -8.78
N SER B 193 23.96 -0.10 -9.28
CA SER B 193 24.51 0.52 -10.49
C SER B 193 23.58 0.34 -11.68
N PHE B 194 22.98 -0.84 -11.82
CA PHE B 194 22.09 -1.10 -12.95
C PHE B 194 20.99 -0.05 -13.07
N ALA B 195 20.23 0.15 -11.99
CA ALA B 195 19.10 1.07 -12.02
C ALA B 195 19.55 2.50 -12.26
N GLN B 196 20.69 2.89 -11.69
CA GLN B 196 21.14 4.27 -11.86
C GLN B 196 21.43 4.58 -13.32
N GLY B 197 22.00 3.60 -14.04
CA GLY B 197 22.28 3.82 -15.46
C GLY B 197 21.01 3.94 -16.28
N VAL B 198 20.10 2.99 -16.11
CA VAL B 198 18.90 2.97 -16.94
C VAL B 198 18.02 4.20 -16.67
N SER B 199 17.85 4.57 -15.40
CA SER B 199 17.01 5.70 -15.06
C SER B 199 17.59 7.00 -15.64
N LEU B 200 18.91 7.15 -15.58
CA LEU B 200 19.54 8.31 -16.20
C LEU B 200 19.21 8.38 -17.69
N HIS B 201 19.37 7.25 -18.39
CA HIS B 201 19.14 7.21 -19.83
C HIS B 201 17.66 7.43 -20.15
N ALA B 202 16.77 6.73 -19.43
CA ALA B 202 15.34 6.82 -19.69
C ALA B 202 14.82 8.24 -19.46
N LEU B 203 15.20 8.84 -18.34
CA LEU B 203 14.75 10.21 -18.07
C LEU B 203 15.45 11.22 -18.97
N GLY B 204 16.62 10.88 -19.50
CA GLY B 204 17.20 11.71 -20.56
C GLY B 204 16.34 11.71 -21.81
N MET B 205 15.85 10.52 -22.21
CA MET B 205 14.92 10.46 -23.33
C MET B 205 13.68 11.30 -23.07
N VAL B 206 13.18 11.27 -21.84
CA VAL B 206 12.01 12.07 -21.47
C VAL B 206 12.33 13.55 -21.63
N THR B 207 13.36 14.02 -20.90
CA THR B 207 13.58 15.45 -20.79
C THR B 207 14.14 16.03 -22.08
N ASN B 208 14.81 15.23 -22.91
CA ASN B 208 15.32 15.71 -24.19
C ASN B 208 14.32 15.50 -25.32
N GLY B 209 13.08 15.14 -25.01
CA GLY B 209 11.99 15.19 -25.97
C GLY B 209 11.88 14.03 -26.93
N VAL B 210 12.53 12.91 -26.65
CA VAL B 210 12.45 11.75 -27.55
C VAL B 210 11.00 11.32 -27.74
N PHE B 211 10.22 11.28 -26.66
CA PHE B 211 8.82 10.87 -26.78
C PHE B 211 7.94 11.97 -27.35
N ASP B 212 8.41 13.21 -27.38
CA ASP B 212 7.66 14.25 -28.09
C ASP B 212 7.85 14.15 -29.60
N ARG B 213 9.08 13.86 -30.03
CA ARG B 213 9.33 13.67 -31.45
C ARG B 213 8.83 12.32 -31.96
N HIS B 214 8.69 11.34 -31.07
CA HIS B 214 8.29 9.98 -31.45
C HIS B 214 7.18 9.53 -30.51
N PRO B 215 6.00 10.14 -30.63
CA PRO B 215 4.92 9.88 -29.66
C PRO B 215 4.48 8.42 -29.60
N LYS B 216 4.73 7.62 -30.63
CA LYS B 216 4.31 6.22 -30.57
C LYS B 216 5.36 5.31 -29.98
N LEU B 217 6.53 5.82 -29.64
CA LEU B 217 7.63 4.98 -29.19
C LEU B 217 7.33 4.35 -27.83
N GLN B 218 7.55 3.04 -27.73
CA GLN B 218 7.35 2.28 -26.50
C GLN B 218 8.70 1.83 -25.95
N ILE B 219 9.06 2.33 -24.77
CA ILE B 219 10.29 1.95 -24.08
C ILE B 219 9.93 1.11 -22.86
N VAL B 220 10.61 -0.02 -22.70
CA VAL B 220 10.35 -0.95 -21.60
C VAL B 220 11.52 -0.91 -20.62
N LEU B 221 11.20 -0.81 -19.32
CA LEU B 221 12.20 -0.82 -18.27
C LEU B 221 11.99 -2.01 -17.34
N GLY B 222 13.08 -2.71 -17.02
CA GLY B 222 13.00 -3.83 -16.11
C GLY B 222 13.02 -3.39 -14.66
N HIS B 223 12.93 -4.38 -13.77
CA HIS B 223 13.15 -4.16 -12.34
C HIS B 223 12.20 -3.09 -11.80
N LEU B 224 10.94 -3.19 -12.23
CA LEU B 224 9.86 -2.31 -11.81
C LEU B 224 10.18 -0.83 -12.05
N GLY B 225 10.99 -0.55 -13.06
CA GLY B 225 11.19 0.83 -13.49
C GLY B 225 12.44 1.50 -12.95
N GLU B 226 13.39 0.74 -12.41
CA GLU B 226 14.72 1.26 -12.06
C GLU B 226 14.64 2.52 -11.20
N HIS B 227 13.95 2.38 -10.05
CA HIS B 227 13.82 3.46 -9.07
C HIS B 227 12.76 4.50 -9.40
N ILE B 228 12.49 4.74 -10.68
CA ILE B 228 11.73 5.92 -11.06
C ILE B 228 10.37 6.02 -10.34
N PRO B 229 9.57 4.95 -10.28
CA PRO B 229 8.25 5.08 -9.63
C PRO B 229 8.32 5.55 -8.18
N PHE B 230 9.39 5.21 -7.46
CA PHE B 230 9.54 5.67 -6.09
C PHE B 230 9.48 7.19 -6.02
N ASP B 231 10.04 7.87 -7.01
CA ASP B 231 10.12 9.33 -7.04
C ASP B 231 9.11 9.96 -8.00
N MET B 232 8.09 9.22 -8.41
CA MET B 232 7.13 9.77 -9.37
C MET B 232 6.58 11.11 -8.88
N TRP B 233 6.19 11.17 -7.61
CA TRP B 233 5.67 12.41 -7.06
C TRP B 233 6.72 13.51 -7.10
N ARG B 234 7.95 13.16 -6.70
CA ARG B 234 9.03 14.12 -6.59
C ARG B 234 9.44 14.65 -7.95
N ILE B 235 9.65 13.75 -8.91
CA ILE B 235 10.01 14.15 -10.27
C ILE B 235 8.92 15.03 -10.87
N ASN B 236 7.66 14.63 -10.71
CA ASN B 236 6.57 15.41 -11.26
C ASN B 236 6.53 16.80 -10.65
N HIS B 237 6.66 16.87 -9.33
CA HIS B 237 6.67 18.17 -8.65
C HIS B 237 7.78 19.07 -9.19
N TRP B 238 9.01 18.56 -9.27
CA TRP B 238 10.11 19.40 -9.69
C TRP B 238 10.08 19.72 -11.18
N PHE B 239 9.61 18.79 -12.01
CA PHE B 239 9.46 19.08 -13.44
C PHE B 239 8.41 20.16 -13.65
N GLU B 240 7.22 19.98 -13.06
CA GLU B 240 6.08 20.84 -13.36
C GLU B 240 6.20 22.19 -12.68
N ASP B 241 6.67 22.23 -11.43
CA ASP B 241 6.62 23.46 -10.66
C ASP B 241 7.91 24.26 -10.69
N ILE B 242 9.03 23.67 -11.10
CA ILE B 242 10.30 24.37 -11.03
C ILE B 242 11.06 24.27 -12.35
N LYS B 243 11.35 23.06 -12.80
CA LYS B 243 12.22 22.90 -13.97
C LYS B 243 11.57 23.44 -15.23
N LYS B 244 10.29 23.13 -15.46
CA LYS B 244 9.65 23.64 -16.66
C LYS B 244 9.57 25.16 -16.67
N PRO B 245 9.15 25.83 -15.60
CA PRO B 245 9.24 27.30 -15.58
C PRO B 245 10.64 27.82 -15.88
N LEU B 246 11.68 27.06 -15.55
CA LEU B 246 13.05 27.50 -15.74
C LEU B 246 13.61 27.15 -17.11
N GLY B 247 12.90 26.34 -17.90
CA GLY B 247 13.38 26.06 -19.24
C GLY B 247 13.13 24.66 -19.77
N LEU B 248 12.87 23.70 -18.88
CA LEU B 248 12.57 22.34 -19.34
C LEU B 248 11.39 22.39 -20.31
N SER B 249 11.57 21.78 -21.48
CA SER B 249 10.61 21.98 -22.54
C SER B 249 9.94 20.69 -23.03
N CYS B 250 10.17 19.55 -22.37
CA CYS B 250 9.32 18.39 -22.66
C CYS B 250 7.85 18.75 -22.52
N LYS B 251 7.06 18.29 -23.49
CA LYS B 251 5.65 18.71 -23.61
C LYS B 251 4.74 18.11 -22.54
N LEU B 252 4.97 16.87 -22.13
CA LEU B 252 4.04 16.17 -21.24
C LEU B 252 4.62 16.04 -19.83
N THR B 253 3.76 15.63 -18.89
CA THR B 253 4.24 15.33 -17.54
C THR B 253 4.85 13.93 -17.49
N ILE B 254 5.62 13.68 -16.43
CA ILE B 254 6.25 12.37 -16.28
C ILE B 254 5.18 11.29 -16.19
N ARG B 255 4.03 11.61 -15.59
CA ARG B 255 2.95 10.63 -15.50
C ARG B 255 2.35 10.36 -16.88
N GLU B 256 2.26 11.39 -17.72
CA GLU B 256 1.75 11.18 -19.06
C GLU B 256 2.68 10.29 -19.87
N TYR B 257 4.00 10.48 -19.73
CA TYR B 257 4.92 9.61 -20.45
C TYR B 257 4.82 8.17 -19.95
N PHE B 258 4.58 7.97 -18.65
CA PHE B 258 4.42 6.62 -18.13
C PHE B 258 3.09 5.99 -18.53
N ALA B 259 2.12 6.80 -18.95
CA ALA B 259 0.87 6.25 -19.45
C ALA B 259 0.91 6.00 -20.95
N ARG B 260 1.79 6.69 -21.69
CA ARG B 260 1.77 6.63 -23.14
C ARG B 260 2.99 5.97 -23.75
N ASN B 261 4.16 6.04 -23.11
CA ASN B 261 5.38 5.58 -23.77
C ASN B 261 6.18 4.54 -22.97
N LEU B 262 6.08 4.56 -21.66
CA LEU B 262 6.96 3.75 -20.82
C LEU B 262 6.23 2.56 -20.22
N TRP B 263 6.97 1.46 -20.07
CA TRP B 263 6.52 0.24 -19.44
C TRP B 263 7.53 -0.19 -18.39
N ILE B 264 7.07 -0.94 -17.39
CA ILE B 264 7.96 -1.58 -16.44
C ILE B 264 7.63 -3.06 -16.38
N THR B 265 8.64 -3.88 -16.09
CA THR B 265 8.47 -5.31 -15.90
C THR B 265 8.86 -5.70 -14.48
N THR B 266 8.48 -6.91 -14.08
CA THR B 266 8.80 -7.40 -12.75
C THR B 266 10.15 -8.11 -12.70
N SER B 267 10.97 -7.96 -13.74
CA SER B 267 12.26 -8.64 -13.79
C SER B 267 13.05 -8.40 -12.51
N GLY B 268 13.50 -9.49 -11.89
CA GLY B 268 14.37 -9.47 -10.73
C GLY B 268 13.88 -8.63 -9.57
N HIS B 269 12.56 -8.48 -9.44
CA HIS B 269 11.98 -7.62 -8.41
C HIS B 269 10.66 -8.26 -7.98
N PHE B 270 10.77 -9.41 -7.29
CA PHE B 270 9.60 -10.21 -6.93
C PHE B 270 9.07 -9.75 -5.58
N SER B 271 8.69 -8.48 -5.54
CA SER B 271 8.29 -7.79 -4.33
C SER B 271 6.81 -7.46 -4.42
N THR B 272 6.00 -8.13 -3.61
CA THR B 272 4.58 -7.80 -3.53
C THR B 272 4.39 -6.35 -3.07
N SER B 273 5.17 -5.94 -2.07
CA SER B 273 5.20 -4.56 -1.61
C SER B 273 5.42 -3.58 -2.76
N THR B 274 6.51 -3.75 -3.51
CA THR B 274 6.83 -2.78 -4.54
C THR B 274 5.84 -2.85 -5.70
N LEU B 275 5.37 -4.06 -6.04
CA LEU B 275 4.36 -4.19 -7.08
C LEU B 275 3.09 -3.44 -6.69
N GLN B 276 2.61 -3.65 -5.46
CA GLN B 276 1.40 -2.98 -5.01
C GLN B 276 1.55 -1.47 -5.11
N PHE B 277 2.71 -0.94 -4.70
CA PHE B 277 2.99 0.48 -4.85
C PHE B 277 2.92 0.91 -6.31
N CYS B 278 3.44 0.09 -7.23
CA CYS B 278 3.43 0.47 -8.65
C CYS B 278 2.06 0.34 -9.27
N LEU B 279 1.16 -0.42 -8.66
CA LEU B 279 -0.24 -0.42 -9.11
C LEU B 279 -0.83 0.98 -9.03
N GLY B 280 -0.40 1.76 -8.04
CA GLY B 280 -0.84 3.13 -7.92
C GLY B 280 -0.02 4.08 -8.77
N GLU B 281 1.31 3.99 -8.67
CA GLU B 281 2.15 5.01 -9.32
C GLU B 281 2.21 4.82 -10.82
N VAL B 282 2.07 3.60 -11.32
CA VAL B 282 2.25 3.29 -12.73
C VAL B 282 1.00 2.67 -13.34
N GLY B 283 0.37 1.73 -12.64
CA GLY B 283 -0.87 1.14 -13.14
C GLY B 283 -0.70 -0.22 -13.79
N ALA B 284 -1.64 -1.13 -13.52
CA ALA B 284 -1.53 -2.50 -14.00
C ALA B 284 -1.51 -2.57 -15.53
N ASP B 285 -2.04 -1.56 -16.21
CA ASP B 285 -2.03 -1.59 -17.67
C ASP B 285 -0.63 -1.47 -18.25
N ARG B 286 0.35 -1.00 -17.47
CA ARG B 286 1.68 -0.70 -17.98
C ARG B 286 2.75 -1.53 -17.30
N ILE B 287 2.37 -2.64 -16.67
CA ILE B 287 3.31 -3.50 -15.96
C ILE B 287 3.30 -4.88 -16.62
N LEU B 288 4.49 -5.43 -16.82
CA LEU B 288 4.67 -6.71 -17.48
C LEU B 288 5.44 -7.68 -16.58
N PHE B 289 4.97 -8.93 -16.52
CA PHE B 289 5.75 -9.97 -15.86
C PHE B 289 7.03 -10.24 -16.64
N SER B 290 8.10 -10.53 -15.90
CA SER B 290 9.34 -10.98 -16.49
C SER B 290 10.19 -11.57 -15.37
N ILE B 291 11.26 -12.26 -15.73
CA ILE B 291 12.00 -13.13 -14.82
C ILE B 291 13.42 -12.64 -14.60
N ASP B 292 14.14 -12.32 -15.68
CA ASP B 292 15.58 -12.06 -15.62
C ASP B 292 16.34 -13.38 -15.51
N TYR B 293 15.86 -14.39 -16.22
CA TYR B 293 16.55 -15.67 -16.29
C TYR B 293 17.78 -15.54 -17.18
N PRO B 294 18.88 -16.24 -16.86
CA PRO B 294 19.10 -17.13 -15.69
C PRO B 294 19.70 -16.45 -14.46
N PHE B 295 19.85 -15.13 -14.46
CA PHE B 295 20.33 -14.45 -13.24
C PHE B 295 19.38 -14.69 -12.08
N GLU B 296 18.07 -14.70 -12.34
CA GLU B 296 17.06 -15.20 -11.44
C GLU B 296 16.57 -16.55 -11.96
N ASN B 297 16.04 -17.38 -11.05
CA ASN B 297 15.52 -18.68 -11.48
C ASN B 297 14.00 -18.62 -11.63
N PHE B 298 13.49 -19.54 -12.46
CA PHE B 298 12.05 -19.59 -12.71
C PHE B 298 11.26 -19.74 -11.41
N SER B 299 11.74 -20.61 -10.51
CA SER B 299 10.97 -20.92 -9.32
C SER B 299 10.74 -19.66 -8.48
N ASP B 300 11.79 -18.86 -8.28
CA ASP B 300 11.64 -17.63 -7.52
C ASP B 300 10.59 -16.72 -8.15
N ALA B 301 10.73 -16.46 -9.45
CA ALA B 301 9.82 -15.52 -10.11
C ALA B 301 8.40 -16.06 -10.17
N CYS B 302 8.24 -17.34 -10.51
CA CYS B 302 6.92 -17.84 -10.85
C CYS B 302 6.15 -18.31 -9.61
N THR B 303 6.84 -18.86 -8.62
CA THR B 303 6.19 -19.11 -7.33
C THR B 303 5.66 -17.80 -6.76
N TRP B 304 6.44 -16.74 -6.87
CA TRP B 304 5.96 -15.44 -6.39
C TRP B 304 4.76 -14.99 -7.19
N TYR B 305 4.88 -14.94 -8.51
CA TYR B 305 3.79 -14.39 -9.31
C TYR B 305 2.52 -15.22 -9.18
N ASP B 306 2.65 -16.54 -9.30
CA ASP B 306 1.46 -17.39 -9.20
C ASP B 306 0.78 -17.24 -7.84
N GLY B 307 1.54 -16.98 -6.79
CA GLY B 307 0.98 -16.81 -5.46
C GLY B 307 0.44 -15.43 -5.14
N LEU B 308 0.55 -14.48 -6.07
CA LEU B 308 0.10 -13.13 -5.80
C LEU B 308 -1.41 -13.11 -5.52
N ALA B 309 -1.78 -12.54 -4.38
CA ALA B 309 -3.19 -12.44 -4.00
C ALA B 309 -3.72 -11.05 -4.40
N ILE B 310 -3.91 -10.87 -5.69
CA ILE B 310 -4.40 -9.62 -6.26
C ILE B 310 -5.58 -9.93 -7.18
N ASN B 311 -6.25 -8.86 -7.61
CA ASN B 311 -7.48 -9.01 -8.39
C ASN B 311 -7.20 -9.75 -9.70
N ASP B 312 -8.19 -10.51 -10.17
CA ASP B 312 -7.97 -11.39 -11.32
C ASP B 312 -7.67 -10.62 -12.60
N VAL B 313 -8.30 -9.46 -12.77
CA VAL B 313 -8.12 -8.68 -13.99
C VAL B 313 -6.66 -8.28 -14.15
N ASP B 314 -6.10 -7.62 -13.13
CA ASP B 314 -4.72 -7.15 -13.22
C ASP B 314 -3.75 -8.31 -13.25
N LYS B 315 -4.06 -9.41 -12.57
CA LYS B 315 -3.15 -10.55 -12.59
C LYS B 315 -3.00 -11.10 -14.00
N ARG B 316 -4.10 -11.16 -14.75
CA ARG B 316 -4.02 -11.64 -16.12
C ARG B 316 -3.32 -10.63 -17.03
N LYS B 317 -3.62 -9.33 -16.86
CA LYS B 317 -2.96 -8.31 -17.67
C LYS B 317 -1.45 -8.36 -17.48
N ILE B 318 -0.99 -8.28 -16.22
CA ILE B 318 0.45 -8.26 -15.97
C ILE B 318 1.09 -9.58 -16.37
N GLY B 319 0.39 -10.69 -16.11
CA GLY B 319 0.98 -11.99 -16.37
C GLY B 319 1.17 -12.29 -17.85
N LYS B 320 0.25 -11.83 -18.70
CA LYS B 320 0.39 -12.21 -20.11
C LYS B 320 -0.33 -11.30 -21.10
N ASP B 321 -1.51 -10.79 -20.76
CA ASP B 321 -2.33 -10.03 -21.73
C ASP B 321 -1.67 -8.71 -22.17
N ASN B 322 -1.03 -8.02 -21.25
CA ASN B 322 -0.33 -6.76 -21.59
C ASN B 322 0.71 -7.05 -22.68
N ALA B 323 1.54 -8.06 -22.48
CA ALA B 323 2.61 -8.43 -23.43
C ALA B 323 2.00 -8.85 -24.77
N LYS B 324 0.90 -9.59 -24.72
CA LYS B 324 0.25 -10.08 -25.96
C LYS B 324 -0.07 -8.91 -26.88
N LYS B 325 -0.64 -7.86 -26.35
CA LYS B 325 -0.99 -6.65 -27.11
C LYS B 325 0.25 -5.85 -27.52
N LEU B 326 1.08 -5.53 -26.55
CA LEU B 326 2.26 -4.69 -26.83
C LEU B 326 3.17 -5.33 -27.88
N PHE B 327 3.45 -6.61 -27.76
CA PHE B 327 4.34 -7.36 -28.67
C PHE B 327 3.60 -7.96 -29.87
N LYS B 328 2.31 -7.67 -30.02
CA LYS B 328 1.53 -8.21 -31.12
C LYS B 328 1.77 -9.71 -31.26
N LEU B 329 1.68 -10.40 -30.13
CA LEU B 329 1.95 -11.82 -30.10
C LEU B 329 0.78 -12.55 -30.74
N PRO B 330 1.04 -13.60 -31.52
CA PRO B 330 -0.06 -14.34 -32.12
C PRO B 330 -0.77 -15.20 -31.09
N GLN B 331 -2.00 -15.57 -31.45
CA GLN B 331 -2.67 -16.69 -30.83
C GLN B 331 -1.70 -17.85 -30.67
N PHE B 332 -1.72 -18.48 -29.50
CA PHE B 332 -0.93 -19.67 -29.24
C PHE B 332 -1.90 -20.85 -29.21
N TYR B 333 -1.99 -21.56 -30.34
CA TYR B 333 -2.90 -22.69 -30.49
C TYR B 333 -2.29 -23.96 -29.89
N GLN B 334 -1.39 -23.79 -28.93
CA GLN B 334 -0.78 -24.90 -28.20
C GLN B 334 -0.52 -24.45 -26.77
N SER B 335 -0.69 -25.37 -25.82
CA SER B 335 -0.46 -25.10 -24.41
C SER B 335 0.27 -26.30 -23.82
N GLU B 336 1.58 -26.14 -23.61
CA GLU B 336 2.55 -27.15 -23.10
C GLU B 336 2.64 -27.09 -21.55
N ASP B 337 2.06 -26.07 -20.91
CA ASP B 337 2.00 -26.04 -19.45
C ASP B 337 0.95 -27.04 -18.98
N MET C 2 -1.22 19.09 12.81
CA MET C 2 -0.47 18.71 14.00
C MET C 2 0.50 19.81 14.43
N LEU C 3 0.49 20.15 15.71
CA LEU C 3 1.36 21.21 16.20
C LEU C 3 2.67 20.63 16.72
N GLY C 4 3.68 21.49 16.80
CA GLY C 4 4.94 21.07 17.36
C GLY C 4 5.77 20.17 16.47
N LYS C 5 5.53 20.20 15.17
CA LYS C 5 6.33 19.39 14.26
C LYS C 5 7.80 19.81 14.31
N VAL C 6 8.68 18.86 14.02
CA VAL C 6 10.11 19.11 13.93
C VAL C 6 10.53 18.85 12.49
N ALA C 7 11.26 19.80 11.91
CA ALA C 7 11.82 19.64 10.58
C ALA C 7 13.33 19.85 10.67
N LEU C 8 14.08 19.11 9.83
CA LEU C 8 15.53 19.12 10.00
C LEU C 8 16.32 19.00 8.71
N GLU C 9 15.76 19.33 7.56
CA GLU C 9 16.57 19.53 6.36
C GLU C 9 16.31 20.93 5.84
N GLU C 10 16.62 21.93 6.67
CA GLU C 10 16.19 23.30 6.45
C GLU C 10 17.41 24.19 6.30
N ALA C 11 17.54 24.81 5.13
CA ALA C 11 18.79 25.41 4.68
C ALA C 11 18.86 26.91 4.95
N PHE C 12 20.10 27.39 5.10
CA PHE C 12 20.41 28.81 5.15
C PHE C 12 21.68 29.05 4.36
N ALA C 13 21.87 30.30 3.94
CA ALA C 13 23.09 30.72 3.25
C ALA C 13 23.74 31.90 3.96
N LEU C 14 25.00 32.13 3.66
CA LEU C 14 25.70 33.31 4.16
C LEU C 14 25.28 34.53 3.35
N PRO C 15 24.79 35.60 3.98
CA PRO C 15 24.33 36.76 3.21
C PRO C 15 25.39 37.33 2.28
N ARG C 16 26.68 37.22 2.64
CA ARG C 16 27.73 37.79 1.80
C ARG C 16 27.93 37.04 0.50
N HIS C 17 27.31 35.86 0.35
CA HIS C 17 27.49 34.99 -0.81
C HIS C 17 26.47 35.26 -1.92
N LYS C 18 26.31 36.53 -2.28
CA LYS C 18 25.28 36.92 -3.23
C LYS C 18 25.35 36.11 -4.52
N GLU C 19 26.55 35.90 -5.06
CA GLU C 19 26.62 35.23 -6.36
C GLU C 19 26.34 33.73 -6.25
N ARG C 20 26.94 33.05 -5.28
CA ARG C 20 26.67 31.62 -5.10
C ARG C 20 25.19 31.35 -4.85
N THR C 21 24.57 32.13 -3.97
CA THR C 21 23.14 31.95 -3.68
C THR C 21 22.31 32.15 -4.94
N ARG C 22 22.62 33.20 -5.70
CA ARG C 22 21.90 33.47 -6.94
C ARG C 22 22.09 32.35 -7.96
N TRP C 23 23.30 31.79 -8.03
CA TRP C 23 23.56 30.72 -8.99
C TRP C 23 22.75 29.48 -8.67
N TRP C 24 22.83 29.03 -7.41
CA TRP C 24 22.10 27.84 -6.98
C TRP C 24 20.60 28.05 -7.15
N ALA C 25 20.11 29.22 -6.75
CA ALA C 25 18.70 29.54 -6.94
C ALA C 25 18.33 29.53 -8.42
N GLY C 26 19.25 29.94 -9.29
CA GLY C 26 18.96 29.92 -10.71
C GLY C 26 18.71 28.54 -11.25
N LEU C 27 19.22 27.51 -10.56
CA LEU C 27 18.97 26.13 -10.96
C LEU C 27 17.72 25.54 -10.32
N PHE C 28 17.34 26.00 -9.12
CA PHE C 28 16.35 25.29 -8.32
C PHE C 28 15.22 26.14 -7.77
N ALA C 29 15.07 27.40 -8.20
CA ALA C 29 13.99 28.22 -7.67
C ALA C 29 13.47 29.14 -8.78
N ILE C 30 12.15 29.29 -8.84
CA ILE C 30 11.53 30.10 -9.88
C ILE C 30 11.41 31.57 -9.52
N ASP C 31 11.50 31.91 -8.23
CA ASP C 31 11.40 33.29 -7.76
C ASP C 31 12.72 33.65 -7.11
N PRO C 32 13.71 34.08 -7.89
CA PRO C 32 15.06 34.29 -7.34
C PRO C 32 15.09 35.28 -6.19
N ASP C 33 14.30 36.36 -6.26
CA ASP C 33 14.30 37.36 -5.20
C ASP C 33 13.78 36.76 -3.89
N LYS C 34 12.61 36.13 -3.95
CA LYS C 34 12.05 35.51 -2.76
C LYS C 34 12.98 34.44 -2.20
N HIS C 35 13.50 33.57 -3.07
CA HIS C 35 14.40 32.52 -2.60
C HIS C 35 15.58 33.12 -1.85
N ALA C 36 16.25 34.10 -2.45
CA ALA C 36 17.43 34.69 -1.81
C ALA C 36 17.05 35.27 -0.46
N ALA C 37 15.94 36.00 -0.39
CA ALA C 37 15.52 36.57 0.89
C ALA C 37 15.26 35.48 1.92
N GLU C 38 14.65 34.37 1.52
CA GLU C 38 14.26 33.36 2.50
C GLU C 38 15.46 32.51 2.94
N ILE C 39 16.36 32.15 2.02
CA ILE C 39 17.49 31.34 2.45
C ILE C 39 18.47 32.16 3.28
N ASN C 40 18.42 33.49 3.18
CA ASN C 40 19.28 34.32 4.02
C ASN C 40 18.67 34.60 5.38
N ASP C 41 17.34 34.65 5.47
CA ASP C 41 16.69 34.99 6.73
C ASP C 41 16.71 33.81 7.70
N ILE C 42 17.00 34.11 8.96
CA ILE C 42 17.07 33.10 10.01
C ILE C 42 15.89 33.20 10.97
N THR C 43 15.53 34.41 11.42
CA THR C 43 14.62 34.56 12.54
C THR C 43 13.32 35.27 12.20
N GLU C 44 13.15 35.80 10.99
CA GLU C 44 11.97 36.59 10.69
C GLU C 44 10.94 35.79 9.92
N GLN C 45 11.04 35.79 8.58
CA GLN C 45 10.08 35.06 7.76
C GLN C 45 10.07 33.58 8.13
N ARG C 46 11.24 33.03 8.47
CA ARG C 46 11.35 31.61 8.78
C ARG C 46 10.47 31.24 9.98
N ILE C 47 10.58 32.00 11.07
CA ILE C 47 9.78 31.71 12.26
C ILE C 47 8.31 31.99 11.98
N LYS C 48 8.02 33.03 11.19
CA LYS C 48 6.63 33.30 10.81
C LYS C 48 6.02 32.11 10.08
N TYR C 49 6.76 31.51 9.14
CA TYR C 49 6.27 30.31 8.48
C TYR C 49 6.02 29.19 9.49
N MET C 50 6.97 28.98 10.40
CA MET C 50 6.79 27.96 11.43
C MET C 50 5.53 28.21 12.25
N ASN C 51 5.28 29.48 12.60
CA ASN C 51 4.09 29.81 13.37
C ASN C 51 2.83 29.56 12.53
N GLU C 52 2.91 29.78 11.20
CA GLU C 52 1.74 29.51 10.37
C GLU C 52 1.43 28.06 10.15
N HIS C 53 2.40 27.20 10.29
CA HIS C 53 2.19 25.86 9.78
C HIS C 53 2.46 24.80 10.83
N GLY C 54 2.36 25.17 12.11
CA GLY C 54 2.44 24.19 13.16
C GLY C 54 3.79 23.51 13.26
N VAL C 55 4.87 24.23 13.00
CA VAL C 55 6.23 23.72 13.17
C VAL C 55 6.81 24.39 14.42
N GLY C 56 7.11 23.58 15.43
CA GLY C 56 7.63 24.08 16.67
C GLY C 56 9.12 24.31 16.67
N TYR C 57 9.85 23.50 15.90
CA TYR C 57 11.30 23.46 15.97
C TYR C 57 11.84 23.06 14.61
N THR C 58 12.89 23.74 14.16
CA THR C 58 13.62 23.33 12.96
C THR C 58 15.11 23.34 13.27
N ILE C 59 15.81 22.34 12.77
CA ILE C 59 17.26 22.25 12.87
C ILE C 59 17.84 22.77 11.55
N LEU C 60 18.60 23.86 11.63
CA LEU C 60 19.11 24.53 10.44
C LEU C 60 20.44 23.91 10.01
N SER C 61 20.70 23.98 8.71
CA SER C 61 21.92 23.43 8.13
C SER C 61 22.38 24.32 6.96
N TYR C 62 23.66 24.21 6.63
CA TYR C 62 24.25 25.06 5.60
C TYR C 62 23.88 24.57 4.20
N THR C 63 23.55 25.53 3.33
CA THR C 63 23.09 25.23 1.99
C THR C 63 24.08 24.35 1.23
N ALA C 64 23.52 23.54 0.33
CA ALA C 64 24.33 22.80 -0.62
C ALA C 64 24.70 23.70 -1.79
N PRO C 65 25.81 23.40 -2.49
CA PRO C 65 26.77 22.35 -2.12
C PRO C 65 27.59 22.73 -0.90
N GLY C 66 27.61 24.02 -0.57
CA GLY C 66 28.29 24.46 0.64
C GLY C 66 29.76 24.10 0.65
N VAL C 67 30.24 23.66 1.82
CA VAL C 67 31.67 23.41 1.99
C VAL C 67 32.16 22.24 1.15
N GLN C 68 31.28 21.30 0.79
CA GLN C 68 31.73 20.16 0.00
C GLN C 68 32.10 20.55 -1.43
N ASP C 69 31.75 21.77 -1.86
CA ASP C 69 32.17 22.26 -3.16
C ASP C 69 33.56 22.87 -3.16
N VAL C 70 34.16 23.10 -2.00
CA VAL C 70 35.41 23.83 -1.86
C VAL C 70 36.56 22.82 -1.81
N TRP C 71 37.38 22.75 -2.87
CA TRP C 71 38.41 21.74 -2.94
C TRP C 71 39.76 22.18 -2.35
N ASP C 72 39.92 23.44 -1.95
CA ASP C 72 41.12 23.83 -1.22
C ASP C 72 40.91 23.58 0.26
N PRO C 73 41.69 22.69 0.88
CA PRO C 73 41.45 22.36 2.30
C PRO C 73 41.39 23.57 3.22
N LYS C 74 42.34 24.50 3.10
CA LYS C 74 42.33 25.66 4.03
C LYS C 74 41.08 26.50 3.83
N GLU C 75 40.74 26.79 2.60
CA GLU C 75 39.53 27.57 2.35
C GLU C 75 38.30 26.83 2.86
N ALA C 76 38.24 25.51 2.65
CA ALA C 76 37.10 24.73 3.09
C ALA C 76 36.93 24.79 4.60
N GLN C 77 38.03 24.57 5.35
CA GLN C 77 37.97 24.64 6.80
C GLN C 77 37.54 26.03 7.29
N ALA C 78 38.10 27.08 6.69
CA ALA C 78 37.72 28.43 7.08
C ALA C 78 36.24 28.68 6.86
N LEU C 79 35.70 28.23 5.72
CA LEU C 79 34.27 28.42 5.49
C LEU C 79 33.45 27.67 6.53
N ALA C 80 33.84 26.43 6.84
CA ALA C 80 33.11 25.67 7.84
C ALA C 80 33.05 26.40 9.18
N VAL C 81 34.19 26.88 9.66
CA VAL C 81 34.22 27.60 10.94
C VAL C 81 33.36 28.85 10.86
N GLU C 82 33.49 29.63 9.77
CA GLU C 82 32.71 30.86 9.65
C GLU C 82 31.21 30.55 9.71
N VAL C 83 30.78 29.52 8.99
CA VAL C 83 29.36 29.18 8.97
C VAL C 83 28.91 28.78 10.36
N ASN C 84 29.68 27.92 11.02
CA ASN C 84 29.28 27.43 12.33
C ASN C 84 29.14 28.57 13.34
N ASP C 85 30.16 29.43 13.42
CA ASP C 85 30.07 30.57 14.33
C ASP C 85 28.91 31.47 13.95
N TYR C 86 28.70 31.66 12.64
CA TYR C 86 27.64 32.56 12.19
C TYR C 86 26.27 32.08 12.60
N ILE C 87 25.97 30.79 12.36
CA ILE C 87 24.61 30.31 12.61
C ILE C 87 24.36 30.20 14.12
N ALA C 88 25.35 29.75 14.89
CA ALA C 88 25.19 29.72 16.34
C ALA C 88 24.79 31.08 16.88
N ASP C 89 25.43 32.15 16.38
CA ASP C 89 25.11 33.49 16.85
C ASP C 89 23.78 33.97 16.31
N ALA C 90 23.41 33.55 15.10
CA ALA C 90 22.18 34.04 14.49
C ALA C 90 20.94 33.48 15.18
N ILE C 91 21.04 32.29 15.78
CA ILE C 91 19.89 31.61 16.37
C ILE C 91 19.84 31.75 17.89
N LYS C 92 20.84 32.40 18.50
CA LYS C 92 20.97 32.31 19.96
C LYS C 92 19.74 32.82 20.69
N ALA C 93 18.96 33.70 20.06
CA ALA C 93 17.81 34.29 20.73
C ALA C 93 16.56 33.40 20.71
N HIS C 94 16.57 32.28 19.99
CA HIS C 94 15.38 31.43 19.83
C HIS C 94 15.72 29.98 20.13
N PRO C 95 16.21 29.69 21.33
CA PRO C 95 16.53 28.30 21.67
C PRO C 95 15.31 27.39 21.70
N ASP C 96 14.11 27.95 21.76
CA ASP C 96 12.89 27.16 21.76
C ASP C 96 12.33 26.90 20.37
N ARG C 97 12.95 27.45 19.32
CA ARG C 97 12.44 27.27 17.97
C ARG C 97 13.49 26.72 17.02
N LEU C 98 14.77 27.03 17.25
CA LEU C 98 15.81 26.77 16.28
C LEU C 98 17.01 26.07 16.91
N GLY C 99 17.48 25.02 16.23
CA GLY C 99 18.79 24.44 16.49
C GLY C 99 19.58 24.40 15.19
N ALA C 100 20.77 23.82 15.26
CA ALA C 100 21.61 23.78 14.07
C ALA C 100 22.41 22.49 13.98
N PHE C 101 22.70 22.07 12.75
CA PHE C 101 23.66 21.01 12.47
C PHE C 101 25.02 21.61 12.17
N ALA C 102 26.06 20.85 12.49
CA ALA C 102 27.41 21.29 12.18
C ALA C 102 27.66 21.29 10.68
N THR C 103 28.36 22.32 10.21
CA THR C 103 28.93 22.36 8.87
C THR C 103 30.40 21.99 8.97
N LEU C 104 30.85 21.10 8.09
CA LEU C 104 32.19 20.52 8.20
C LEU C 104 32.91 20.53 6.86
N SER C 105 34.21 20.77 6.91
CA SER C 105 35.08 20.39 5.80
C SER C 105 35.47 18.93 5.98
N MET C 106 35.26 18.13 4.94
CA MET C 106 35.54 16.70 5.02
C MET C 106 36.79 16.33 4.22
N HIS C 107 37.77 17.22 4.21
CA HIS C 107 39.05 16.91 3.54
C HIS C 107 39.90 16.01 4.44
N ASP C 108 39.80 16.20 5.74
CA ASP C 108 40.63 15.42 6.69
C ASP C 108 39.81 14.92 7.86
N PRO C 109 39.79 13.60 8.10
CA PRO C 109 39.00 13.01 9.18
C PRO C 109 39.22 13.66 10.55
N LYS C 110 40.46 13.77 10.98
CA LYS C 110 40.80 14.36 12.30
C LYS C 110 40.29 15.80 12.39
N GLU C 111 40.59 16.62 11.37
CA GLU C 111 40.15 18.04 11.35
C GLU C 111 38.62 18.11 11.44
N ALA C 112 37.92 17.30 10.63
CA ALA C 112 36.44 17.28 10.65
C ALA C 112 35.99 16.85 12.05
N ALA C 113 36.57 15.84 12.65
CA ALA C 113 36.24 15.39 14.01
C ALA C 113 36.33 16.54 15.01
N GLU C 114 37.43 17.30 14.98
CA GLU C 114 37.66 18.39 15.92
C GLU C 114 36.61 19.47 15.76
N GLU C 115 36.31 19.86 14.54
CA GLU C 115 35.33 20.93 14.35
C GLU C 115 33.95 20.48 14.83
N LEU C 116 33.59 19.23 14.54
CA LEU C 116 32.30 18.72 15.00
C LEU C 116 32.21 18.75 16.52
N ARG C 117 33.23 18.22 17.20
CA ARG C 117 33.23 18.29 18.65
C ARG C 117 33.18 19.73 19.14
N ARG C 118 33.92 20.63 18.49
CA ARG C 118 33.95 22.02 18.95
C ARG C 118 32.57 22.63 18.98
N VAL C 119 31.81 22.49 17.89
CA VAL C 119 30.54 23.21 17.81
C VAL C 119 29.41 22.45 18.50
N VAL C 120 29.49 21.12 18.58
CA VAL C 120 28.52 20.39 19.38
C VAL C 120 28.65 20.80 20.83
N THR C 121 29.90 20.90 21.31
CA THR C 121 30.14 21.26 22.71
C THR C 121 29.81 22.72 22.97
N LYS C 122 30.36 23.64 22.18
CA LYS C 122 30.23 25.05 22.47
C LYS C 122 28.82 25.58 22.18
N TYR C 123 28.23 25.14 21.07
CA TYR C 123 26.99 25.71 20.59
C TYR C 123 25.78 24.79 20.77
N GLY C 124 25.98 23.56 21.19
CA GLY C 124 24.87 22.63 21.32
C GLY C 124 24.27 22.21 20.00
N PHE C 125 25.07 22.14 18.94
CA PHE C 125 24.58 21.65 17.66
C PHE C 125 24.13 20.20 17.80
N LYS C 126 23.10 19.84 17.03
CA LYS C 126 22.39 18.57 17.17
C LYS C 126 23.01 17.44 16.35
N GLY C 127 24.05 17.71 15.59
CA GLY C 127 24.64 16.72 14.71
C GLY C 127 25.40 17.41 13.60
N ALA C 128 25.65 16.67 12.53
CA ALA C 128 26.34 17.20 11.36
C ALA C 128 25.49 16.97 10.12
N LEU C 129 25.55 17.92 9.20
CA LEU C 129 24.95 17.76 7.87
C LEU C 129 26.02 18.05 6.83
N VAL C 130 26.27 17.07 5.97
CA VAL C 130 27.32 17.11 4.96
C VAL C 130 26.70 16.85 3.60
N ASN C 131 27.12 17.62 2.60
CA ASN C 131 26.54 17.51 1.25
C ASN C 131 27.36 16.52 0.42
N ASP C 132 27.17 15.25 0.72
CA ASP C 132 27.72 14.10 -0.04
C ASP C 132 29.26 14.19 -0.02
N THR C 133 29.92 13.85 -1.12
CA THR C 133 31.37 13.75 -1.12
C THR C 133 32.03 15.13 -1.11
N GLN C 134 33.25 15.17 -0.61
CA GLN C 134 34.03 16.39 -0.56
C GLN C 134 34.82 16.55 -1.85
N ARG C 135 34.60 17.65 -2.56
CA ARG C 135 35.42 17.95 -3.72
C ARG C 135 36.87 18.12 -3.30
N ALA C 136 37.78 17.54 -4.08
CA ALA C 136 39.19 17.58 -3.79
C ALA C 136 39.97 17.53 -5.09
N GLY C 137 41.29 17.57 -4.98
CA GLY C 137 42.15 17.55 -6.15
C GLY C 137 42.45 18.95 -6.65
N ALA C 138 43.45 19.02 -7.53
CA ALA C 138 43.96 20.31 -7.99
C ALA C 138 42.83 21.16 -8.57
N ASP C 139 41.94 20.55 -9.35
CA ASP C 139 40.83 21.25 -9.98
C ASP C 139 39.49 20.85 -9.37
N GLY C 140 39.50 20.21 -8.21
CA GLY C 140 38.26 19.80 -7.58
C GLY C 140 37.54 18.69 -8.30
N ASP C 141 38.24 17.91 -9.13
CA ASP C 141 37.61 16.81 -9.84
C ASP C 141 37.61 15.50 -9.07
N ASP C 142 38.27 15.44 -7.93
CA ASP C 142 38.22 14.24 -7.11
C ASP C 142 37.06 14.32 -6.14
N MET C 143 36.68 13.17 -5.59
CA MET C 143 35.61 13.07 -4.62
C MET C 143 36.11 12.27 -3.43
N ILE C 144 35.89 12.78 -2.24
CA ILE C 144 36.22 12.07 -1.02
C ILE C 144 34.93 11.43 -0.50
N PHE C 145 34.89 10.11 -0.53
CA PHE C 145 33.85 9.34 0.16
C PHE C 145 34.31 9.05 1.58
N TYR C 146 33.34 8.83 2.47
CA TYR C 146 33.63 8.66 3.88
C TYR C 146 33.48 7.21 4.34
N ASP C 147 33.59 6.25 3.42
CA ASP C 147 33.42 4.85 3.80
C ASP C 147 34.74 4.08 3.88
N GLY C 148 35.88 4.75 3.70
CA GLY C 148 37.16 4.09 3.83
C GLY C 148 37.61 4.00 5.28
N PRO C 149 38.56 3.11 5.56
CA PRO C 149 39.04 2.96 6.94
C PRO C 149 39.61 4.23 7.54
N GLU C 150 40.18 5.12 6.72
CA GLU C 150 40.76 6.33 7.26
C GLU C 150 39.74 7.20 7.96
N TRP C 151 38.45 6.92 7.78
CA TRP C 151 37.40 7.71 8.41
C TRP C 151 36.94 7.14 9.75
N ASP C 152 37.54 6.05 10.20
CA ASP C 152 37.16 5.49 11.49
C ASP C 152 37.35 6.50 12.61
N VAL C 153 38.43 7.30 12.56
CA VAL C 153 38.66 8.27 13.61
C VAL C 153 37.54 9.32 13.65
N PHE C 154 36.97 9.65 12.48
CA PHE C 154 35.86 10.59 12.47
C PHE C 154 34.58 9.94 13.00
N TRP C 155 34.24 8.76 12.50
CA TRP C 155 33.00 8.12 12.94
C TRP C 155 33.04 7.79 14.44
N SER C 156 34.22 7.47 14.97
CA SER C 156 34.32 7.22 16.41
C SER C 156 34.00 8.48 17.21
N THR C 157 34.36 9.65 16.68
CA THR C 157 33.99 10.90 17.35
C THR C 157 32.48 11.13 17.24
N VAL C 158 31.90 10.83 16.08
CA VAL C 158 30.46 10.95 15.92
C VAL C 158 29.74 10.11 16.97
N THR C 159 30.18 8.87 17.16
CA THR C 159 29.52 8.01 18.14
C THR C 159 29.88 8.40 19.57
N ASP C 160 31.09 8.93 19.79
CA ASP C 160 31.43 9.46 21.11
C ASP C 160 30.47 10.58 21.51
N LEU C 161 30.24 11.53 20.59
CA LEU C 161 29.29 12.60 20.84
C LEU C 161 27.84 12.14 20.82
N ASP C 162 27.56 11.01 20.17
CA ASP C 162 26.20 10.49 20.04
C ASP C 162 25.27 11.51 19.40
N VAL C 163 25.66 11.98 18.23
CA VAL C 163 24.83 12.87 17.42
C VAL C 163 24.70 12.24 16.04
N PRO C 164 23.58 12.42 15.35
CA PRO C 164 23.44 11.83 14.02
C PRO C 164 24.19 12.61 12.94
N PHE C 165 24.38 11.94 11.80
CA PHE C 165 25.04 12.51 10.63
C PHE C 165 24.05 12.48 9.47
N TYR C 166 23.71 13.66 8.95
CA TYR C 166 22.77 13.79 7.85
C TYR C 166 23.53 13.87 6.53
N LEU C 167 23.35 12.86 5.68
CA LEU C 167 24.04 12.76 4.39
C LEU C 167 23.14 13.35 3.31
N HIS C 168 23.37 14.66 2.97
CA HIS C 168 22.64 15.52 2.04
C HIS C 168 23.23 15.39 0.64
N PRO C 169 22.42 15.59 -0.40
CA PRO C 169 22.97 15.51 -1.77
C PRO C 169 23.81 16.72 -2.11
N ARG C 170 24.54 16.60 -3.22
CA ARG C 170 25.27 17.70 -3.82
C ARG C 170 25.16 17.56 -5.33
N ASN C 171 25.38 18.67 -6.04
CA ASN C 171 25.29 18.64 -7.50
C ASN C 171 26.47 17.86 -8.08
N PRO C 172 26.30 17.29 -9.27
CA PRO C 172 27.42 16.63 -9.94
C PRO C 172 28.34 17.66 -10.59
N THR C 173 29.64 17.40 -10.52
CA THR C 173 30.65 18.35 -10.98
C THR C 173 31.72 17.64 -11.80
N GLY C 174 32.55 18.45 -12.45
CA GLY C 174 33.75 17.94 -13.11
C GLY C 174 33.45 16.94 -14.21
N SER C 175 34.32 15.92 -14.32
CA SER C 175 34.22 14.98 -15.42
C SER C 175 32.93 14.17 -15.34
N ILE C 176 32.49 13.81 -14.14
CA ILE C 176 31.23 13.10 -13.98
C ILE C 176 30.08 13.93 -14.54
N HIS C 177 30.04 15.22 -14.19
CA HIS C 177 29.01 16.09 -14.74
C HIS C 177 29.07 16.10 -16.26
N GLU C 178 30.27 16.27 -16.81
CA GLU C 178 30.42 16.38 -18.25
C GLU C 178 29.94 15.11 -18.96
N LYS C 179 30.33 13.95 -18.43
CA LYS C 179 30.09 12.69 -19.14
C LYS C 179 28.65 12.22 -19.03
N LEU C 180 27.97 12.50 -17.92
CA LEU C 180 26.65 11.92 -17.65
C LEU C 180 25.51 12.91 -17.60
N TRP C 181 25.74 14.12 -17.10
CA TRP C 181 24.64 15.02 -16.78
C TRP C 181 24.51 16.24 -17.67
N ALA C 182 25.61 16.71 -18.26
CA ALA C 182 25.57 17.97 -19.01
C ALA C 182 24.55 17.93 -20.14
N LYS C 183 24.43 16.79 -20.82
CA LYS C 183 23.53 16.67 -21.96
C LYS C 183 22.10 16.28 -21.55
N ARG C 184 21.84 16.11 -20.26
CA ARG C 184 20.49 15.92 -19.76
C ARG C 184 20.39 16.66 -18.42
N SER C 185 20.71 17.97 -18.48
CA SER C 185 20.96 18.74 -17.27
C SER C 185 19.71 19.02 -16.46
N TRP C 186 18.52 18.90 -17.05
CA TRP C 186 17.31 19.11 -16.27
C TRP C 186 17.09 18.01 -15.23
N LEU C 187 17.86 16.93 -15.29
CA LEU C 187 17.79 15.86 -14.30
C LEU C 187 18.67 16.15 -13.09
N ILE C 188 19.45 17.22 -13.15
CA ILE C 188 20.35 17.56 -12.02
C ILE C 188 19.50 18.01 -10.81
N GLY C 189 19.84 17.53 -9.64
CA GLY C 189 19.11 17.95 -8.44
C GLY C 189 18.03 16.96 -8.04
N PRO C 190 16.92 17.42 -7.46
CA PRO C 190 15.85 16.55 -7.03
C PRO C 190 15.35 15.51 -8.05
N PRO C 191 15.23 15.93 -9.34
CA PRO C 191 14.75 14.94 -10.32
C PRO C 191 15.50 13.60 -10.30
N LEU C 192 16.82 13.60 -10.18
CA LEU C 192 17.55 12.33 -10.25
C LEU C 192 18.95 12.36 -9.65
N SER C 193 19.78 13.33 -10.07
CA SER C 193 21.20 13.31 -9.72
C SER C 193 21.41 13.26 -8.21
N PHE C 194 20.66 13.99 -7.37
CA PHE C 194 20.77 14.03 -5.89
C PHE C 194 20.68 12.62 -5.29
N ALA C 195 19.59 11.91 -5.52
CA ALA C 195 19.41 10.55 -4.94
C ALA C 195 20.53 9.62 -5.37
N GLN C 196 20.94 9.66 -6.62
CA GLN C 196 21.98 8.74 -7.12
C GLN C 196 23.27 8.92 -6.32
N GLY C 197 23.61 10.16 -6.00
CA GLY C 197 24.81 10.39 -5.23
C GLY C 197 24.69 9.88 -3.80
N VAL C 198 23.60 10.27 -3.12
CA VAL C 198 23.46 9.90 -1.72
C VAL C 198 23.31 8.39 -1.57
N SER C 199 22.52 7.77 -2.46
CA SER C 199 22.30 6.33 -2.35
C SER C 199 23.60 5.56 -2.57
N LEU C 200 24.40 5.96 -3.55
CA LEU C 200 25.71 5.33 -3.75
C LEU C 200 26.57 5.45 -2.50
N HIS C 201 26.61 6.64 -1.90
CA HIS C 201 27.45 6.87 -0.74
C HIS C 201 26.95 6.07 0.46
N ALA C 202 25.65 6.14 0.74
CA ALA C 202 25.09 5.45 1.91
C ALA C 202 25.28 3.94 1.79
N LEU C 203 24.98 3.37 0.61
CA LEU C 203 25.17 1.95 0.45
C LEU C 203 26.65 1.58 0.41
N GLY C 204 27.53 2.51 0.07
CA GLY C 204 28.95 2.29 0.27
C GLY C 204 29.30 2.14 1.74
N MET C 205 28.75 3.00 2.59
CA MET C 205 28.95 2.85 4.03
C MET C 205 28.46 1.49 4.52
N VAL C 206 27.33 1.03 4.00
CA VAL C 206 26.80 -0.28 4.38
C VAL C 206 27.78 -1.38 4.00
N THR C 207 28.10 -1.47 2.71
CA THR C 207 28.86 -2.62 2.23
C THR C 207 30.33 -2.55 2.62
N ASN C 208 30.85 -1.36 2.88
CA ASN C 208 32.24 -1.25 3.33
C ASN C 208 32.34 -1.27 4.85
N GLY C 209 31.25 -1.61 5.55
CA GLY C 209 31.31 -1.94 6.95
C GLY C 209 31.35 -0.79 7.94
N VAL C 210 30.98 0.42 7.52
CA VAL C 210 31.03 1.55 8.46
C VAL C 210 30.16 1.27 9.69
N PHE C 211 28.97 0.70 9.47
CA PHE C 211 28.07 0.41 10.58
C PHE C 211 28.47 -0.83 11.38
N ASP C 212 29.37 -1.65 10.84
CA ASP C 212 29.90 -2.75 11.63
C ASP C 212 30.99 -2.26 12.58
N ARG C 213 31.85 -1.36 12.10
CA ARG C 213 32.86 -0.77 12.96
C ARG C 213 32.27 0.26 13.91
N HIS C 214 31.13 0.85 13.56
CA HIS C 214 30.51 1.92 14.35
C HIS C 214 29.03 1.62 14.53
N PRO C 215 28.71 0.57 15.29
CA PRO C 215 27.30 0.10 15.36
C PRO C 215 26.33 1.11 15.94
N LYS C 216 26.77 2.11 16.70
CA LYS C 216 25.82 3.08 17.23
C LYS C 216 25.62 4.26 16.30
N LEU C 217 26.31 4.29 15.17
CA LEU C 217 26.26 5.42 14.26
C LEU C 217 24.88 5.54 13.61
N GLN C 218 24.33 6.75 13.64
CA GLN C 218 23.03 7.06 13.05
C GLN C 218 23.23 7.97 11.86
N ILE C 219 22.85 7.48 10.67
CA ILE C 219 22.91 8.24 9.43
C ILE C 219 21.49 8.55 8.98
N VAL C 220 21.24 9.81 8.62
CA VAL C 220 19.93 10.27 8.19
C VAL C 220 19.97 10.57 6.70
N LEU C 221 18.96 10.08 5.97
CA LEU C 221 18.84 10.29 4.54
C LEU C 221 17.55 11.04 4.24
N GLY C 222 17.63 12.03 3.37
CA GLY C 222 16.46 12.78 2.99
C GLY C 222 15.66 12.10 1.89
N HIS C 223 14.55 12.75 1.53
CA HIS C 223 13.79 12.39 0.33
C HIS C 223 13.36 10.93 0.36
N LEU C 224 12.88 10.51 1.54
CA LEU C 224 12.36 9.17 1.81
C LEU C 224 13.36 8.07 1.45
N GLY C 225 14.65 8.38 1.56
CA GLY C 225 15.68 7.38 1.43
C GLY C 225 16.38 7.29 0.10
N GLU C 226 16.23 8.30 -0.76
CA GLU C 226 17.00 8.40 -2.00
C GLU C 226 16.93 7.11 -2.82
N HIS C 227 15.69 6.71 -3.13
CA HIS C 227 15.41 5.54 -3.97
C HIS C 227 15.53 4.21 -3.22
N ILE C 228 16.35 4.13 -2.17
CA ILE C 228 16.73 2.82 -1.63
C ILE C 228 15.53 1.99 -1.21
N PRO C 229 14.53 2.50 -0.50
CA PRO C 229 13.41 1.65 -0.08
C PRO C 229 12.69 0.98 -1.24
N PHE C 230 12.65 1.61 -2.40
CA PHE C 230 12.00 0.99 -3.56
C PHE C 230 12.64 -0.35 -3.88
N ASP C 231 13.96 -0.45 -3.74
CA ASP C 231 14.70 -1.66 -4.08
C ASP C 231 15.06 -2.49 -2.86
N MET C 232 14.43 -2.23 -1.71
CA MET C 232 14.79 -2.95 -0.49
C MET C 232 14.75 -4.45 -0.71
N TRP C 233 13.66 -4.94 -1.33
CA TRP C 233 13.57 -6.38 -1.60
C TRP C 233 14.69 -6.84 -2.51
N ARG C 234 14.94 -6.07 -3.57
CA ARG C 234 15.95 -6.44 -4.57
C ARG C 234 17.35 -6.38 -3.97
N ILE C 235 17.66 -5.30 -3.25
CA ILE C 235 18.97 -5.20 -2.60
C ILE C 235 19.16 -6.35 -1.61
N ASN C 236 18.14 -6.61 -0.79
CA ASN C 236 18.25 -7.68 0.21
C ASN C 236 18.47 -9.03 -0.46
N HIS C 237 17.66 -9.33 -1.48
CA HIS C 237 17.79 -10.58 -2.22
C HIS C 237 19.21 -10.74 -2.78
N TRP C 238 19.72 -9.72 -3.45
CA TRP C 238 21.03 -9.88 -4.07
C TRP C 238 22.15 -9.86 -3.04
N PHE C 239 22.02 -9.08 -1.97
CA PHE C 239 23.02 -9.10 -0.92
C PHE C 239 23.07 -10.46 -0.23
N GLU C 240 21.92 -10.95 0.21
CA GLU C 240 21.90 -12.15 1.06
C GLU C 240 22.13 -13.42 0.25
N ASP C 241 21.57 -13.51 -0.96
CA ASP C 241 21.57 -14.77 -1.70
C ASP C 241 22.70 -14.89 -2.70
N ILE C 242 23.36 -13.79 -3.07
CA ILE C 242 24.36 -13.87 -4.13
C ILE C 242 25.66 -13.16 -3.72
N LYS C 243 25.56 -11.87 -3.38
CA LYS C 243 26.77 -11.09 -3.13
C LYS C 243 27.54 -11.60 -1.92
N LYS C 244 26.84 -11.91 -0.82
CA LYS C 244 27.55 -12.38 0.37
C LYS C 244 28.25 -13.71 0.11
N PRO C 245 27.60 -14.71 -0.48
CA PRO C 245 28.36 -15.92 -0.86
C PRO C 245 29.58 -15.62 -1.71
N LEU C 246 29.56 -14.54 -2.48
CA LEU C 246 30.69 -14.21 -3.37
C LEU C 246 31.79 -13.41 -2.65
N GLY C 247 31.50 -12.83 -1.48
CA GLY C 247 32.53 -12.05 -0.79
C GLY C 247 32.04 -10.84 -0.01
N LEU C 248 30.81 -10.37 -0.23
CA LEU C 248 30.33 -9.22 0.56
C LEU C 248 30.42 -9.59 2.04
N SER C 249 31.04 -8.73 2.83
CA SER C 249 31.34 -9.11 4.22
C SER C 249 30.68 -8.21 5.26
N CYS C 250 29.66 -7.46 4.90
CA CYS C 250 28.96 -6.66 5.94
C CYS C 250 28.24 -7.63 6.88
N LYS C 251 28.18 -7.31 8.16
CA LYS C 251 27.64 -8.24 9.16
C LYS C 251 26.13 -8.46 9.05
N LEU C 252 25.37 -7.40 8.84
CA LEU C 252 23.89 -7.51 8.87
C LEU C 252 23.27 -7.44 7.48
N THR C 253 21.97 -7.64 7.44
CA THR C 253 21.20 -7.49 6.20
C THR C 253 20.89 -6.01 6.00
N ILE C 254 20.53 -5.66 4.79
CA ILE C 254 20.21 -4.26 4.54
C ILE C 254 19.05 -3.83 5.41
N ARG C 255 18.11 -4.73 5.70
CA ARG C 255 16.97 -4.37 6.54
C ARG C 255 17.41 -4.12 7.98
N GLU C 256 18.39 -4.90 8.45
CA GLU C 256 18.86 -4.68 9.82
C GLU C 256 19.55 -3.32 9.96
N TYR C 257 20.32 -2.91 8.94
CA TYR C 257 20.96 -1.60 8.99
C TYR C 257 19.91 -0.49 8.98
N PHE C 258 18.81 -0.69 8.26
CA PHE C 258 17.73 0.29 8.27
C PHE C 258 16.94 0.29 9.56
N ALA C 259 17.05 -0.76 10.36
CA ALA C 259 16.39 -0.76 11.67
C ALA C 259 17.28 -0.20 12.77
N ARG C 260 18.60 -0.20 12.58
CA ARG C 260 19.54 0.15 13.64
C ARG C 260 20.34 1.42 13.38
N ASN C 261 20.64 1.74 12.13
CA ASN C 261 21.61 2.79 11.82
C ASN C 261 21.07 3.88 10.90
N LEU C 262 20.10 3.56 10.06
CA LEU C 262 19.68 4.48 9.02
C LEU C 262 18.31 5.08 9.34
N TRP C 263 18.12 6.31 8.90
CA TRP C 263 16.87 7.04 9.02
C TRP C 263 16.54 7.64 7.66
N ILE C 264 15.26 7.88 7.42
CA ILE C 264 14.83 8.64 6.25
C ILE C 264 13.89 9.73 6.71
N THR C 265 13.87 10.84 5.97
CA THR C 265 12.96 11.94 6.22
C THR C 265 12.07 12.17 5.01
N THR C 266 11.02 12.94 5.21
CA THR C 266 10.07 13.27 4.15
C THR C 266 10.46 14.50 3.35
N SER C 267 11.68 15.00 3.51
CA SER C 267 12.09 16.21 2.81
C SER C 267 11.80 16.14 1.32
N GLY C 268 11.11 17.16 0.81
CA GLY C 268 10.87 17.28 -0.63
C GLY C 268 10.22 16.05 -1.25
N HIS C 269 9.47 15.28 -0.46
CA HIS C 269 8.85 14.06 -0.97
C HIS C 269 7.51 13.91 -0.26
N PHE C 270 6.59 14.82 -0.58
CA PHE C 270 5.30 14.90 0.11
C PHE C 270 4.28 13.99 -0.56
N SER C 271 4.64 12.70 -0.61
CA SER C 271 3.88 11.70 -1.35
C SER C 271 3.26 10.74 -0.36
N THR C 272 1.93 10.80 -0.24
CA THR C 272 1.22 9.85 0.59
C THR C 272 1.47 8.42 0.11
N SER C 273 1.44 8.22 -1.21
CA SER C 273 1.76 6.92 -1.81
C SER C 273 3.11 6.38 -1.34
N THR C 274 4.18 7.17 -1.53
CA THR C 274 5.52 6.67 -1.20
C THR C 274 5.71 6.53 0.29
N LEU C 275 5.12 7.43 1.09
CA LEU C 275 5.19 7.30 2.54
C LEU C 275 4.53 6.00 2.99
N GLN C 276 3.33 5.73 2.50
CA GLN C 276 2.64 4.50 2.87
C GLN C 276 3.50 3.29 2.51
N PHE C 277 4.11 3.30 1.33
CA PHE C 277 5.03 2.24 0.94
C PHE C 277 6.20 2.11 1.92
N CYS C 278 6.76 3.25 2.38
CA CYS C 278 7.88 3.20 3.29
C CYS C 278 7.49 2.81 4.71
N LEU C 279 6.22 2.92 5.06
CA LEU C 279 5.76 2.37 6.33
C LEU C 279 6.02 0.87 6.41
N GLY C 280 5.96 0.18 5.28
CA GLY C 280 6.28 -1.22 5.21
C GLY C 280 7.76 -1.48 5.07
N GLU C 281 8.41 -0.79 4.11
CA GLU C 281 9.81 -1.12 3.81
C GLU C 281 10.77 -0.60 4.86
N VAL C 282 10.42 0.50 5.54
CA VAL C 282 11.31 1.14 6.50
C VAL C 282 10.70 1.21 7.90
N GLY C 283 9.43 1.59 8.02
CA GLY C 283 8.77 1.60 9.31
C GLY C 283 8.70 2.96 9.96
N ALA C 284 7.55 3.26 10.57
CA ALA C 284 7.34 4.59 11.13
C ALA C 284 8.32 4.95 12.22
N ASP C 285 8.95 3.96 12.88
CA ASP C 285 9.91 4.27 13.92
C ASP C 285 11.16 4.93 13.37
N ARG C 286 11.40 4.83 12.06
CA ARG C 286 12.64 5.28 11.45
C ARG C 286 12.41 6.34 10.38
N ILE C 287 11.25 7.00 10.39
CA ILE C 287 10.91 8.03 9.41
C ILE C 287 10.71 9.34 10.15
N LEU C 288 11.26 10.42 9.59
CA LEU C 288 11.23 11.74 10.19
C LEU C 288 10.59 12.75 9.25
N PHE C 289 9.73 13.62 9.79
CA PHE C 289 9.22 14.73 9.01
C PHE C 289 10.37 15.70 8.70
N SER C 290 10.33 16.28 7.51
CA SER C 290 11.23 17.36 7.13
C SER C 290 10.67 18.02 5.87
N ILE C 291 11.22 19.19 5.54
CA ILE C 291 10.63 20.07 4.54
C ILE C 291 11.55 20.25 3.33
N ASP C 292 12.83 20.56 3.56
CA ASP C 292 13.75 21.01 2.51
C ASP C 292 13.48 22.47 2.17
N TYR C 293 13.20 23.27 3.19
CA TYR C 293 13.03 24.70 3.03
C TYR C 293 14.38 25.38 2.78
N PRO C 294 14.43 26.43 1.95
CA PRO C 294 13.34 27.06 1.20
C PRO C 294 13.16 26.54 -0.22
N PHE C 295 13.89 25.49 -0.60
CA PHE C 295 13.69 24.89 -1.92
C PHE C 295 12.26 24.39 -2.06
N GLU C 296 11.71 23.83 -0.99
CA GLU C 296 10.29 23.57 -0.83
C GLU C 296 9.71 24.62 0.12
N ASN C 297 8.42 24.88 0.01
CA ASN C 297 7.79 25.84 0.91
C ASN C 297 7.03 25.11 2.04
N PHE C 298 6.89 25.82 3.16
CA PHE C 298 6.22 25.25 4.33
C PHE C 298 4.82 24.76 3.99
N SER C 299 4.07 25.56 3.22
CA SER C 299 2.67 25.24 2.98
C SER C 299 2.53 23.89 2.29
N ASP C 300 3.37 23.65 1.29
CA ASP C 300 3.34 22.36 0.61
C ASP C 300 3.58 21.21 1.58
N ALA C 301 4.66 21.28 2.37
CA ALA C 301 5.03 20.19 3.26
C ALA C 301 4.01 20.01 4.38
N CYS C 302 3.56 21.10 4.99
CA CYS C 302 2.78 20.99 6.21
C CYS C 302 1.30 20.81 5.94
N THR C 303 0.79 21.39 4.86
CA THR C 303 -0.56 21.03 4.43
C THR C 303 -0.64 19.55 4.13
N TRP C 304 0.36 19.00 3.46
CA TRP C 304 0.37 17.58 3.17
C TRP C 304 0.45 16.77 4.47
N TYR C 305 1.43 17.06 5.31
CA TYR C 305 1.58 16.23 6.50
C TYR C 305 0.37 16.36 7.41
N ASP C 306 -0.08 17.59 7.66
CA ASP C 306 -1.20 17.78 8.56
C ASP C 306 -2.44 17.05 8.07
N GLY C 307 -2.61 16.93 6.75
CA GLY C 307 -3.75 16.23 6.22
C GLY C 307 -3.64 14.72 6.11
N LEU C 308 -2.48 14.15 6.48
CA LEU C 308 -2.30 12.71 6.34
C LEU C 308 -3.32 11.94 7.16
N ALA C 309 -4.05 11.04 6.50
CA ALA C 309 -5.04 10.21 7.17
C ALA C 309 -4.42 8.85 7.49
N ILE C 310 -3.55 8.87 8.50
CA ILE C 310 -2.87 7.67 8.98
C ILE C 310 -3.06 7.58 10.48
N ASN C 311 -2.66 6.45 11.06
CA ASN C 311 -2.90 6.22 12.48
C ASN C 311 -2.18 7.25 13.35
N ASP C 312 -2.77 7.54 14.50
CA ASP C 312 -2.29 8.64 15.33
C ASP C 312 -0.88 8.37 15.88
N VAL C 313 -0.59 7.12 16.20
CA VAL C 313 0.71 6.80 16.77
C VAL C 313 1.82 7.18 15.80
N ASP C 314 1.74 6.67 14.57
CA ASP C 314 2.79 6.93 13.60
C ASP C 314 2.84 8.40 13.19
N LYS C 315 1.70 9.07 13.14
CA LYS C 315 1.70 10.48 12.73
C LYS C 315 2.46 11.36 13.71
N ARG C 316 2.28 11.13 15.00
CA ARG C 316 3.04 11.88 16.00
C ARG C 316 4.51 11.44 16.04
N LYS C 317 4.78 10.14 15.89
CA LYS C 317 6.17 9.69 15.84
C LYS C 317 6.93 10.36 14.70
N ILE C 318 6.40 10.26 13.48
CA ILE C 318 7.06 10.86 12.32
C ILE C 318 7.06 12.37 12.43
N GLY C 319 5.96 12.93 12.96
CA GLY C 319 5.84 14.38 13.02
C GLY C 319 6.79 15.04 14.01
N LYS C 320 7.06 14.39 15.14
CA LYS C 320 7.92 15.05 16.12
C LYS C 320 8.58 14.12 17.14
N ASP C 321 7.91 13.05 17.55
CA ASP C 321 8.43 12.27 18.68
C ASP C 321 9.70 11.51 18.30
N ASN C 322 9.80 11.05 17.06
CA ASN C 322 11.04 10.41 16.61
C ASN C 322 12.20 11.39 16.71
N ALA C 323 12.01 12.61 16.19
CA ALA C 323 13.08 13.60 16.22
C ALA C 323 13.40 14.03 17.63
N LYS C 324 12.38 14.18 18.49
CA LYS C 324 12.64 14.61 19.86
C LYS C 324 13.56 13.63 20.57
N LYS C 325 13.33 12.32 20.38
CA LYS C 325 14.23 11.34 20.99
C LYS C 325 15.55 11.21 20.25
N LEU C 326 15.53 11.21 18.92
CA LEU C 326 16.79 11.02 18.19
C LEU C 326 17.77 12.15 18.42
N PHE C 327 17.29 13.39 18.41
CA PHE C 327 18.18 14.54 18.57
C PHE C 327 18.18 15.09 19.99
N LYS C 328 17.64 14.34 20.95
CA LYS C 328 17.64 14.74 22.35
C LYS C 328 17.17 16.18 22.49
N LEU C 329 16.04 16.46 21.88
CA LEU C 329 15.60 17.84 21.82
C LEU C 329 15.07 18.30 23.16
N PRO C 330 15.37 19.54 23.55
CA PRO C 330 14.79 20.12 24.76
C PRO C 330 13.33 20.44 24.52
N GLN C 331 12.63 20.75 25.60
CA GLN C 331 11.30 21.32 25.47
C GLN C 331 11.32 22.40 24.38
N PHE C 332 10.51 22.23 23.33
CA PHE C 332 10.38 23.35 22.41
C PHE C 332 8.92 23.81 22.31
N TYR C 333 8.70 24.84 21.49
CA TYR C 333 7.39 25.45 21.32
C TYR C 333 6.36 24.40 20.86
N GLN C 334 5.35 24.17 21.72
CA GLN C 334 4.25 23.24 21.45
C GLN C 334 4.74 21.81 21.27
N SER C 335 5.91 21.47 21.81
CA SER C 335 6.44 20.11 21.69
C SER C 335 5.61 19.09 22.46
N GLU C 336 4.76 19.53 23.39
CA GLU C 336 3.93 18.62 24.16
C GLU C 336 2.48 18.65 23.68
N MET D 2 -9.44 16.94 -12.29
CA MET D 2 -9.92 16.31 -13.50
C MET D 2 -11.33 16.76 -13.84
N LEU D 3 -11.55 17.13 -15.10
CA LEU D 3 -12.86 17.58 -15.55
C LEU D 3 -13.67 16.42 -16.12
N GLY D 4 -14.98 16.61 -16.18
CA GLY D 4 -15.86 15.62 -16.77
C GLY D 4 -16.09 14.38 -15.94
N LYS D 5 -15.86 14.45 -14.62
CA LYS D 5 -16.08 13.29 -13.78
C LYS D 5 -17.55 12.88 -13.81
N VAL D 6 -17.79 11.59 -13.57
CA VAL D 6 -19.15 11.02 -13.51
C VAL D 6 -19.42 10.51 -12.09
N ALA D 7 -20.54 10.90 -11.50
CA ALA D 7 -20.90 10.40 -10.14
C ALA D 7 -22.25 9.69 -10.23
N LEU D 8 -22.47 8.64 -9.44
CA LEU D 8 -23.70 7.84 -9.61
C LEU D 8 -24.32 7.30 -8.32
N GLU D 9 -24.05 7.93 -7.17
CA GLU D 9 -24.77 7.61 -5.92
C GLU D 9 -25.29 8.96 -5.42
N GLU D 10 -26.01 9.66 -6.28
CA GLU D 10 -26.44 11.05 -6.03
C GLU D 10 -27.95 11.07 -5.80
N ALA D 11 -28.36 11.50 -4.62
CA ALA D 11 -29.78 11.37 -4.23
C ALA D 11 -30.62 12.61 -4.43
N PHE D 12 -31.91 12.38 -4.50
CA PHE D 12 -32.94 13.44 -4.54
C PHE D 12 -34.13 12.95 -3.72
N ALA D 13 -34.93 13.90 -3.23
CA ALA D 13 -36.14 13.57 -2.47
C ALA D 13 -37.34 14.26 -3.12
N LEU D 14 -38.55 13.76 -2.90
CA LEU D 14 -39.76 14.42 -3.43
C LEU D 14 -39.97 15.65 -2.57
N PRO D 15 -40.23 16.84 -3.12
CA PRO D 15 -40.46 18.02 -2.29
C PRO D 15 -41.65 17.91 -1.33
N ARG D 16 -42.65 17.11 -1.62
CA ARG D 16 -43.82 16.98 -0.72
C ARG D 16 -43.48 16.25 0.58
N HIS D 17 -42.36 15.55 0.64
CA HIS D 17 -42.04 14.74 1.83
C HIS D 17 -41.27 15.55 2.87
N LYS D 18 -41.80 16.71 3.23
CA LYS D 18 -41.12 17.65 4.16
C LYS D 18 -40.72 16.97 5.47
N GLU D 19 -41.62 16.19 6.08
CA GLU D 19 -41.32 15.54 7.37
C GLU D 19 -40.29 14.42 7.21
N ARG D 20 -40.52 13.50 6.28
CA ARG D 20 -39.59 12.35 6.03
C ARG D 20 -38.18 12.89 5.74
N THR D 21 -38.02 13.92 4.92
CA THR D 21 -36.70 14.50 4.62
C THR D 21 -36.06 15.04 5.92
N ARG D 22 -36.86 15.67 6.77
CA ARG D 22 -36.37 16.22 8.06
C ARG D 22 -35.88 15.10 8.97
N TRP D 23 -36.64 14.02 9.03
CA TRP D 23 -36.31 12.85 9.87
C TRP D 23 -34.97 12.27 9.42
N TRP D 24 -34.84 11.98 8.14
CA TRP D 24 -33.59 11.43 7.64
C TRP D 24 -32.44 12.39 7.85
N ALA D 25 -32.67 13.69 7.58
CA ALA D 25 -31.64 14.68 7.83
C ALA D 25 -31.24 14.73 9.30
N GLY D 26 -32.20 14.51 10.20
CA GLY D 26 -31.91 14.51 11.62
C GLY D 26 -30.97 13.41 12.04
N LEU D 27 -30.86 12.35 11.24
CA LEU D 27 -29.90 11.29 11.53
C LEU D 27 -28.54 11.53 10.89
N PHE D 28 -28.50 12.19 9.73
CA PHE D 28 -27.28 12.17 8.92
C PHE D 28 -26.82 13.53 8.41
N ALA D 29 -27.39 14.63 8.87
CA ALA D 29 -26.94 15.94 8.39
C ALA D 29 -27.01 16.96 9.52
N ILE D 30 -26.00 17.83 9.57
CA ILE D 30 -25.95 18.83 10.65
C ILE D 30 -26.76 20.07 10.34
N ASP D 31 -27.11 20.30 9.07
CA ASP D 31 -27.90 21.46 8.64
C ASP D 31 -29.16 20.99 7.93
N PRO D 32 -30.21 20.62 8.66
CA PRO D 32 -31.38 20.02 8.01
C PRO D 32 -31.99 20.91 6.95
N ASP D 33 -32.03 22.23 7.18
CA ASP D 33 -32.61 23.14 6.20
C ASP D 33 -31.80 23.14 4.90
N LYS D 34 -30.49 23.35 4.99
CA LYS D 34 -29.66 23.28 3.79
C LYS D 34 -29.77 21.92 3.13
N HIS D 35 -29.72 20.85 3.93
CA HIS D 35 -29.86 19.51 3.38
C HIS D 35 -31.14 19.38 2.57
N ALA D 36 -32.26 19.78 3.15
CA ALA D 36 -33.54 19.65 2.46
C ALA D 36 -33.52 20.41 1.15
N ALA D 37 -33.02 21.65 1.17
CA ALA D 37 -32.98 22.44 -0.06
C ALA D 37 -32.15 21.75 -1.13
N GLU D 38 -31.02 21.15 -0.74
CA GLU D 38 -30.15 20.54 -1.73
C GLU D 38 -30.67 19.18 -2.21
N ILE D 39 -31.25 18.38 -1.31
CA ILE D 39 -31.76 17.08 -1.75
C ILE D 39 -33.03 17.24 -2.58
N ASN D 40 -33.73 18.37 -2.46
CA ASN D 40 -34.90 18.60 -3.30
C ASN D 40 -34.52 19.19 -4.66
N ASP D 41 -33.44 19.96 -4.71
CA ASP D 41 -33.05 20.66 -5.92
C ASP D 41 -32.45 19.70 -6.95
N ILE D 42 -32.89 19.85 -8.20
CA ILE D 42 -32.42 19.00 -9.28
C ILE D 42 -31.51 19.76 -10.26
N THR D 43 -31.88 21.00 -10.62
CA THR D 43 -31.22 21.68 -11.73
C THR D 43 -30.50 22.96 -11.35
N GLU D 44 -30.64 23.44 -10.11
CA GLU D 44 -30.04 24.72 -9.77
C GLU D 44 -28.73 24.54 -9.03
N GLN D 45 -28.79 24.44 -7.69
CA GLN D 45 -27.56 24.29 -6.90
C GLN D 45 -26.77 23.06 -7.33
N ARG D 46 -27.48 21.97 -7.67
CA ARG D 46 -26.80 20.73 -8.03
C ARG D 46 -25.86 20.93 -9.23
N ILE D 47 -26.38 21.52 -10.30
CA ILE D 47 -25.53 21.75 -11.48
C ILE D 47 -24.46 22.80 -11.19
N LYS D 48 -24.77 23.81 -10.38
CA LYS D 48 -23.76 24.77 -9.96
C LYS D 48 -22.60 24.06 -9.28
N TYR D 49 -22.90 23.11 -8.39
CA TYR D 49 -21.86 22.31 -7.75
C TYR D 49 -21.06 21.52 -8.79
N MET D 50 -21.76 20.87 -9.72
CA MET D 50 -21.05 20.12 -10.76
C MET D 50 -20.10 21.03 -11.53
N ASN D 51 -20.56 22.24 -11.87
CA ASN D 51 -19.72 23.16 -12.63
C ASN D 51 -18.52 23.60 -11.80
N GLU D 52 -18.67 23.75 -10.47
CA GLU D 52 -17.49 24.13 -9.67
C GLU D 52 -16.49 23.04 -9.44
N HIS D 53 -16.88 21.80 -9.56
CA HIS D 53 -16.02 20.75 -9.05
C HIS D 53 -15.71 19.71 -10.12
N GLY D 54 -15.80 20.09 -11.40
CA GLY D 54 -15.36 19.22 -12.46
C GLY D 54 -16.16 17.95 -12.62
N VAL D 55 -17.46 18.00 -12.36
CA VAL D 55 -18.34 16.86 -12.58
C VAL D 55 -19.16 17.16 -13.83
N GLY D 56 -18.98 16.34 -14.86
CA GLY D 56 -19.72 16.57 -16.09
C GLY D 56 -21.10 15.95 -16.10
N TYR D 57 -21.26 14.83 -15.39
CA TYR D 57 -22.48 14.03 -15.48
C TYR D 57 -22.71 13.32 -14.15
N THR D 58 -23.95 13.32 -13.68
CA THR D 58 -24.32 12.53 -12.52
C THR D 58 -25.62 11.80 -12.80
N ILE D 59 -25.69 10.54 -12.36
CA ILE D 59 -26.89 9.74 -12.44
C ILE D 59 -27.59 9.85 -11.09
N LEU D 60 -28.81 10.34 -11.10
CA LEU D 60 -29.56 10.59 -9.88
C LEU D 60 -30.36 9.36 -9.46
N SER D 61 -30.60 9.26 -8.15
CA SER D 61 -31.32 8.12 -7.58
C SER D 61 -32.17 8.62 -6.40
N TYR D 62 -33.21 7.84 -6.09
CA TYR D 62 -34.15 8.24 -5.04
C TYR D 62 -33.56 8.02 -3.65
N THR D 63 -33.79 8.98 -2.77
CA THR D 63 -33.22 8.95 -1.42
C THR D 63 -33.58 7.66 -0.69
N ALA D 64 -32.67 7.20 0.15
CA ALA D 64 -32.95 6.08 1.04
C ALA D 64 -33.69 6.56 2.27
N PRO D 65 -34.43 5.67 2.96
CA PRO D 65 -34.71 4.28 2.57
C PRO D 65 -35.65 4.20 1.40
N GLY D 66 -36.33 5.31 1.12
CA GLY D 66 -37.15 5.40 -0.08
C GLY D 66 -38.19 4.31 -0.11
N VAL D 67 -38.38 3.73 -1.30
CA VAL D 67 -39.46 2.78 -1.50
C VAL D 67 -39.25 1.50 -0.70
N GLN D 68 -38.01 1.18 -0.35
CA GLN D 68 -37.76 -0.02 0.43
C GLN D 68 -38.26 0.09 1.87
N ASP D 69 -38.63 1.30 2.32
CA ASP D 69 -39.22 1.47 3.63
C ASP D 69 -40.73 1.21 3.66
N VAL D 70 -41.37 1.09 2.50
CA VAL D 70 -42.83 1.01 2.38
C VAL D 70 -43.21 -0.45 2.30
N TRP D 71 -43.83 -0.99 3.36
CA TRP D 71 -44.14 -2.42 3.38
C TRP D 71 -45.52 -2.76 2.82
N ASP D 72 -46.34 -1.78 2.46
CA ASP D 72 -47.58 -2.07 1.75
C ASP D 72 -47.31 -2.14 0.25
N PRO D 73 -47.53 -3.30 -0.39
CA PRO D 73 -47.17 -3.42 -1.82
C PRO D 73 -47.75 -2.33 -2.72
N LYS D 74 -49.03 -2.03 -2.56
CA LYS D 74 -49.67 -1.05 -3.46
C LYS D 74 -49.11 0.35 -3.21
N GLU D 75 -48.99 0.71 -1.96
CA GLU D 75 -48.43 2.02 -1.65
C GLU D 75 -47.00 2.15 -2.18
N ALA D 76 -46.21 1.09 -2.03
CA ALA D 76 -44.82 1.12 -2.49
C ALA D 76 -44.75 1.27 -4.00
N GLN D 77 -45.55 0.47 -4.72
CA GLN D 77 -45.56 0.57 -6.17
C GLN D 77 -45.97 1.97 -6.62
N ALA D 78 -46.98 2.54 -5.98
CA ALA D 78 -47.44 3.88 -6.32
C ALA D 78 -46.31 4.89 -6.16
N LEU D 79 -45.57 4.81 -5.05
CA LEU D 79 -44.47 5.74 -4.83
C LEU D 79 -43.38 5.58 -5.89
N ALA D 80 -43.03 4.35 -6.23
CA ALA D 80 -42.01 4.12 -7.25
C ALA D 80 -42.41 4.76 -8.57
N VAL D 81 -43.64 4.52 -9.01
CA VAL D 81 -44.10 5.12 -10.26
C VAL D 81 -44.05 6.64 -10.16
N GLU D 82 -44.51 7.19 -9.04
CA GLU D 82 -44.49 8.64 -8.85
C GLU D 82 -43.07 9.18 -8.96
N VAL D 83 -42.13 8.52 -8.28
CA VAL D 83 -40.74 9.00 -8.30
C VAL D 83 -40.16 8.93 -9.71
N ASN D 84 -40.39 7.81 -10.40
CA ASN D 84 -39.81 7.64 -11.73
C ASN D 84 -40.32 8.71 -12.70
N ASP D 85 -41.64 8.93 -12.75
CA ASP D 85 -42.17 9.97 -13.62
C ASP D 85 -41.63 11.34 -13.21
N TYR D 86 -41.54 11.59 -11.91
CA TYR D 86 -41.11 12.91 -11.44
C TYR D 86 -39.70 13.23 -11.87
N ILE D 87 -38.76 12.31 -11.65
CA ILE D 87 -37.37 12.62 -11.94
C ILE D 87 -37.12 12.68 -13.45
N ALA D 88 -37.75 11.78 -14.21
CA ALA D 88 -37.63 11.85 -15.67
C ALA D 88 -38.03 13.22 -16.17
N ASP D 89 -39.13 13.77 -15.63
CA ASP D 89 -39.56 15.11 -16.05
C ASP D 89 -38.66 16.19 -15.49
N ALA D 90 -38.10 15.98 -14.29
CA ALA D 90 -37.31 17.02 -13.64
C ALA D 90 -35.96 17.23 -14.33
N ILE D 91 -35.43 16.19 -14.98
CA ILE D 91 -34.10 16.26 -15.58
C ILE D 91 -34.13 16.49 -17.09
N LYS D 92 -35.31 16.49 -17.71
CA LYS D 92 -35.39 16.38 -19.17
C LYS D 92 -34.66 17.50 -19.89
N ALA D 93 -34.50 18.66 -19.28
CA ALA D 93 -33.87 19.80 -19.95
C ALA D 93 -32.34 19.73 -19.94
N HIS D 94 -31.74 18.77 -19.24
CA HIS D 94 -30.29 18.68 -19.10
C HIS D 94 -29.83 17.27 -19.41
N PRO D 95 -30.11 16.77 -20.62
CA PRO D 95 -29.70 15.40 -20.96
C PRO D 95 -28.19 15.22 -21.02
N ASP D 96 -27.42 16.30 -21.12
CA ASP D 96 -25.96 16.20 -21.14
C ASP D 96 -25.33 16.32 -19.76
N ARG D 97 -26.12 16.52 -18.71
CA ARG D 97 -25.58 16.63 -17.36
C ARG D 97 -26.18 15.64 -16.38
N LEU D 98 -27.43 15.22 -16.57
CA LEU D 98 -28.15 14.41 -15.59
C LEU D 98 -28.78 13.19 -16.25
N GLY D 99 -28.61 12.04 -15.62
CA GLY D 99 -29.39 10.85 -15.91
C GLY D 99 -30.07 10.36 -14.63
N ALA D 100 -30.74 9.23 -14.75
CA ALA D 100 -31.43 8.72 -13.58
C ALA D 100 -31.38 7.20 -13.54
N PHE D 101 -31.35 6.67 -12.31
CA PHE D 101 -31.57 5.25 -12.05
C PHE D 101 -33.04 5.04 -11.74
N ALA D 102 -33.53 3.85 -12.05
CA ALA D 102 -34.90 3.51 -11.72
C ALA D 102 -35.08 3.35 -10.21
N THR D 103 -36.21 3.83 -9.71
CA THR D 103 -36.68 3.53 -8.36
C THR D 103 -37.71 2.41 -8.49
N LEU D 104 -37.61 1.41 -7.62
CA LEU D 104 -38.44 0.22 -7.77
C LEU D 104 -39.05 -0.20 -6.45
N SER D 105 -40.30 -0.69 -6.52
CA SER D 105 -40.83 -1.53 -5.46
C SER D 105 -40.35 -2.95 -5.70
N MET D 106 -39.72 -3.55 -4.67
CA MET D 106 -39.18 -4.90 -4.78
C MET D 106 -40.02 -5.90 -3.99
N HIS D 107 -41.33 -5.67 -3.91
CA HIS D 107 -42.21 -6.64 -3.28
C HIS D 107 -42.45 -7.85 -4.17
N ASP D 108 -42.49 -7.64 -5.49
CA ASP D 108 -42.81 -8.72 -6.41
C ASP D 108 -41.90 -8.69 -7.63
N PRO D 109 -41.17 -9.77 -7.90
CA PRO D 109 -40.22 -9.76 -9.03
C PRO D 109 -40.82 -9.30 -10.35
N LYS D 110 -41.97 -9.87 -10.74
CA LYS D 110 -42.56 -9.51 -12.03
C LYS D 110 -42.91 -8.03 -12.07
N GLU D 111 -43.53 -7.51 -11.02
CA GLU D 111 -43.89 -6.10 -10.99
C GLU D 111 -42.66 -5.21 -11.08
N ALA D 112 -41.61 -5.54 -10.32
CA ALA D 112 -40.39 -4.75 -10.38
C ALA D 112 -39.76 -4.79 -11.77
N ALA D 113 -39.70 -5.97 -12.41
CA ALA D 113 -39.13 -6.11 -13.75
C ALA D 113 -39.85 -5.22 -14.75
N GLU D 114 -41.17 -5.21 -14.64
CA GLU D 114 -42.11 -4.50 -15.50
C GLU D 114 -41.86 -3.00 -15.43
N GLU D 115 -41.75 -2.47 -14.20
CA GLU D 115 -41.51 -1.06 -13.97
C GLU D 115 -40.12 -0.65 -14.44
N LEU D 116 -39.11 -1.48 -14.19
CA LEU D 116 -37.77 -1.20 -14.69
C LEU D 116 -37.79 -1.11 -16.21
N ARG D 117 -38.41 -2.08 -16.87
CA ARG D 117 -38.52 -2.04 -18.32
C ARG D 117 -39.23 -0.77 -18.77
N ARG D 118 -40.32 -0.39 -18.10
CA ARG D 118 -41.07 0.78 -18.50
C ARG D 118 -40.19 2.03 -18.53
N VAL D 119 -39.44 2.27 -17.45
CA VAL D 119 -38.71 3.53 -17.35
C VAL D 119 -37.38 3.47 -18.11
N VAL D 120 -36.80 2.27 -18.26
CA VAL D 120 -35.60 2.16 -19.08
C VAL D 120 -35.93 2.49 -20.54
N THR D 121 -36.97 1.86 -21.08
CA THR D 121 -37.34 2.06 -22.47
C THR D 121 -37.93 3.44 -22.70
N LYS D 122 -38.87 3.85 -21.85
CA LYS D 122 -39.57 5.12 -22.07
C LYS D 122 -38.67 6.32 -21.76
N TYR D 123 -37.90 6.27 -20.68
CA TYR D 123 -37.15 7.43 -20.21
C TYR D 123 -35.64 7.34 -20.43
N GLY D 124 -35.12 6.20 -20.87
CA GLY D 124 -33.68 6.07 -21.00
C GLY D 124 -32.95 6.06 -19.66
N PHE D 125 -33.58 5.52 -18.62
CA PHE D 125 -32.92 5.38 -17.33
C PHE D 125 -31.70 4.47 -17.47
N LYS D 126 -30.68 4.76 -16.66
CA LYS D 126 -29.37 4.12 -16.81
C LYS D 126 -29.27 2.79 -16.06
N GLY D 127 -30.28 2.42 -15.30
CA GLY D 127 -30.23 1.22 -14.49
C GLY D 127 -31.21 1.35 -13.33
N ALA D 128 -30.98 0.54 -12.31
CA ALA D 128 -31.81 0.56 -11.12
C ALA D 128 -30.93 0.78 -9.89
N LEU D 129 -31.46 1.54 -8.93
CA LEU D 129 -30.83 1.70 -7.62
C LEU D 129 -31.88 1.36 -6.57
N VAL D 130 -31.57 0.36 -5.73
CA VAL D 130 -32.49 -0.17 -4.73
C VAL D 130 -31.81 -0.08 -3.38
N ASN D 131 -32.55 0.34 -2.35
CA ASN D 131 -31.99 0.53 -1.02
C ASN D 131 -32.13 -0.75 -0.21
N ASP D 132 -31.31 -1.73 -0.56
CA ASP D 132 -31.13 -3.01 0.17
C ASP D 132 -32.47 -3.75 0.20
N THR D 133 -32.80 -4.43 1.29
CA THR D 133 -33.98 -5.29 1.29
C THR D 133 -35.27 -4.46 1.33
N GLN D 134 -36.33 -5.05 0.81
CA GLN D 134 -37.64 -4.41 0.81
C GLN D 134 -38.36 -4.75 2.11
N ARG D 135 -38.77 -3.72 2.84
CA ARG D 135 -39.59 -3.95 4.02
C ARG D 135 -40.91 -4.59 3.60
N ALA D 136 -41.33 -5.61 4.35
CA ALA D 136 -42.54 -6.34 4.01
C ALA D 136 -43.18 -6.88 5.29
N GLY D 137 -44.32 -7.53 5.11
CA GLY D 137 -45.09 -8.06 6.22
C GLY D 137 -46.10 -7.06 6.74
N ALA D 138 -47.06 -7.58 7.50
CA ALA D 138 -48.18 -6.75 7.97
C ALA D 138 -47.68 -5.52 8.70
N ASP D 139 -46.64 -5.67 9.53
CA ASP D 139 -46.10 -4.57 10.33
C ASP D 139 -44.76 -4.10 9.84
N GLY D 140 -44.34 -4.52 8.64
CA GLY D 140 -43.05 -4.13 8.12
C GLY D 140 -41.85 -4.71 8.83
N ASP D 141 -42.01 -5.83 9.54
CA ASP D 141 -40.87 -6.45 10.21
C ASP D 141 -40.14 -7.48 9.36
N ASP D 142 -40.65 -7.82 8.18
CA ASP D 142 -39.97 -8.76 7.32
C ASP D 142 -39.03 -8.05 6.34
N MET D 143 -38.12 -8.83 5.75
CA MET D 143 -37.15 -8.33 4.78
C MET D 143 -37.20 -9.21 3.54
N ILE D 144 -37.26 -8.59 2.37
CA ILE D 144 -37.17 -9.32 1.11
C ILE D 144 -35.75 -9.18 0.59
N PHE D 145 -35.02 -10.29 0.56
CA PHE D 145 -33.74 -10.38 -0.14
C PHE D 145 -33.99 -10.82 -1.58
N TYR D 146 -33.06 -10.48 -2.47
CA TYR D 146 -33.26 -10.72 -3.89
C TYR D 146 -32.39 -11.86 -4.43
N ASP D 147 -31.91 -12.75 -3.57
CA ASP D 147 -31.02 -13.80 -4.00
C ASP D 147 -31.68 -15.16 -4.14
N GLY D 148 -33.00 -15.24 -3.94
CA GLY D 148 -33.74 -16.48 -4.10
C GLY D 148 -34.14 -16.74 -5.54
N PRO D 149 -34.49 -17.98 -5.85
CA PRO D 149 -34.85 -18.33 -7.24
C PRO D 149 -36.00 -17.50 -7.81
N GLU D 150 -36.95 -17.07 -6.98
CA GLU D 150 -38.09 -16.31 -7.48
C GLU D 150 -37.69 -14.98 -8.10
N TRP D 151 -36.44 -14.56 -7.93
CA TRP D 151 -35.99 -13.31 -8.50
C TRP D 151 -35.30 -13.49 -9.86
N ASP D 152 -35.22 -14.73 -10.35
CA ASP D 152 -34.61 -14.95 -11.66
C ASP D 152 -35.33 -14.15 -12.75
N VAL D 153 -36.66 -14.08 -12.67
CA VAL D 153 -37.40 -13.36 -13.70
C VAL D 153 -37.01 -11.88 -13.69
N PHE D 154 -36.69 -11.35 -12.51
CA PHE D 154 -36.26 -9.95 -12.44
C PHE D 154 -34.85 -9.80 -12.99
N TRP D 155 -33.92 -10.64 -12.53
CA TRP D 155 -32.55 -10.50 -12.99
C TRP D 155 -32.44 -10.74 -14.49
N SER D 156 -33.28 -11.61 -15.05
CA SER D 156 -33.28 -11.82 -16.49
C SER D 156 -33.69 -10.56 -17.23
N THR D 157 -34.60 -9.78 -16.64
CA THR D 157 -34.96 -8.50 -17.25
C THR D 157 -33.81 -7.50 -17.15
N VAL D 158 -33.13 -7.46 -16.00
CA VAL D 158 -31.98 -6.57 -15.84
C VAL D 158 -30.95 -6.85 -16.92
N THR D 159 -30.62 -8.12 -17.13
CA THR D 159 -29.59 -8.43 -18.11
C THR D 159 -30.10 -8.27 -19.53
N ASP D 160 -31.40 -8.53 -19.76
CA ASP D 160 -31.98 -8.24 -21.07
C ASP D 160 -31.82 -6.77 -21.41
N LEU D 161 -32.17 -5.89 -20.47
CA LEU D 161 -31.96 -4.46 -20.69
C LEU D 161 -30.47 -4.12 -20.68
N ASP D 162 -29.64 -4.98 -20.10
CA ASP D 162 -28.20 -4.76 -20.01
C ASP D 162 -27.89 -3.44 -19.29
N VAL D 163 -28.45 -3.27 -18.10
CA VAL D 163 -28.18 -2.10 -17.28
C VAL D 163 -27.73 -2.57 -15.90
N PRO D 164 -26.90 -1.80 -15.21
CA PRO D 164 -26.45 -2.21 -13.87
C PRO D 164 -27.53 -1.98 -12.82
N PHE D 165 -27.34 -2.65 -11.68
CA PHE D 165 -28.21 -2.56 -10.51
C PHE D 165 -27.35 -2.12 -9.32
N TYR D 166 -27.68 -0.97 -8.74
CA TYR D 166 -26.93 -0.39 -7.63
C TYR D 166 -27.58 -0.82 -6.32
N LEU D 167 -26.85 -1.60 -5.53
CA LEU D 167 -27.35 -2.12 -4.25
C LEU D 167 -26.92 -1.15 -3.16
N HIS D 168 -27.80 -0.21 -2.80
CA HIS D 168 -27.63 0.87 -1.84
C HIS D 168 -28.09 0.42 -0.46
N PRO D 169 -27.49 0.94 0.61
CA PRO D 169 -27.91 0.54 1.96
C PRO D 169 -29.24 1.17 2.34
N ARG D 170 -29.78 0.68 3.45
CA ARG D 170 -30.89 1.33 4.13
C ARG D 170 -30.71 1.12 5.63
N ASN D 171 -31.42 1.94 6.41
CA ASN D 171 -31.30 1.85 7.87
C ASN D 171 -31.92 0.55 8.37
N PRO D 172 -31.46 0.05 9.52
CA PRO D 172 -32.08 -1.13 10.12
C PRO D 172 -33.39 -0.77 10.80
N THR D 173 -34.36 -1.69 10.71
CA THR D 173 -35.71 -1.43 11.20
C THR D 173 -36.23 -2.61 12.00
N GLY D 174 -37.35 -2.37 12.68
CA GLY D 174 -38.11 -3.42 13.34
C GLY D 174 -37.33 -4.15 14.41
N SER D 175 -37.54 -5.46 14.47
CA SER D 175 -36.94 -6.25 15.55
C SER D 175 -35.42 -6.29 15.43
N ILE D 176 -34.89 -6.32 14.20
CA ILE D 176 -33.43 -6.31 14.04
C ILE D 176 -32.86 -5.03 14.64
N HIS D 177 -33.49 -3.90 14.33
CA HIS D 177 -33.05 -2.63 14.90
C HIS D 177 -33.05 -2.68 16.42
N GLU D 178 -34.13 -3.17 17.00
CA GLU D 178 -34.25 -3.20 18.46
C GLU D 178 -33.20 -4.08 19.11
N LYS D 179 -32.94 -5.25 18.52
CA LYS D 179 -32.06 -6.20 19.18
C LYS D 179 -30.59 -5.82 19.07
N LEU D 180 -30.18 -5.15 18.00
CA LEU D 180 -28.76 -4.91 17.73
C LEU D 180 -28.35 -3.45 17.72
N TRP D 181 -29.20 -2.54 17.27
CA TRP D 181 -28.77 -1.18 16.97
C TRP D 181 -29.35 -0.12 17.90
N ALA D 182 -30.52 -0.36 18.48
CA ALA D 182 -31.18 0.67 19.27
C ALA D 182 -30.30 1.15 20.43
N LYS D 183 -29.56 0.23 21.05
CA LYS D 183 -28.71 0.56 22.19
C LYS D 183 -27.32 1.05 21.77
N ARG D 184 -27.03 1.08 20.47
CA ARG D 184 -25.78 1.65 19.96
C ARG D 184 -26.12 2.39 18.65
N SER D 185 -27.06 3.33 18.76
CA SER D 185 -27.70 3.92 17.59
C SER D 185 -26.78 4.86 16.81
N TRP D 186 -25.70 5.34 17.43
CA TRP D 186 -24.79 6.19 16.66
C TRP D 186 -24.05 5.42 15.58
N LEU D 187 -24.14 4.08 15.60
CA LEU D 187 -23.55 3.25 14.57
C LEU D 187 -24.47 3.07 13.37
N ILE D 188 -25.67 3.59 13.45
CA ILE D 188 -26.62 3.41 12.32
C ILE D 188 -26.18 4.29 11.15
N GLY D 189 -26.17 3.73 9.95
CA GLY D 189 -25.80 4.45 8.74
C GLY D 189 -24.37 4.20 8.31
N PRO D 190 -23.67 5.22 7.79
CA PRO D 190 -22.30 5.11 7.33
C PRO D 190 -21.30 4.49 8.31
N PRO D 191 -21.44 4.79 9.54
CA PRO D 191 -20.46 4.21 10.48
C PRO D 191 -20.36 2.69 10.41
N LEU D 192 -21.48 1.97 10.31
CA LEU D 192 -21.41 0.51 10.35
C LEU D 192 -22.65 -0.17 9.75
N SER D 193 -23.84 0.23 10.19
CA SER D 193 -25.05 -0.52 9.81
C SER D 193 -25.18 -0.64 8.29
N PHE D 194 -25.00 0.43 7.53
CA PHE D 194 -25.16 0.42 6.06
C PHE D 194 -24.31 -0.69 5.44
N ALA D 195 -23.01 -0.73 5.75
CA ALA D 195 -22.11 -1.71 5.13
C ALA D 195 -22.53 -3.15 5.49
N GLN D 196 -22.93 -3.36 6.72
CA GLN D 196 -23.28 -4.74 7.13
C GLN D 196 -24.49 -5.21 6.34
N GLY D 197 -25.42 -4.31 6.07
CA GLY D 197 -26.58 -4.72 5.30
C GLY D 197 -26.23 -5.07 3.88
N VAL D 198 -25.52 -4.17 3.18
CA VAL D 198 -25.23 -4.38 1.77
C VAL D 198 -24.33 -5.59 1.56
N SER D 199 -23.29 -5.74 2.39
CA SER D 199 -22.35 -6.84 2.22
C SER D 199 -23.03 -8.18 2.45
N LEU D 200 -23.90 -8.28 3.46
CA LEU D 200 -24.67 -9.50 3.65
C LEU D 200 -25.49 -9.82 2.40
N HIS D 201 -26.17 -8.82 1.85
CA HIS D 201 -27.01 -9.03 0.68
C HIS D 201 -26.18 -9.39 -0.54
N ALA D 202 -25.11 -8.63 -0.80
CA ALA D 202 -24.27 -8.88 -1.96
C ALA D 202 -23.65 -10.27 -1.91
N LEU D 203 -23.10 -10.64 -0.75
CA LEU D 203 -22.51 -11.97 -0.63
C LEU D 203 -23.57 -13.07 -0.64
N GLY D 204 -24.82 -12.75 -0.29
CA GLY D 204 -25.90 -13.69 -0.52
C GLY D 204 -26.12 -13.96 -2.00
N MET D 205 -26.11 -12.89 -2.81
CA MET D 205 -26.21 -13.08 -4.25
C MET D 205 -25.06 -13.93 -4.77
N VAL D 206 -23.85 -13.73 -4.24
CA VAL D 206 -22.70 -14.53 -4.66
C VAL D 206 -22.92 -16.00 -4.32
N THR D 207 -23.10 -16.29 -3.03
CA THR D 207 -23.13 -17.67 -2.57
C THR D 207 -24.42 -18.39 -2.95
N ASN D 208 -25.51 -17.67 -3.19
CA ASN D 208 -26.75 -18.27 -3.64
C ASN D 208 -26.90 -18.30 -5.16
N GLY D 209 -25.81 -18.01 -5.89
CA GLY D 209 -25.71 -18.30 -7.30
C GLY D 209 -26.37 -17.33 -8.27
N VAL D 210 -26.73 -16.13 -7.82
CA VAL D 210 -27.35 -15.17 -8.74
C VAL D 210 -26.46 -14.90 -9.93
N PHE D 211 -25.15 -14.75 -9.70
CA PHE D 211 -24.24 -14.45 -10.80
C PHE D 211 -23.92 -15.67 -11.63
N ASP D 212 -24.20 -16.88 -11.13
CA ASP D 212 -24.08 -18.05 -11.98
C ASP D 212 -25.26 -18.17 -12.93
N ARG D 213 -26.46 -17.89 -12.42
CA ARG D 213 -27.68 -17.93 -13.23
C ARG D 213 -27.73 -16.71 -14.15
N HIS D 214 -27.13 -15.60 -13.73
CA HIS D 214 -27.16 -14.35 -14.52
C HIS D 214 -25.73 -13.84 -14.71
N PRO D 215 -24.89 -14.53 -15.49
CA PRO D 215 -23.49 -14.14 -15.64
C PRO D 215 -23.21 -12.72 -16.16
N LYS D 216 -24.13 -12.14 -16.92
CA LYS D 216 -23.98 -10.77 -17.46
C LYS D 216 -24.37 -9.71 -16.42
N LEU D 217 -24.94 -10.11 -15.30
CA LEU D 217 -25.43 -9.16 -14.27
C LEU D 217 -24.32 -8.30 -13.69
N GLN D 218 -24.55 -7.00 -13.69
CA GLN D 218 -23.62 -6.03 -13.13
C GLN D 218 -24.25 -5.40 -11.88
N ILE D 219 -23.64 -5.62 -10.72
CA ILE D 219 -24.08 -5.04 -9.45
C ILE D 219 -23.03 -4.05 -8.96
N VAL D 220 -23.48 -2.86 -8.57
CA VAL D 220 -22.60 -1.80 -8.10
C VAL D 220 -22.78 -1.61 -6.60
N LEU D 221 -21.66 -1.52 -5.88
CA LEU D 221 -21.67 -1.28 -4.45
C LEU D 221 -20.93 0.02 -4.17
N GLY D 222 -21.50 0.84 -3.30
CA GLY D 222 -20.87 2.08 -2.92
C GLY D 222 -19.84 1.88 -1.84
N HIS D 223 -19.21 2.99 -1.45
CA HIS D 223 -18.37 3.02 -0.25
C HIS D 223 -17.24 1.99 -0.34
N LEU D 224 -16.62 1.94 -1.52
CA LEU D 224 -15.46 1.08 -1.79
C LEU D 224 -15.75 -0.40 -1.46
N GLY D 225 -17.01 -0.80 -1.57
CA GLY D 225 -17.37 -2.20 -1.49
C GLY D 225 -17.90 -2.69 -0.15
N GLU D 226 -18.29 -1.79 0.74
CA GLU D 226 -18.99 -2.15 1.99
C GLU D 226 -18.24 -3.24 2.77
N HIS D 227 -16.96 -2.97 3.07
CA HIS D 227 -16.11 -3.86 3.85
C HIS D 227 -15.48 -5.02 3.08
N ILE D 228 -16.14 -5.51 2.04
CA ILE D 228 -15.75 -6.81 1.45
C ILE D 228 -14.29 -6.83 1.02
N PRO D 229 -13.75 -5.84 0.31
CA PRO D 229 -12.36 -5.93 -0.14
C PRO D 229 -11.37 -6.12 0.99
N PHE D 230 -11.66 -5.59 2.18
CA PHE D 230 -10.78 -5.81 3.32
C PHE D 230 -10.57 -7.30 3.60
N ASP D 231 -11.62 -8.09 3.41
CA ASP D 231 -11.60 -9.52 3.68
C ASP D 231 -11.49 -10.36 2.41
N MET D 232 -11.09 -9.77 1.29
CA MET D 232 -11.03 -10.54 0.05
C MET D 232 -10.16 -11.78 0.22
N TRP D 233 -8.99 -11.63 0.85
CA TRP D 233 -8.14 -12.79 1.10
C TRP D 233 -8.85 -13.79 2.00
N ARG D 234 -9.49 -13.29 3.07
CA ARG D 234 -10.10 -14.14 4.07
C ARG D 234 -11.32 -14.86 3.49
N ILE D 235 -12.20 -14.13 2.81
CA ILE D 235 -13.36 -14.76 2.18
C ILE D 235 -12.91 -15.80 1.16
N ASN D 236 -11.95 -15.44 0.32
CA ASN D 236 -11.48 -16.37 -0.71
C ASN D 236 -10.92 -17.63 -0.06
N HIS D 237 -10.08 -17.46 0.97
CA HIS D 237 -9.51 -18.60 1.66
C HIS D 237 -10.60 -19.53 2.19
N TRP D 238 -11.59 -18.97 2.91
CA TRP D 238 -12.59 -19.84 3.53
C TRP D 238 -13.58 -20.41 2.52
N PHE D 239 -13.90 -19.68 1.46
CA PHE D 239 -14.75 -20.24 0.40
C PHE D 239 -14.04 -21.39 -0.30
N GLU D 240 -12.80 -21.15 -0.76
CA GLU D 240 -12.13 -22.13 -1.60
C GLU D 240 -11.61 -23.33 -0.81
N ASP D 241 -11.11 -23.10 0.40
CA ASP D 241 -10.44 -24.17 1.13
C ASP D 241 -11.34 -24.90 2.11
N ILE D 242 -12.49 -24.34 2.49
CA ILE D 242 -13.31 -24.99 3.51
C ILE D 242 -14.78 -25.09 3.10
N LYS D 243 -15.42 -23.94 2.85
CA LYS D 243 -16.87 -23.96 2.61
C LYS D 243 -17.21 -24.70 1.33
N LYS D 244 -16.47 -24.46 0.25
CA LYS D 244 -16.76 -25.18 -0.99
C LYS D 244 -16.57 -26.68 -0.83
N PRO D 245 -15.48 -27.18 -0.24
CA PRO D 245 -15.41 -28.61 0.05
C PRO D 245 -16.59 -29.12 0.86
N LEU D 246 -17.19 -28.27 1.69
CA LEU D 246 -18.27 -28.68 2.56
C LEU D 246 -19.65 -28.59 1.91
N GLY D 247 -19.76 -27.93 0.75
CA GLY D 247 -21.03 -27.87 0.06
C GLY D 247 -21.34 -26.58 -0.69
N LEU D 248 -20.66 -25.48 -0.36
CA LEU D 248 -20.87 -24.23 -1.10
C LEU D 248 -20.66 -24.48 -2.59
N SER D 249 -21.64 -24.08 -3.40
CA SER D 249 -21.67 -24.51 -4.80
C SER D 249 -21.65 -23.37 -5.82
N CYS D 250 -21.49 -22.11 -5.40
CA CYS D 250 -21.18 -21.06 -6.37
C CYS D 250 -20.03 -21.52 -7.27
N LYS D 251 -20.18 -21.27 -8.58
CA LYS D 251 -19.23 -21.77 -9.58
C LYS D 251 -17.88 -21.07 -9.56
N LEU D 252 -17.83 -19.77 -9.25
CA LEU D 252 -16.61 -18.99 -9.38
C LEU D 252 -16.05 -18.64 -8.00
N THR D 253 -14.82 -18.10 -8.00
CA THR D 253 -14.23 -17.58 -6.77
C THR D 253 -14.75 -16.17 -6.52
N ILE D 254 -14.56 -15.70 -5.28
CA ILE D 254 -15.01 -14.35 -4.97
C ILE D 254 -14.27 -13.35 -5.84
N ARG D 255 -13.01 -13.63 -6.18
CA ARG D 255 -12.25 -12.71 -7.02
C ARG D 255 -12.79 -12.70 -8.45
N GLU D 256 -13.25 -13.83 -8.95
CA GLU D 256 -13.82 -13.86 -10.29
C GLU D 256 -15.12 -13.07 -10.36
N TYR D 257 -15.96 -13.16 -9.33
CA TYR D 257 -17.18 -12.35 -9.32
C TYR D 257 -16.86 -10.87 -9.26
N PHE D 258 -15.82 -10.49 -8.54
CA PHE D 258 -15.43 -9.08 -8.51
C PHE D 258 -14.80 -8.63 -9.81
N ALA D 259 -14.35 -9.55 -10.66
CA ALA D 259 -13.84 -9.16 -11.96
C ALA D 259 -14.92 -9.11 -13.03
N ARG D 260 -16.02 -9.83 -12.84
CA ARG D 260 -17.03 -9.98 -13.89
C ARG D 260 -18.37 -9.35 -13.58
N ASN D 261 -18.77 -9.29 -12.31
CA ASN D 261 -20.13 -8.90 -11.96
C ASN D 261 -20.21 -7.71 -11.02
N LEU D 262 -19.22 -7.50 -10.17
CA LEU D 262 -19.31 -6.50 -9.13
C LEU D 262 -18.49 -5.26 -9.44
N TRP D 263 -18.99 -4.13 -9.00
CA TRP D 263 -18.32 -2.84 -9.08
C TRP D 263 -18.36 -2.20 -7.70
N ILE D 264 -17.39 -1.35 -7.43
CA ILE D 264 -17.41 -0.51 -6.23
C ILE D 264 -17.21 0.94 -6.65
N THR D 265 -17.79 1.85 -5.87
CA THR D 265 -17.62 3.28 -6.08
C THR D 265 -16.94 3.90 -4.86
N THR D 266 -16.46 5.13 -5.04
CA THR D 266 -15.81 5.86 -3.96
C THR D 266 -16.80 6.70 -3.14
N SER D 267 -18.10 6.47 -3.29
CA SER D 267 -19.09 7.25 -2.57
C SER D 267 -18.78 7.27 -1.08
N GLY D 268 -18.77 8.48 -0.50
CA GLY D 268 -18.61 8.66 0.93
C GLY D 268 -17.41 7.97 1.53
N HIS D 269 -16.38 7.76 0.73
CA HIS D 269 -15.19 7.04 1.18
C HIS D 269 -13.98 7.66 0.46
N PHE D 270 -13.68 8.91 0.80
CA PHE D 270 -12.65 9.68 0.12
C PHE D 270 -11.29 9.43 0.80
N SER D 271 -10.91 8.17 0.78
CA SER D 271 -9.74 7.67 1.48
C SER D 271 -8.71 7.22 0.46
N THR D 272 -7.62 8.00 0.33
CA THR D 272 -6.52 7.59 -0.52
C THR D 272 -5.96 6.25 -0.08
N SER D 273 -5.84 6.06 1.24
CA SER D 273 -5.42 4.79 1.81
C SER D 273 -6.29 3.63 1.29
N THR D 274 -7.60 3.71 1.47
CA THR D 274 -8.46 2.58 1.13
C THR D 274 -8.53 2.40 -0.38
N LEU D 275 -8.47 3.50 -1.12
CA LEU D 275 -8.43 3.37 -2.57
C LEU D 275 -7.16 2.60 -3.01
N GLN D 276 -5.98 2.92 -2.49
CA GLN D 276 -4.83 2.13 -2.96
C GLN D 276 -5.01 0.66 -2.69
N PHE D 277 -5.45 0.32 -1.49
CA PHE D 277 -5.68 -1.05 -1.16
C PHE D 277 -6.63 -1.70 -2.16
N CYS D 278 -7.68 -0.99 -2.59
CA CYS D 278 -8.63 -1.55 -3.54
C CYS D 278 -8.06 -1.60 -4.96
N LEU D 279 -7.02 -0.82 -5.27
CA LEU D 279 -6.36 -1.02 -6.55
C LEU D 279 -5.76 -2.41 -6.66
N GLY D 280 -5.32 -2.97 -5.53
CA GLY D 280 -4.82 -4.32 -5.54
C GLY D 280 -5.93 -5.35 -5.44
N GLU D 281 -6.83 -5.18 -4.47
CA GLU D 281 -7.82 -6.21 -4.20
C GLU D 281 -8.93 -6.27 -5.24
N VAL D 282 -9.26 -5.14 -5.86
CA VAL D 282 -10.38 -5.07 -6.80
C VAL D 282 -9.92 -4.63 -8.19
N GLY D 283 -9.04 -3.64 -8.28
CA GLY D 283 -8.52 -3.22 -9.57
C GLY D 283 -9.20 -1.99 -10.13
N ALA D 284 -8.41 -1.11 -10.75
CA ALA D 284 -8.96 0.15 -11.25
C ALA D 284 -10.02 -0.06 -12.33
N ASP D 285 -10.03 -1.21 -12.99
CA ASP D 285 -11.04 -1.45 -14.02
C ASP D 285 -12.45 -1.56 -13.46
N ARG D 286 -12.59 -1.81 -12.15
CA ARG D 286 -13.89 -2.07 -11.53
C ARG D 286 -14.23 -1.05 -10.45
N ILE D 287 -13.61 0.12 -10.48
CA ILE D 287 -13.84 1.15 -9.47
C ILE D 287 -14.38 2.40 -10.15
N LEU D 288 -15.40 2.99 -9.55
CA LEU D 288 -16.08 4.16 -10.11
C LEU D 288 -16.09 5.31 -9.11
N PHE D 289 -15.85 6.52 -9.60
CA PHE D 289 -16.04 7.70 -8.78
C PHE D 289 -17.52 7.87 -8.46
N SER D 290 -17.81 8.35 -7.25
CA SER D 290 -19.15 8.74 -6.84
C SER D 290 -19.01 9.56 -5.57
N ILE D 291 -20.08 10.25 -5.19
CA ILE D 291 -20.03 11.27 -4.15
C ILE D 291 -20.89 10.91 -2.93
N ASP D 292 -22.14 10.50 -3.17
CA ASP D 292 -23.14 10.35 -2.10
C ASP D 292 -23.68 11.73 -1.71
N TYR D 293 -23.88 12.59 -2.70
CA TYR D 293 -24.48 13.90 -2.47
C TYR D 293 -25.98 13.73 -2.22
N PRO D 294 -26.56 14.57 -1.35
CA PRO D 294 -25.98 15.67 -0.58
C PRO D 294 -25.48 15.29 0.83
N PHE D 295 -25.54 13.99 1.16
CA PHE D 295 -25.00 13.54 2.44
C PHE D 295 -23.52 13.84 2.55
N GLU D 296 -22.79 13.70 1.44
CA GLU D 296 -21.44 14.24 1.29
C GLU D 296 -21.54 15.45 0.37
N ASN D 297 -20.60 16.37 0.50
CA ASN D 297 -20.58 17.54 -0.37
C ASN D 297 -19.55 17.38 -1.49
N PHE D 298 -19.80 18.09 -2.58
CA PHE D 298 -18.92 18.02 -3.75
C PHE D 298 -17.48 18.36 -3.38
N SER D 299 -17.29 19.40 -2.58
CA SER D 299 -15.95 19.88 -2.29
C SER D 299 -15.12 18.80 -1.64
N ASP D 300 -15.69 18.09 -0.66
CA ASP D 300 -14.98 16.97 -0.03
C ASP D 300 -14.60 15.93 -1.07
N ALA D 301 -15.58 15.47 -1.85
CA ALA D 301 -15.35 14.37 -2.78
C ALA D 301 -14.39 14.76 -3.90
N CYS D 302 -14.58 15.94 -4.47
CA CYS D 302 -13.83 16.31 -5.68
C CYS D 302 -12.50 16.97 -5.37
N THR D 303 -12.40 17.68 -4.25
CA THR D 303 -11.08 18.12 -3.80
C THR D 303 -10.18 16.91 -3.59
N TRP D 304 -10.71 15.86 -2.97
CA TRP D 304 -9.94 14.65 -2.75
C TRP D 304 -9.53 14.00 -4.07
N TYR D 305 -10.52 13.71 -4.92
CA TYR D 305 -10.22 12.97 -6.14
C TYR D 305 -9.30 13.76 -7.06
N ASP D 306 -9.60 15.03 -7.28
CA ASP D 306 -8.77 15.83 -8.19
C ASP D 306 -7.32 15.87 -7.73
N GLY D 307 -7.10 15.84 -6.42
CA GLY D 307 -5.75 15.84 -5.87
C GLY D 307 -5.06 14.49 -5.80
N LEU D 308 -5.74 13.42 -6.22
CA LEU D 308 -5.14 12.09 -6.13
C LEU D 308 -3.88 12.01 -6.98
N ALA D 309 -2.78 11.60 -6.36
CA ALA D 309 -1.50 11.46 -7.05
C ALA D 309 -1.27 10.00 -7.43
N ILE D 310 -2.01 9.55 -8.45
CA ILE D 310 -1.92 8.20 -8.98
C ILE D 310 -1.76 8.29 -10.49
N ASN D 311 -1.47 7.13 -11.09
CA ASN D 311 -1.17 7.08 -12.52
C ASN D 311 -2.35 7.62 -13.34
N ASP D 312 -2.01 8.22 -14.49
CA ASP D 312 -3.02 8.95 -15.25
C ASP D 312 -4.09 8.00 -15.81
N VAL D 313 -3.69 6.79 -16.20
CA VAL D 313 -4.66 5.85 -16.78
C VAL D 313 -5.77 5.56 -15.79
N ASP D 314 -5.41 5.11 -14.58
CA ASP D 314 -6.43 4.71 -13.63
C ASP D 314 -7.23 5.90 -13.13
N LYS D 315 -6.61 7.06 -13.04
CA LYS D 315 -7.35 8.25 -12.58
C LYS D 315 -8.47 8.55 -13.58
N ARG D 316 -8.17 8.37 -14.86
CA ARG D 316 -9.16 8.63 -15.92
C ARG D 316 -10.23 7.54 -15.92
N LYS D 317 -9.86 6.28 -15.79
CA LYS D 317 -10.85 5.19 -15.77
C LYS D 317 -11.81 5.36 -14.58
N ILE D 318 -11.28 5.50 -13.37
CA ILE D 318 -12.14 5.61 -12.17
C ILE D 318 -12.96 6.91 -12.21
N GLY D 319 -12.30 8.01 -12.74
CA GLY D 319 -12.96 9.30 -12.76
C GLY D 319 -14.16 9.37 -13.68
N LYS D 320 -14.08 8.74 -14.86
CA LYS D 320 -15.17 8.88 -15.81
C LYS D 320 -15.25 7.78 -16.86
N ASP D 321 -14.11 7.31 -17.38
CA ASP D 321 -14.12 6.40 -18.52
C ASP D 321 -14.79 5.07 -18.19
N ASN D 322 -14.63 4.53 -16.95
CA ASN D 322 -15.28 3.26 -16.56
C ASN D 322 -16.79 3.44 -16.65
N ALA D 323 -17.29 4.52 -16.08
CA ALA D 323 -18.74 4.80 -16.08
C ALA D 323 -19.22 5.00 -17.51
N LYS D 324 -18.46 5.72 -18.32
CA LYS D 324 -18.85 5.97 -19.73
C LYS D 324 -19.11 4.62 -20.39
N LYS D 325 -18.22 3.67 -20.19
CA LYS D 325 -18.39 2.36 -20.82
C LYS D 325 -19.53 1.60 -20.18
N LEU D 326 -19.55 1.53 -18.86
CA LEU D 326 -20.56 0.70 -18.15
C LEU D 326 -21.98 1.19 -18.44
N PHE D 327 -22.17 2.51 -18.40
CA PHE D 327 -23.51 3.11 -18.56
C PHE D 327 -23.77 3.54 -20.01
N LYS D 328 -22.87 3.21 -20.93
CA LYS D 328 -23.02 3.53 -22.37
C LYS D 328 -23.34 5.00 -22.49
N LEU D 329 -22.59 5.84 -21.81
CA LEU D 329 -22.89 7.25 -21.90
C LEU D 329 -22.34 7.83 -23.19
N PRO D 330 -23.10 8.67 -23.88
CA PRO D 330 -22.53 9.42 -25.00
C PRO D 330 -21.65 10.55 -24.46
N GLN D 331 -20.91 11.20 -25.34
CA GLN D 331 -20.46 12.53 -24.97
C GLN D 331 -21.46 13.24 -24.09
N PHE D 332 -21.04 13.58 -22.89
CA PHE D 332 -21.89 14.43 -22.10
C PHE D 332 -21.21 15.79 -21.91
#